data_1BM8
# 
_entry.id   1BM8 
# 
_audit_conform.dict_name       mmcif_pdbx.dic 
_audit_conform.dict_version    5.385 
_audit_conform.dict_location   http://mmcif.pdb.org/dictionaries/ascii/mmcif_pdbx.dic 
# 
loop_
_database_2.database_id 
_database_2.database_code 
_database_2.pdbx_database_accession 
_database_2.pdbx_DOI 
PDB   1BM8         pdb_00001bm8 10.2210/pdb1bm8/pdb 
WWPDB D_1000171905 ?            ?                   
# 
loop_
_pdbx_audit_revision_history.ordinal 
_pdbx_audit_revision_history.data_content_type 
_pdbx_audit_revision_history.major_revision 
_pdbx_audit_revision_history.minor_revision 
_pdbx_audit_revision_history.revision_date 
1 'Structure model' 1 0 1999-03-02 
2 'Structure model' 1 1 2008-03-24 
3 'Structure model' 1 2 2011-07-13 
4 'Structure model' 1 3 2024-02-07 
# 
_pdbx_audit_revision_details.ordinal             1 
_pdbx_audit_revision_details.revision_ordinal    1 
_pdbx_audit_revision_details.data_content_type   'Structure model' 
_pdbx_audit_revision_details.provider            repository 
_pdbx_audit_revision_details.type                'Initial release' 
_pdbx_audit_revision_details.description         ? 
_pdbx_audit_revision_details.details             ? 
# 
loop_
_pdbx_audit_revision_group.ordinal 
_pdbx_audit_revision_group.revision_ordinal 
_pdbx_audit_revision_group.data_content_type 
_pdbx_audit_revision_group.group 
1 2 'Structure model' 'Version format compliance' 
2 3 'Structure model' 'Version format compliance' 
3 4 'Structure model' 'Data collection'           
4 4 'Structure model' 'Database references'       
# 
loop_
_pdbx_audit_revision_category.ordinal 
_pdbx_audit_revision_category.revision_ordinal 
_pdbx_audit_revision_category.data_content_type 
_pdbx_audit_revision_category.category 
1 4 'Structure model' chem_comp_atom 
2 4 'Structure model' chem_comp_bond 
3 4 'Structure model' database_2     
# 
loop_
_pdbx_audit_revision_item.ordinal 
_pdbx_audit_revision_item.revision_ordinal 
_pdbx_audit_revision_item.data_content_type 
_pdbx_audit_revision_item.item 
1 4 'Structure model' '_database_2.pdbx_DOI'                
2 4 'Structure model' '_database_2.pdbx_database_accession' 
# 
_pdbx_database_status.status_code                     REL 
_pdbx_database_status.entry_id                        1BM8 
_pdbx_database_status.recvd_initial_deposition_date   1998-07-29 
_pdbx_database_status.deposit_site                    ? 
_pdbx_database_status.process_site                    BNL 
_pdbx_database_status.SG_entry                        . 
_pdbx_database_status.pdb_format_compatible           Y 
_pdbx_database_status.status_code_mr                  ? 
_pdbx_database_status.status_code_sf                  ? 
_pdbx_database_status.status_code_cs                  ? 
_pdbx_database_status.status_code_nmr_data            ? 
_pdbx_database_status.methods_development_category    ? 
# 
loop_
_audit_author.name 
_audit_author.pdbx_ordinal 
'Xu, R.-M.'    1 
'Koch, C.'     2 
'Liu, Y.'      3 
'Horton, J.R.' 4 
'Knapp, D.'    5 
'Nasmyth, K.'  6 
'Cheng, X.'    7 
# 
_citation.id                        primary 
_citation.title                     
'Crystal structure of the DNA-binding domain of Mbp1, a transcription factor important in cell-cycle control of DNA synthesis.' 
_citation.journal_abbrev            Structure 
_citation.journal_volume            5 
_citation.page_first                349 
_citation.page_last                 358 
_citation.year                      1997 
_citation.journal_id_ASTM           STRUE6 
_citation.country                   UK 
_citation.journal_id_ISSN           0969-2126 
_citation.journal_id_CSD            2005 
_citation.book_publisher            ? 
_citation.pdbx_database_id_PubMed   9083114 
_citation.pdbx_database_id_DOI      '10.1016/S0969-2126(97)00192-5' 
# 
loop_
_citation_author.citation_id 
_citation_author.name 
_citation_author.ordinal 
_citation_author.identifier_ORCID 
primary 'Xu, R.M.'     1 ? 
primary 'Koch, C.'     2 ? 
primary 'Liu, Y.'      3 ? 
primary 'Horton, J.R.' 4 ? 
primary 'Knapp, D.'    5 ? 
primary 'Nasmyth, K.'  6 ? 
primary 'Cheng, X.'    7 ? 
# 
loop_
_entity.id 
_entity.type 
_entity.src_method 
_entity.pdbx_description 
_entity.formula_weight 
_entity.pdbx_number_of_molecules 
_entity.pdbx_ec 
_entity.pdbx_mutation 
_entity.pdbx_fragment 
_entity.details 
1 polymer man 'TRANSCRIPTION FACTOR MBP1' 11487.209 1  ? ? 'N-TERMINAL DNA-BINDING DOMAIN' ? 
2 water   nat water                       18.015    83 ? ? ?                               ? 
# 
_entity_name_com.entity_id   1 
_entity_name_com.name        'MCB (MLUI CELL-CYLE BOX) BINDING PROTEIN' 
# 
_entity_poly.entity_id                      1 
_entity_poly.type                           'polypeptide(L)' 
_entity_poly.nstd_linkage                   no 
_entity_poly.nstd_monomer                   no 
_entity_poly.pdbx_seq_one_letter_code       
;QIYSARYSGVDVYEFIHSTGSIMKRKKDDWVNATHILKAANFAKAKRTRILEKEVLKETHEKVQGGFGKYQGTWVPLNIA
KQLAEKFSVYDQLKPLFDF
;
_entity_poly.pdbx_seq_one_letter_code_can   
;QIYSARYSGVDVYEFIHSTGSIMKRKKDDWVNATHILKAANFAKAKRTRILEKEVLKETHEKVQGGFGKYQGTWVPLNIA
KQLAEKFSVYDQLKPLFDF
;
_entity_poly.pdbx_strand_id                 A 
_entity_poly.pdbx_target_identifier         ? 
# 
_pdbx_entity_nonpoly.entity_id   2 
_pdbx_entity_nonpoly.name        water 
_pdbx_entity_nonpoly.comp_id     HOH 
# 
loop_
_entity_poly_seq.entity_id 
_entity_poly_seq.num 
_entity_poly_seq.mon_id 
_entity_poly_seq.hetero 
1 1  GLN n 
1 2  ILE n 
1 3  TYR n 
1 4  SER n 
1 5  ALA n 
1 6  ARG n 
1 7  TYR n 
1 8  SER n 
1 9  GLY n 
1 10 VAL n 
1 11 ASP n 
1 12 VAL n 
1 13 TYR n 
1 14 GLU n 
1 15 PHE n 
1 16 ILE n 
1 17 HIS n 
1 18 SER n 
1 19 THR n 
1 20 GLY n 
1 21 SER n 
1 22 ILE n 
1 23 MET n 
1 24 LYS n 
1 25 ARG n 
1 26 LYS n 
1 27 LYS n 
1 28 ASP n 
1 29 ASP n 
1 30 TRP n 
1 31 VAL n 
1 32 ASN n 
1 33 ALA n 
1 34 THR n 
1 35 HIS n 
1 36 ILE n 
1 37 LEU n 
1 38 LYS n 
1 39 ALA n 
1 40 ALA n 
1 41 ASN n 
1 42 PHE n 
1 43 ALA n 
1 44 LYS n 
1 45 ALA n 
1 46 LYS n 
1 47 ARG n 
1 48 THR n 
1 49 ARG n 
1 50 ILE n 
1 51 LEU n 
1 52 GLU n 
1 53 LYS n 
1 54 GLU n 
1 55 VAL n 
1 56 LEU n 
1 57 LYS n 
1 58 GLU n 
1 59 THR n 
1 60 HIS n 
1 61 GLU n 
1 62 LYS n 
1 63 VAL n 
1 64 GLN n 
1 65 GLY n 
1 66 GLY n 
1 67 PHE n 
1 68 GLY n 
1 69 LYS n 
1 70 TYR n 
1 71 GLN n 
1 72 GLY n 
1 73 THR n 
1 74 TRP n 
1 75 VAL n 
1 76 PRO n 
1 77 LEU n 
1 78 ASN n 
1 79 ILE n 
1 80 ALA n 
1 81 LYS n 
1 82 GLN n 
1 83 LEU n 
1 84 ALA n 
1 85 GLU n 
1 86 LYS n 
1 87 PHE n 
1 88 SER n 
1 89 VAL n 
1 90 TYR n 
1 91 ASP n 
1 92 GLN n 
1 93 LEU n 
1 94 LYS n 
1 95 PRO n 
1 96 LEU n 
1 97 PHE n 
1 98 ASP n 
1 99 PHE n 
# 
_entity_src_gen.entity_id                          1 
_entity_src_gen.pdbx_src_id                        1 
_entity_src_gen.pdbx_alt_source_flag               sample 
_entity_src_gen.pdbx_seq_type                      ? 
_entity_src_gen.pdbx_beg_seq_num                   ? 
_entity_src_gen.pdbx_end_seq_num                   ? 
_entity_src_gen.gene_src_common_name               
;baker's yeast
;
_entity_src_gen.gene_src_genus                     Saccharomyces 
_entity_src_gen.pdbx_gene_src_gene                 ? 
_entity_src_gen.gene_src_species                   ? 
_entity_src_gen.gene_src_strain                    ? 
_entity_src_gen.gene_src_tissue                    ? 
_entity_src_gen.gene_src_tissue_fraction           ? 
_entity_src_gen.gene_src_details                   ? 
_entity_src_gen.pdbx_gene_src_fragment             ? 
_entity_src_gen.pdbx_gene_src_scientific_name      'Saccharomyces cerevisiae' 
_entity_src_gen.pdbx_gene_src_ncbi_taxonomy_id     4932 
_entity_src_gen.pdbx_gene_src_variant              ? 
_entity_src_gen.pdbx_gene_src_cell_line            BL21 
_entity_src_gen.pdbx_gene_src_atcc                 ? 
_entity_src_gen.pdbx_gene_src_organ                ? 
_entity_src_gen.pdbx_gene_src_organelle            ? 
_entity_src_gen.pdbx_gene_src_cell                 ? 
_entity_src_gen.pdbx_gene_src_cellular_location    ? 
_entity_src_gen.host_org_common_name               ? 
_entity_src_gen.pdbx_host_org_scientific_name      'Escherichia coli' 
_entity_src_gen.pdbx_host_org_ncbi_taxonomy_id     562 
_entity_src_gen.host_org_genus                     Escherichia 
_entity_src_gen.pdbx_host_org_gene                 ? 
_entity_src_gen.pdbx_host_org_organ                ? 
_entity_src_gen.host_org_species                   ? 
_entity_src_gen.pdbx_host_org_tissue               ? 
_entity_src_gen.pdbx_host_org_tissue_fraction      ? 
_entity_src_gen.pdbx_host_org_strain               'BL21 (DE3) PLYSS' 
_entity_src_gen.pdbx_host_org_variant              ? 
_entity_src_gen.pdbx_host_org_cell_line            ? 
_entity_src_gen.pdbx_host_org_atcc                 ? 
_entity_src_gen.pdbx_host_org_culture_collection   ? 
_entity_src_gen.pdbx_host_org_cell                 ? 
_entity_src_gen.pdbx_host_org_organelle            ? 
_entity_src_gen.pdbx_host_org_cellular_location    ? 
_entity_src_gen.pdbx_host_org_vector_type          ? 
_entity_src_gen.pdbx_host_org_vector               ? 
_entity_src_gen.host_org_details                   ? 
_entity_src_gen.expression_system_id               ? 
_entity_src_gen.plasmid_name                       'BL21 (DE3) PLYSS/PET43' 
_entity_src_gen.plasmid_details                    ? 
_entity_src_gen.pdbx_description                   ? 
# 
loop_
_chem_comp.id 
_chem_comp.type 
_chem_comp.mon_nstd_flag 
_chem_comp.name 
_chem_comp.pdbx_synonyms 
_chem_comp.formula 
_chem_comp.formula_weight 
ALA 'L-peptide linking' y ALANINE         ? 'C3 H7 N O2'     89.093  
ARG 'L-peptide linking' y ARGININE        ? 'C6 H15 N4 O2 1' 175.209 
ASN 'L-peptide linking' y ASPARAGINE      ? 'C4 H8 N2 O3'    132.118 
ASP 'L-peptide linking' y 'ASPARTIC ACID' ? 'C4 H7 N O4'     133.103 
GLN 'L-peptide linking' y GLUTAMINE       ? 'C5 H10 N2 O3'   146.144 
GLU 'L-peptide linking' y 'GLUTAMIC ACID' ? 'C5 H9 N O4'     147.129 
GLY 'peptide linking'   y GLYCINE         ? 'C2 H5 N O2'     75.067  
HIS 'L-peptide linking' y HISTIDINE       ? 'C6 H10 N3 O2 1' 156.162 
HOH non-polymer         . WATER           ? 'H2 O'           18.015  
ILE 'L-peptide linking' y ISOLEUCINE      ? 'C6 H13 N O2'    131.173 
LEU 'L-peptide linking' y LEUCINE         ? 'C6 H13 N O2'    131.173 
LYS 'L-peptide linking' y LYSINE          ? 'C6 H15 N2 O2 1' 147.195 
MET 'L-peptide linking' y METHIONINE      ? 'C5 H11 N O2 S'  149.211 
PHE 'L-peptide linking' y PHENYLALANINE   ? 'C9 H11 N O2'    165.189 
PRO 'L-peptide linking' y PROLINE         ? 'C5 H9 N O2'     115.130 
SER 'L-peptide linking' y SERINE          ? 'C3 H7 N O3'     105.093 
THR 'L-peptide linking' y THREONINE       ? 'C4 H9 N O3'     119.119 
TRP 'L-peptide linking' y TRYPTOPHAN      ? 'C11 H12 N2 O2'  204.225 
TYR 'L-peptide linking' y TYROSINE        ? 'C9 H11 N O3'    181.189 
VAL 'L-peptide linking' y VALINE          ? 'C5 H11 N O2'    117.146 
# 
loop_
_pdbx_poly_seq_scheme.asym_id 
_pdbx_poly_seq_scheme.entity_id 
_pdbx_poly_seq_scheme.seq_id 
_pdbx_poly_seq_scheme.mon_id 
_pdbx_poly_seq_scheme.ndb_seq_num 
_pdbx_poly_seq_scheme.pdb_seq_num 
_pdbx_poly_seq_scheme.auth_seq_num 
_pdbx_poly_seq_scheme.pdb_mon_id 
_pdbx_poly_seq_scheme.auth_mon_id 
_pdbx_poly_seq_scheme.pdb_strand_id 
_pdbx_poly_seq_scheme.pdb_ins_code 
_pdbx_poly_seq_scheme.hetero 
A 1 1  GLN 1  4   4   GLN GLN A . n 
A 1 2  ILE 2  5   5   ILE ILE A . n 
A 1 3  TYR 3  6   6   TYR TYR A . n 
A 1 4  SER 4  7   7   SER SER A . n 
A 1 5  ALA 5  8   8   ALA ALA A . n 
A 1 6  ARG 6  9   9   ARG ARG A . n 
A 1 7  TYR 7  10  10  TYR TYR A . n 
A 1 8  SER 8  11  11  SER SER A . n 
A 1 9  GLY 9  12  12  GLY GLY A . n 
A 1 10 VAL 10 13  13  VAL VAL A . n 
A 1 11 ASP 11 14  14  ASP ASP A . n 
A 1 12 VAL 12 15  15  VAL VAL A . n 
A 1 13 TYR 13 16  16  TYR TYR A . n 
A 1 14 GLU 14 17  17  GLU GLU A . n 
A 1 15 PHE 15 18  18  PHE PHE A . n 
A 1 16 ILE 16 19  19  ILE ILE A . n 
A 1 17 HIS 17 20  20  HIS HIS A . n 
A 1 18 SER 18 21  21  SER SER A . n 
A 1 19 THR 19 22  22  THR THR A . n 
A 1 20 GLY 20 23  23  GLY GLY A . n 
A 1 21 SER 21 24  24  SER SER A . n 
A 1 22 ILE 22 25  25  ILE ILE A . n 
A 1 23 MET 23 26  26  MET MET A . n 
A 1 24 LYS 24 27  27  LYS LYS A . n 
A 1 25 ARG 25 28  28  ARG ARG A . n 
A 1 26 LYS 26 29  29  LYS LYS A . n 
A 1 27 LYS 27 30  30  LYS LYS A . n 
A 1 28 ASP 28 31  31  ASP ASP A . n 
A 1 29 ASP 29 32  32  ASP ASP A . n 
A 1 30 TRP 30 33  33  TRP TRP A . n 
A 1 31 VAL 31 34  34  VAL VAL A . n 
A 1 32 ASN 32 35  35  ASN ASN A . n 
A 1 33 ALA 33 36  36  ALA ALA A . n 
A 1 34 THR 34 37  37  THR THR A . n 
A 1 35 HIS 35 38  38  HIS HIS A . n 
A 1 36 ILE 36 39  39  ILE ILE A . n 
A 1 37 LEU 37 40  40  LEU LEU A . n 
A 1 38 LYS 38 41  41  LYS LYS A . n 
A 1 39 ALA 39 42  42  ALA ALA A . n 
A 1 40 ALA 40 43  43  ALA ALA A . n 
A 1 41 ASN 41 44  44  ASN ASN A . n 
A 1 42 PHE 42 45  45  PHE PHE A . n 
A 1 43 ALA 43 46  46  ALA ALA A . n 
A 1 44 LYS 44 47  47  LYS LYS A . n 
A 1 45 ALA 45 48  48  ALA ALA A . n 
A 1 46 LYS 46 49  49  LYS LYS A . n 
A 1 47 ARG 47 50  50  ARG ARG A . n 
A 1 48 THR 48 51  51  THR THR A . n 
A 1 49 ARG 49 52  52  ARG ARG A . n 
A 1 50 ILE 50 53  53  ILE ILE A . n 
A 1 51 LEU 51 54  54  LEU LEU A . n 
A 1 52 GLU 52 55  55  GLU GLU A . n 
A 1 53 LYS 53 56  56  LYS LYS A . n 
A 1 54 GLU 54 57  57  GLU GLU A . n 
A 1 55 VAL 55 58  58  VAL VAL A . n 
A 1 56 LEU 56 59  59  LEU LEU A . n 
A 1 57 LYS 57 60  60  LYS LYS A . n 
A 1 58 GLU 58 61  61  GLU GLU A . n 
A 1 59 THR 59 62  62  THR THR A . n 
A 1 60 HIS 60 63  63  HIS HIS A . n 
A 1 61 GLU 61 64  64  GLU GLU A . n 
A 1 62 LYS 62 65  65  LYS LYS A . n 
A 1 63 VAL 63 66  66  VAL VAL A . n 
A 1 64 GLN 64 67  67  GLN GLN A . n 
A 1 65 GLY 65 68  68  GLY GLY A . n 
A 1 66 GLY 66 69  69  GLY GLY A . n 
A 1 67 PHE 67 70  70  PHE PHE A . n 
A 1 68 GLY 68 71  71  GLY GLY A . n 
A 1 69 LYS 69 72  72  LYS LYS A . n 
A 1 70 TYR 70 73  73  TYR TYR A . n 
A 1 71 GLN 71 74  74  GLN GLN A . n 
A 1 72 GLY 72 75  75  GLY GLY A . n 
A 1 73 THR 73 76  76  THR THR A . n 
A 1 74 TRP 74 77  77  TRP TRP A . n 
A 1 75 VAL 75 78  78  VAL VAL A . n 
A 1 76 PRO 76 79  79  PRO PRO A . n 
A 1 77 LEU 77 80  80  LEU LEU A . n 
A 1 78 ASN 78 81  81  ASN ASN A . n 
A 1 79 ILE 79 82  82  ILE ILE A . n 
A 1 80 ALA 80 83  83  ALA ALA A . n 
A 1 81 LYS 81 84  84  LYS LYS A . n 
A 1 82 GLN 82 85  85  GLN GLN A . n 
A 1 83 LEU 83 86  86  LEU LEU A . n 
A 1 84 ALA 84 87  87  ALA ALA A . n 
A 1 85 GLU 85 88  88  GLU GLU A . n 
A 1 86 LYS 86 89  89  LYS LYS A . n 
A 1 87 PHE 87 90  90  PHE PHE A . n 
A 1 88 SER 88 91  91  SER SER A . n 
A 1 89 VAL 89 92  92  VAL VAL A . n 
A 1 90 TYR 90 93  93  TYR TYR A . n 
A 1 91 ASP 91 94  94  ASP ASP A . n 
A 1 92 GLN 92 95  95  GLN GLN A . n 
A 1 93 LEU 93 96  96  LEU LEU A . n 
A 1 94 LYS 94 97  97  LYS LYS A . n 
A 1 95 PRO 95 98  98  PRO PRO A . n 
A 1 96 LEU 96 99  99  LEU LEU A . n 
A 1 97 PHE 97 100 100 PHE PHE A . n 
A 1 98 ASP 98 101 101 ASP ASP A . n 
A 1 99 PHE 99 102 102 PHE PHE A . n 
# 
loop_
_pdbx_nonpoly_scheme.asym_id 
_pdbx_nonpoly_scheme.entity_id 
_pdbx_nonpoly_scheme.mon_id 
_pdbx_nonpoly_scheme.ndb_seq_num 
_pdbx_nonpoly_scheme.pdb_seq_num 
_pdbx_nonpoly_scheme.auth_seq_num 
_pdbx_nonpoly_scheme.pdb_mon_id 
_pdbx_nonpoly_scheme.auth_mon_id 
_pdbx_nonpoly_scheme.pdb_strand_id 
_pdbx_nonpoly_scheme.pdb_ins_code 
B 2 HOH 1  401 401 HOH HOH A . 
B 2 HOH 2  402 402 HOH HOH A . 
B 2 HOH 3  403 403 HOH HOH A . 
B 2 HOH 4  404 404 HOH HOH A . 
B 2 HOH 5  405 405 HOH HOH A . 
B 2 HOH 6  406 406 HOH HOH A . 
B 2 HOH 7  407 407 HOH HOH A . 
B 2 HOH 8  408 408 HOH HOH A . 
B 2 HOH 9  409 409 HOH HOH A . 
B 2 HOH 10 410 410 HOH HOH A . 
B 2 HOH 11 411 411 HOH HOH A . 
B 2 HOH 12 412 412 HOH HOH A . 
B 2 HOH 13 413 413 HOH HOH A . 
B 2 HOH 14 414 414 HOH HOH A . 
B 2 HOH 15 415 415 HOH HOH A . 
B 2 HOH 16 416 416 HOH HOH A . 
B 2 HOH 17 417 417 HOH HOH A . 
B 2 HOH 18 418 418 HOH HOH A . 
B 2 HOH 19 419 419 HOH HOH A . 
B 2 HOH 20 420 420 HOH HOH A . 
B 2 HOH 21 421 421 HOH HOH A . 
B 2 HOH 22 422 422 HOH HOH A . 
B 2 HOH 23 423 423 HOH HOH A . 
B 2 HOH 24 424 424 HOH HOH A . 
B 2 HOH 25 425 425 HOH HOH A . 
B 2 HOH 26 426 426 HOH HOH A . 
B 2 HOH 27 427 427 HOH HOH A . 
B 2 HOH 28 428 428 HOH HOH A . 
B 2 HOH 29 429 429 HOH HOH A . 
B 2 HOH 30 430 430 HOH HOH A . 
B 2 HOH 31 431 431 HOH HOH A . 
B 2 HOH 32 432 432 HOH HOH A . 
B 2 HOH 33 433 433 HOH HOH A . 
B 2 HOH 34 434 434 HOH HOH A . 
B 2 HOH 35 435 435 HOH HOH A . 
B 2 HOH 36 436 436 HOH HOH A . 
B 2 HOH 37 437 437 HOH HOH A . 
B 2 HOH 38 438 438 HOH HOH A . 
B 2 HOH 39 439 439 HOH HOH A . 
B 2 HOH 40 440 440 HOH HOH A . 
B 2 HOH 41 441 441 HOH HOH A . 
B 2 HOH 42 442 442 HOH HOH A . 
B 2 HOH 43 444 444 HOH HOH A . 
B 2 HOH 44 446 446 HOH HOH A . 
B 2 HOH 45 447 447 HOH HOH A . 
B 2 HOH 46 449 449 HOH HOH A . 
B 2 HOH 47 450 450 HOH HOH A . 
B 2 HOH 48 451 451 HOH HOH A . 
B 2 HOH 49 452 452 HOH HOH A . 
B 2 HOH 50 454 454 HOH HOH A . 
B 2 HOH 51 456 456 HOH HOH A . 
B 2 HOH 52 457 457 HOH HOH A . 
B 2 HOH 53 458 458 HOH HOH A . 
B 2 HOH 54 459 459 HOH HOH A . 
B 2 HOH 55 460 460 HOH HOH A . 
B 2 HOH 56 461 461 HOH HOH A . 
B 2 HOH 57 462 462 HOH HOH A . 
B 2 HOH 58 463 463 HOH HOH A . 
B 2 HOH 59 464 464 HOH HOH A . 
B 2 HOH 60 465 465 HOH HOH A . 
B 2 HOH 61 466 466 HOH HOH A . 
B 2 HOH 62 467 467 HOH HOH A . 
B 2 HOH 63 468 468 HOH HOH A . 
B 2 HOH 64 469 469 HOH HOH A . 
B 2 HOH 65 470 470 HOH HOH A . 
B 2 HOH 66 471 471 HOH HOH A . 
B 2 HOH 67 472 472 HOH HOH A . 
B 2 HOH 68 473 473 HOH HOH A . 
B 2 HOH 69 474 474 HOH HOH A . 
B 2 HOH 70 475 475 HOH HOH A . 
B 2 HOH 71 476 476 HOH HOH A . 
B 2 HOH 72 477 477 HOH HOH A . 
B 2 HOH 73 478 478 HOH HOH A . 
B 2 HOH 74 479 479 HOH HOH A . 
B 2 HOH 75 480 480 HOH HOH A . 
B 2 HOH 76 481 481 HOH HOH A . 
B 2 HOH 77 482 482 HOH HOH A . 
B 2 HOH 78 484 484 HOH HOH A . 
B 2 HOH 79 485 485 HOH HOH A . 
B 2 HOH 80 486 486 HOH HOH A . 
B 2 HOH 81 487 487 HOH HOH A . 
B 2 HOH 82 488 488 HOH HOH A . 
B 2 HOH 83 489 489 HOH HOH A . 
# 
loop_
_software.name 
_software.classification 
_software.version 
_software.citation_id 
_software.pdbx_ordinal 
PHASES    phasing          .     ? 1 
X-PLOR    refinement       3.851 ? 2 
DENZO     'data reduction' .     ? 3 
SCALEPACK 'data scaling'   .     ? 4 
# 
_cell.entry_id           1BM8 
_cell.length_a           43.350 
_cell.length_b           43.350 
_cell.length_c           124.220 
_cell.angle_alpha        90.00 
_cell.angle_beta         90.00 
_cell.angle_gamma        90.00 
_cell.Z_PDB              8 
_cell.pdbx_unique_axis   ? 
# 
_symmetry.entry_id                         1BM8 
_symmetry.space_group_name_H-M             'P 41 21 2' 
_symmetry.pdbx_full_space_group_name_H-M   ? 
_symmetry.cell_setting                     ? 
_symmetry.Int_Tables_number                92 
# 
_exptl.entry_id          1BM8 
_exptl.method            'X-RAY DIFFRACTION' 
_exptl.crystals_number   3 
# 
_exptl_crystal.id                    1 
_exptl_crystal.density_meas          ? 
_exptl_crystal.density_Matthews      1.85 
_exptl_crystal.density_percent_sol   34 
_exptl_crystal.description           ? 
# 
_exptl_crystal_grow.crystal_id      1 
_exptl_crystal_grow.method          ? 
_exptl_crystal_grow.temp            ? 
_exptl_crystal_grow.temp_details    ? 
_exptl_crystal_grow.pH              8.0 
_exptl_crystal_grow.pdbx_pH_range   ? 
_exptl_crystal_grow.pdbx_details    'pH 8.0' 
# 
_diffrn.id                     1 
_diffrn.ambient_temp           289 
_diffrn.ambient_temp_details   ? 
_diffrn.crystal_id             1 
# 
_diffrn_detector.diffrn_id              1 
_diffrn_detector.detector               'IMAGE PLATE' 
_diffrn_detector.type                   'RIGAKU RAXIS IIC' 
_diffrn_detector.pdbx_collection_date   1996-06 
_diffrn_detector.details                MIRRORS 
# 
_diffrn_radiation.diffrn_id                        1 
_diffrn_radiation.wavelength_id                    1 
_diffrn_radiation.pdbx_monochromatic_or_laue_m_l   M 
_diffrn_radiation.monochromator                    'NI FILTER' 
_diffrn_radiation.pdbx_diffrn_protocol             ? 
_diffrn_radiation.pdbx_scattering_type             x-ray 
# 
loop_
_diffrn_radiation_wavelength.id 
_diffrn_radiation_wavelength.wavelength 
_diffrn_radiation_wavelength.wt 
1 0.96 1.0 
2 1.54 1.0 
# 
_diffrn_source.diffrn_id                   1 
_diffrn_source.source                      SYNCHROTRON 
_diffrn_source.type                        'NSLS BEAMLINE X12C' 
_diffrn_source.pdbx_synchrotron_site       NSLS 
_diffrn_source.pdbx_synchrotron_beamline   X12C 
_diffrn_source.pdbx_wavelength             0.96 
_diffrn_source.pdbx_wavelength_list        '0.96, 1.54' 
# 
_reflns.entry_id                     1BM8 
_reflns.observed_criterion_sigma_I   -3.0 
_reflns.observed_criterion_sigma_F   ? 
_reflns.d_resolution_low             30. 
_reflns.d_resolution_high            1.7 
_reflns.number_obs                   12811 
_reflns.number_all                   ? 
_reflns.percent_possible_obs         93.6 
_reflns.pdbx_Rmerge_I_obs            0.0520000 
_reflns.pdbx_Rsym_value              ? 
_reflns.pdbx_netI_over_sigmaI        11.4 
_reflns.B_iso_Wilson_estimate        ? 
_reflns.pdbx_redundancy              5.3 
_reflns.pdbx_diffrn_id               1 
_reflns.pdbx_ordinal                 1 
# 
_reflns_shell.d_res_high             1.71 
_reflns_shell.d_res_low              1.78 
_reflns_shell.percent_possible_all   34 
_reflns_shell.Rmerge_I_obs           ? 
_reflns_shell.pdbx_Rsym_value        ? 
_reflns_shell.meanI_over_sigI_obs    ? 
_reflns_shell.pdbx_redundancy        ? 
_reflns_shell.pdbx_diffrn_id         ? 
_reflns_shell.pdbx_ordinal           1 
# 
_refine.entry_id                                 1BM8 
_refine.ls_number_reflns_obs                     10273 
_refine.ls_number_reflns_all                     ? 
_refine.pdbx_ls_sigma_I                          ? 
_refine.pdbx_ls_sigma_F                          0 
_refine.pdbx_data_cutoff_high_absF               ? 
_refine.pdbx_data_cutoff_low_absF                ? 
_refine.pdbx_data_cutoff_high_rms_absF           ? 
_refine.ls_d_res_low                             5.0 
_refine.ls_d_res_high                            1.71 
_refine.ls_percent_reflns_obs                    93.6 
_refine.ls_R_factor_obs                          0.1970000 
_refine.ls_R_factor_all                          ? 
_refine.ls_R_factor_R_work                       0.1970000 
_refine.ls_R_factor_R_free                       0.2610000 
_refine.ls_R_factor_R_free_error                 ? 
_refine.ls_R_factor_R_free_error_details         ? 
_refine.ls_percent_reflns_R_free                 10 
_refine.ls_number_reflns_R_free                  ? 
_refine.ls_number_parameters                     ? 
_refine.ls_number_restraints                     ? 
_refine.occupancy_min                            ? 
_refine.occupancy_max                            ? 
_refine.B_iso_mean                               36.0 
_refine.aniso_B[1][1]                            ? 
_refine.aniso_B[2][2]                            ? 
_refine.aniso_B[3][3]                            ? 
_refine.aniso_B[1][2]                            ? 
_refine.aniso_B[1][3]                            ? 
_refine.aniso_B[2][3]                            ? 
_refine.solvent_model_details                    ? 
_refine.solvent_model_param_ksol                 ? 
_refine.solvent_model_param_bsol                 ? 
_refine.pdbx_ls_cross_valid_method               ? 
_refine.details                                  
'ISOTROPIC THERMAL FACTOR RESTRAINTS: 36. (A**2) FOR MAIN-CHAIN BONDS AND 40.3 (A**2) FOR SIDE-CHAIN BONDS.' 
_refine.pdbx_starting_model                      ? 
_refine.pdbx_method_to_determine_struct          ? 
_refine.pdbx_isotropic_thermal_model             RESTRAINED 
_refine.pdbx_stereochemistry_target_values       ? 
_refine.pdbx_stereochem_target_val_spec_case     ? 
_refine.pdbx_R_Free_selection_details            RANDOM 
_refine.pdbx_overall_ESU_R                       ? 
_refine.pdbx_overall_ESU_R_Free                  ? 
_refine.overall_SU_ML                            ? 
_refine.overall_SU_B                             ? 
_refine.pdbx_refine_id                           'X-RAY DIFFRACTION' 
_refine.pdbx_diffrn_id                           1 
_refine.pdbx_TLS_residual_ADP_flag               ? 
_refine.correlation_coeff_Fo_to_Fc               ? 
_refine.correlation_coeff_Fo_to_Fc_free          ? 
_refine.pdbx_solvent_vdw_probe_radii             ? 
_refine.pdbx_solvent_ion_probe_radii             ? 
_refine.pdbx_solvent_shrinkage_radii             ? 
_refine.pdbx_overall_phase_error                 ? 
_refine.overall_SU_R_Cruickshank_DPI             ? 
_refine.pdbx_overall_SU_R_free_Cruickshank_DPI   ? 
_refine.pdbx_overall_SU_R_Blow_DPI               ? 
_refine.pdbx_overall_SU_R_free_Blow_DPI          ? 
# 
_refine_analyze.entry_id                        1BM8 
_refine_analyze.Luzzati_coordinate_error_obs    ? 
_refine_analyze.Luzzati_sigma_a_obs             ? 
_refine_analyze.Luzzati_d_res_low_obs           5.0 
_refine_analyze.Luzzati_coordinate_error_free   ? 
_refine_analyze.Luzzati_sigma_a_free            ? 
_refine_analyze.Luzzati_d_res_low_free          ? 
_refine_analyze.number_disordered_residues      ? 
_refine_analyze.occupancy_sum_hydrogen          ? 
_refine_analyze.occupancy_sum_non_hydrogen      ? 
_refine_analyze.pdbx_refine_id                  'X-RAY DIFFRACTION' 
# 
_refine_hist.pdbx_refine_id                   'X-RAY DIFFRACTION' 
_refine_hist.cycle_id                         LAST 
_refine_hist.pdbx_number_atoms_protein        812 
_refine_hist.pdbx_number_atoms_nucleic_acid   0 
_refine_hist.pdbx_number_atoms_ligand         0 
_refine_hist.number_atoms_solvent             66 
_refine_hist.number_atoms_total               878 
_refine_hist.d_res_high                       1.71 
_refine_hist.d_res_low                        5.0 
# 
loop_
_refine_ls_restr.type 
_refine_ls_restr.dev_ideal 
_refine_ls_restr.dev_ideal_target 
_refine_ls_restr.weight 
_refine_ls_restr.number 
_refine_ls_restr.pdbx_refine_id 
_refine_ls_restr.pdbx_restraint_function 
x_bond_d                0.009 ? ? ? 'X-RAY DIFFRACTION' ? 
x_bond_d_na             ?     ? ? ? 'X-RAY DIFFRACTION' ? 
x_bond_d_prot           ?     ? ? ? 'X-RAY DIFFRACTION' ? 
x_angle_d               ?     ? ? ? 'X-RAY DIFFRACTION' ? 
x_angle_d_na            ?     ? ? ? 'X-RAY DIFFRACTION' ? 
x_angle_d_prot          ?     ? ? ? 'X-RAY DIFFRACTION' ? 
x_angle_deg             1.11  ? ? ? 'X-RAY DIFFRACTION' ? 
x_angle_deg_na          ?     ? ? ? 'X-RAY DIFFRACTION' ? 
x_angle_deg_prot        ?     ? ? ? 'X-RAY DIFFRACTION' ? 
x_dihedral_angle_d      23.3  ? ? ? 'X-RAY DIFFRACTION' ? 
x_dihedral_angle_d_na   ?     ? ? ? 'X-RAY DIFFRACTION' ? 
x_dihedral_angle_d_prot ?     ? ? ? 'X-RAY DIFFRACTION' ? 
x_improper_angle_d      0.98  ? ? ? 'X-RAY DIFFRACTION' ? 
x_improper_angle_d_na   ?     ? ? ? 'X-RAY DIFFRACTION' ? 
x_improper_angle_d_prot ?     ? ? ? 'X-RAY DIFFRACTION' ? 
x_mcbond_it             ?     ? ? ? 'X-RAY DIFFRACTION' ? 
x_mcangle_it            ?     ? ? ? 'X-RAY DIFFRACTION' ? 
x_scbond_it             ?     ? ? ? 'X-RAY DIFFRACTION' ? 
x_scangle_it            ?     ? ? ? 'X-RAY DIFFRACTION' ? 
# 
_refine_ls_shell.pdbx_total_number_of_bins_used   8 
_refine_ls_shell.d_res_high                       1.71 
_refine_ls_shell.d_res_low                        1.78 
_refine_ls_shell.number_reflns_R_work             535 
_refine_ls_shell.R_factor_R_work                  0.4020000 
_refine_ls_shell.percent_reflns_obs               34.1 
_refine_ls_shell.R_factor_R_free                  0.3350000 
_refine_ls_shell.R_factor_R_free_error            ? 
_refine_ls_shell.percent_reflns_R_free            10 
_refine_ls_shell.number_reflns_R_free             ? 
_refine_ls_shell.pdbx_refine_id                   'X-RAY DIFFRACTION' 
_refine_ls_shell.number_reflns_all                ? 
_refine_ls_shell.R_factor_all                     ? 
# 
loop_
_pdbx_xplor_file.serial_no 
_pdbx_xplor_file.param_file 
_pdbx_xplor_file.topol_file 
_pdbx_xplor_file.pdbx_refine_id 
1 PARHCSDX.PRO TOPHCSDX.PRO 'X-RAY DIFFRACTION' 
2 ?            ?            'X-RAY DIFFRACTION' 
# 
_struct.entry_id                  1BM8 
_struct.title                     'DNA-BINDING DOMAIN OF MBP1' 
_struct.pdbx_model_details        ? 
_struct.pdbx_CASP_flag            ? 
_struct.pdbx_model_type_details   ? 
# 
_struct_keywords.entry_id        1BM8 
_struct_keywords.pdbx_keywords   'CELL CYCLE' 
_struct_keywords.text            
;CELL CYCLE, CYCLINS, DNA SYNTHESIS, HELIX-TURN-HELIX DNA-BINDING DOMAIN, MULTIWAVELENGTH ANOMALOUS DIFFRACTION, TRANSCRIPTION FACTOR
;
# 
loop_
_struct_asym.id 
_struct_asym.pdbx_blank_PDB_chainid_flag 
_struct_asym.pdbx_modified 
_struct_asym.entity_id 
_struct_asym.details 
A N N 1 ? 
B N N 2 ? 
# 
_struct_ref.id                         1 
_struct_ref.db_name                    UNP 
_struct_ref.db_code                    MBP1_YEAST 
_struct_ref.entity_id                  1 
_struct_ref.pdbx_db_accession          P39678 
_struct_ref.pdbx_align_begin           1 
_struct_ref.pdbx_seq_one_letter_code   
;MSNQIYSARYSGVDVYEFIHSTGSIMKRKKDDWVNATHILKAANFAKAKRTRILEKEVLKETHEKVQGGFGKYQGTWVPL
NIAKQLAEKFSVYDQLKPLFDFTQTDGSASPPPAPKHHHASKVDRKKAIRSASTSAIMETKRNNKKAEENQFQSSKILGN
PTAAPRKRGRPVGSTRGSRRKLGVNLQRSQSDMGFPRPAIPNSSISTTQLPSIRSTMGPQSPTLGILEEERHDSRQQQPQ
QNNSAQFKEIDLEDGLSSDVEPSQQLQQVFNQNTGFVPQQQSSLIQTQQTESMATSVSSSPSLPTSPGDFADSNPFEERF
PGGGTSPIISMIPRYPVTSRPQTSDINDKVNKYLSKLVDYFISNEMKSNKSLPQVLLHPPPHSAPYIDAPIDPELHTAFH
WACSMGNLPIAEALYEAGTSIRSTNSQGQTPLMRSSLFHNSYTRRTFPRIFQLLHETVFDIDSQSQTVIHHIVKRKSTTP
SAVYYLDVVLSKIKDFSPQYRIELLLNTQDKNGDTALHIASKNGDVVFFNTLVKMGALTTISNKEGLTANEIMNQQYEQM
MIQNGTNQHVNSSNTDLNIHVNTNNIETKNDVNSMVIMSPVSPSDYITYPSQIATNISRNIPNVVNSMKQMASIYNDLHE
QHDNEIKSLQKTLKSISKTKIQVSLKTLEVLKESSKDENGEAQTNDDFEILSRLQEQNTKKLRKRLIRYKRLIKQKLEYR
QTVLLNKLIEDETQATTNNTVEKDNNTLERLELAQELTMLQLQRKNKLSSLVKKFEDNAKIHKYRRIIREGTEMNIEEVD
SSLDVILQTLIANNNKNKGAEQIITISNANSHA
;
_struct_ref.pdbx_db_isoform            ? 
# 
_struct_ref_seq.align_id                      1 
_struct_ref_seq.ref_id                        1 
_struct_ref_seq.pdbx_PDB_id_code              1BM8 
_struct_ref_seq.pdbx_strand_id                A 
_struct_ref_seq.seq_align_beg                 1 
_struct_ref_seq.pdbx_seq_align_beg_ins_code   ? 
_struct_ref_seq.seq_align_end                 99 
_struct_ref_seq.pdbx_seq_align_end_ins_code   ? 
_struct_ref_seq.pdbx_db_accession             P39678 
_struct_ref_seq.db_align_beg                  4 
_struct_ref_seq.pdbx_db_align_beg_ins_code    ? 
_struct_ref_seq.db_align_end                  102 
_struct_ref_seq.pdbx_db_align_end_ins_code    ? 
_struct_ref_seq.pdbx_auth_seq_align_beg       4 
_struct_ref_seq.pdbx_auth_seq_align_end       102 
# 
_pdbx_struct_assembly.id                   1 
_pdbx_struct_assembly.details              author_defined_assembly 
_pdbx_struct_assembly.method_details       ? 
_pdbx_struct_assembly.oligomeric_details   monomeric 
_pdbx_struct_assembly.oligomeric_count     1 
# 
_pdbx_struct_assembly_gen.assembly_id       1 
_pdbx_struct_assembly_gen.oper_expression   1 
_pdbx_struct_assembly_gen.asym_id_list      A,B 
# 
_pdbx_struct_oper_list.id                   1 
_pdbx_struct_oper_list.type                 'identity operation' 
_pdbx_struct_oper_list.name                 1_555 
_pdbx_struct_oper_list.symmetry_operation   x,y,z 
_pdbx_struct_oper_list.matrix[1][1]         1.0000000000 
_pdbx_struct_oper_list.matrix[1][2]         0.0000000000 
_pdbx_struct_oper_list.matrix[1][3]         0.0000000000 
_pdbx_struct_oper_list.vector[1]            0.0000000000 
_pdbx_struct_oper_list.matrix[2][1]         0.0000000000 
_pdbx_struct_oper_list.matrix[2][2]         1.0000000000 
_pdbx_struct_oper_list.matrix[2][3]         0.0000000000 
_pdbx_struct_oper_list.vector[2]            0.0000000000 
_pdbx_struct_oper_list.matrix[3][1]         0.0000000000 
_pdbx_struct_oper_list.matrix[3][2]         0.0000000000 
_pdbx_struct_oper_list.matrix[3][3]         1.0000000000 
_pdbx_struct_oper_list.vector[3]            0.0000000000 
# 
_struct_biol.id   1 
# 
loop_
_struct_conf.conf_type_id 
_struct_conf.id 
_struct_conf.pdbx_PDB_helix_id 
_struct_conf.beg_label_comp_id 
_struct_conf.beg_label_asym_id 
_struct_conf.beg_label_seq_id 
_struct_conf.pdbx_beg_PDB_ins_code 
_struct_conf.end_label_comp_id 
_struct_conf.end_label_asym_id 
_struct_conf.end_label_seq_id 
_struct_conf.pdbx_end_PDB_ins_code 
_struct_conf.beg_auth_comp_id 
_struct_conf.beg_auth_asym_id 
_struct_conf.beg_auth_seq_id 
_struct_conf.end_auth_comp_id 
_struct_conf.end_auth_asym_id 
_struct_conf.end_auth_seq_id 
_struct_conf.pdbx_PDB_helix_class 
_struct_conf.details 
_struct_conf.pdbx_PDB_helix_length 
HELX_P HELX_P1 1 ALA A 33 ? ALA A 39 ? ALA A 36 ALA A 42  1 ? 7  
HELX_P HELX_P2 2 LYS A 44 ? GLU A 54 ? LYS A 47 GLU A 57  1 ? 11 
HELX_P HELX_P3 3 LEU A 77 ? LYS A 86 ? LEU A 80 LYS A 89  1 ? 10 
HELX_P HELX_P4 4 TYR A 90 ? PHE A 97 ? TYR A 93 PHE A 100 1 ? 8  
# 
_struct_conf_type.id          HELX_P 
_struct_conf_type.criteria    ? 
_struct_conf_type.reference   ? 
# 
loop_
_struct_sheet.id 
_struct_sheet.type 
_struct_sheet.number_strands 
_struct_sheet.details 
A ? 3 ? 
B ? 2 ? 
# 
loop_
_struct_sheet_order.sheet_id 
_struct_sheet_order.range_id_1 
_struct_sheet_order.range_id_2 
_struct_sheet_order.offset 
_struct_sheet_order.sense 
A 1 2 ? anti-parallel 
A 2 3 ? anti-parallel 
B 1 2 ? anti-parallel 
# 
loop_
_struct_sheet_range.sheet_id 
_struct_sheet_range.id 
_struct_sheet_range.beg_label_comp_id 
_struct_sheet_range.beg_label_asym_id 
_struct_sheet_range.beg_label_seq_id 
_struct_sheet_range.pdbx_beg_PDB_ins_code 
_struct_sheet_range.end_label_comp_id 
_struct_sheet_range.end_label_asym_id 
_struct_sheet_range.end_label_seq_id 
_struct_sheet_range.pdbx_end_PDB_ins_code 
_struct_sheet_range.beg_auth_comp_id 
_struct_sheet_range.beg_auth_asym_id 
_struct_sheet_range.beg_auth_seq_id 
_struct_sheet_range.end_auth_comp_id 
_struct_sheet_range.end_auth_asym_id 
_struct_sheet_range.end_auth_seq_id 
A 1 ILE A 2  ? TYR A 7  ? ILE A 5  TYR A 10 
A 2 VAL A 10 ? ILE A 16 ? VAL A 13 ILE A 19 
A 3 SER A 21 ? ARG A 25 ? SER A 24 ARG A 28 
B 1 GLU A 61 ? VAL A 63 ? GLU A 64 VAL A 66 
B 2 GLY A 72 ? TRP A 74 ? GLY A 75 TRP A 77 
# 
loop_
_pdbx_struct_sheet_hbond.sheet_id 
_pdbx_struct_sheet_hbond.range_id_1 
_pdbx_struct_sheet_hbond.range_id_2 
_pdbx_struct_sheet_hbond.range_1_label_atom_id 
_pdbx_struct_sheet_hbond.range_1_label_comp_id 
_pdbx_struct_sheet_hbond.range_1_label_asym_id 
_pdbx_struct_sheet_hbond.range_1_label_seq_id 
_pdbx_struct_sheet_hbond.range_1_PDB_ins_code 
_pdbx_struct_sheet_hbond.range_1_auth_atom_id 
_pdbx_struct_sheet_hbond.range_1_auth_comp_id 
_pdbx_struct_sheet_hbond.range_1_auth_asym_id 
_pdbx_struct_sheet_hbond.range_1_auth_seq_id 
_pdbx_struct_sheet_hbond.range_2_label_atom_id 
_pdbx_struct_sheet_hbond.range_2_label_comp_id 
_pdbx_struct_sheet_hbond.range_2_label_asym_id 
_pdbx_struct_sheet_hbond.range_2_label_seq_id 
_pdbx_struct_sheet_hbond.range_2_PDB_ins_code 
_pdbx_struct_sheet_hbond.range_2_auth_atom_id 
_pdbx_struct_sheet_hbond.range_2_auth_comp_id 
_pdbx_struct_sheet_hbond.range_2_auth_asym_id 
_pdbx_struct_sheet_hbond.range_2_auth_seq_id 
A 1 2 O TYR A 3  ? O TYR A 6  N GLU A 14 ? N GLU A 17 
A 2 3 O TYR A 13 ? O TYR A 16 N LYS A 24 ? N LYS A 27 
B 1 2 O GLU A 61 ? O GLU A 64 N TRP A 74 ? N TRP A 77 
# 
loop_
_pdbx_validate_close_contact.id 
_pdbx_validate_close_contact.PDB_model_num 
_pdbx_validate_close_contact.auth_atom_id_1 
_pdbx_validate_close_contact.auth_asym_id_1 
_pdbx_validate_close_contact.auth_comp_id_1 
_pdbx_validate_close_contact.auth_seq_id_1 
_pdbx_validate_close_contact.PDB_ins_code_1 
_pdbx_validate_close_contact.label_alt_id_1 
_pdbx_validate_close_contact.auth_atom_id_2 
_pdbx_validate_close_contact.auth_asym_id_2 
_pdbx_validate_close_contact.auth_comp_id_2 
_pdbx_validate_close_contact.auth_seq_id_2 
_pdbx_validate_close_contact.PDB_ins_code_2 
_pdbx_validate_close_contact.label_alt_id_2 
_pdbx_validate_close_contact.dist 
1 1 O A GLY 71 ? ? H2 A HOH 441 ? ? 1.48 
2 1 O A GLU 57 ? ? H2 A HOH 480 ? ? 1.56 
3 1 O A GLY 12 ? ? H2 A HOH 470 ? ? 1.60 
# 
loop_
_chem_comp_atom.comp_id 
_chem_comp_atom.atom_id 
_chem_comp_atom.type_symbol 
_chem_comp_atom.pdbx_aromatic_flag 
_chem_comp_atom.pdbx_stereo_config 
_chem_comp_atom.pdbx_ordinal 
ALA N    N N N 1   
ALA CA   C N S 2   
ALA C    C N N 3   
ALA O    O N N 4   
ALA CB   C N N 5   
ALA OXT  O N N 6   
ALA H    H N N 7   
ALA H2   H N N 8   
ALA HA   H N N 9   
ALA HB1  H N N 10  
ALA HB2  H N N 11  
ALA HB3  H N N 12  
ALA HXT  H N N 13  
ARG N    N N N 14  
ARG CA   C N S 15  
ARG C    C N N 16  
ARG O    O N N 17  
ARG CB   C N N 18  
ARG CG   C N N 19  
ARG CD   C N N 20  
ARG NE   N N N 21  
ARG CZ   C N N 22  
ARG NH1  N N N 23  
ARG NH2  N N N 24  
ARG OXT  O N N 25  
ARG H    H N N 26  
ARG H2   H N N 27  
ARG HA   H N N 28  
ARG HB2  H N N 29  
ARG HB3  H N N 30  
ARG HG2  H N N 31  
ARG HG3  H N N 32  
ARG HD2  H N N 33  
ARG HD3  H N N 34  
ARG HE   H N N 35  
ARG HH11 H N N 36  
ARG HH12 H N N 37  
ARG HH21 H N N 38  
ARG HH22 H N N 39  
ARG HXT  H N N 40  
ASN N    N N N 41  
ASN CA   C N S 42  
ASN C    C N N 43  
ASN O    O N N 44  
ASN CB   C N N 45  
ASN CG   C N N 46  
ASN OD1  O N N 47  
ASN ND2  N N N 48  
ASN OXT  O N N 49  
ASN H    H N N 50  
ASN H2   H N N 51  
ASN HA   H N N 52  
ASN HB2  H N N 53  
ASN HB3  H N N 54  
ASN HD21 H N N 55  
ASN HD22 H N N 56  
ASN HXT  H N N 57  
ASP N    N N N 58  
ASP CA   C N S 59  
ASP C    C N N 60  
ASP O    O N N 61  
ASP CB   C N N 62  
ASP CG   C N N 63  
ASP OD1  O N N 64  
ASP OD2  O N N 65  
ASP OXT  O N N 66  
ASP H    H N N 67  
ASP H2   H N N 68  
ASP HA   H N N 69  
ASP HB2  H N N 70  
ASP HB3  H N N 71  
ASP HD2  H N N 72  
ASP HXT  H N N 73  
GLN N    N N N 74  
GLN CA   C N S 75  
GLN C    C N N 76  
GLN O    O N N 77  
GLN CB   C N N 78  
GLN CG   C N N 79  
GLN CD   C N N 80  
GLN OE1  O N N 81  
GLN NE2  N N N 82  
GLN OXT  O N N 83  
GLN H    H N N 84  
GLN H2   H N N 85  
GLN HA   H N N 86  
GLN HB2  H N N 87  
GLN HB3  H N N 88  
GLN HG2  H N N 89  
GLN HG3  H N N 90  
GLN HE21 H N N 91  
GLN HE22 H N N 92  
GLN HXT  H N N 93  
GLU N    N N N 94  
GLU CA   C N S 95  
GLU C    C N N 96  
GLU O    O N N 97  
GLU CB   C N N 98  
GLU CG   C N N 99  
GLU CD   C N N 100 
GLU OE1  O N N 101 
GLU OE2  O N N 102 
GLU OXT  O N N 103 
GLU H    H N N 104 
GLU H2   H N N 105 
GLU HA   H N N 106 
GLU HB2  H N N 107 
GLU HB3  H N N 108 
GLU HG2  H N N 109 
GLU HG3  H N N 110 
GLU HE2  H N N 111 
GLU HXT  H N N 112 
GLY N    N N N 113 
GLY CA   C N N 114 
GLY C    C N N 115 
GLY O    O N N 116 
GLY OXT  O N N 117 
GLY H    H N N 118 
GLY H2   H N N 119 
GLY HA2  H N N 120 
GLY HA3  H N N 121 
GLY HXT  H N N 122 
HIS N    N N N 123 
HIS CA   C N S 124 
HIS C    C N N 125 
HIS O    O N N 126 
HIS CB   C N N 127 
HIS CG   C Y N 128 
HIS ND1  N Y N 129 
HIS CD2  C Y N 130 
HIS CE1  C Y N 131 
HIS NE2  N Y N 132 
HIS OXT  O N N 133 
HIS H    H N N 134 
HIS H2   H N N 135 
HIS HA   H N N 136 
HIS HB2  H N N 137 
HIS HB3  H N N 138 
HIS HD1  H N N 139 
HIS HD2  H N N 140 
HIS HE1  H N N 141 
HIS HE2  H N N 142 
HIS HXT  H N N 143 
HOH O    O N N 144 
HOH H1   H N N 145 
HOH H2   H N N 146 
ILE N    N N N 147 
ILE CA   C N S 148 
ILE C    C N N 149 
ILE O    O N N 150 
ILE CB   C N S 151 
ILE CG1  C N N 152 
ILE CG2  C N N 153 
ILE CD1  C N N 154 
ILE OXT  O N N 155 
ILE H    H N N 156 
ILE H2   H N N 157 
ILE HA   H N N 158 
ILE HB   H N N 159 
ILE HG12 H N N 160 
ILE HG13 H N N 161 
ILE HG21 H N N 162 
ILE HG22 H N N 163 
ILE HG23 H N N 164 
ILE HD11 H N N 165 
ILE HD12 H N N 166 
ILE HD13 H N N 167 
ILE HXT  H N N 168 
LEU N    N N N 169 
LEU CA   C N S 170 
LEU C    C N N 171 
LEU O    O N N 172 
LEU CB   C N N 173 
LEU CG   C N N 174 
LEU CD1  C N N 175 
LEU CD2  C N N 176 
LEU OXT  O N N 177 
LEU H    H N N 178 
LEU H2   H N N 179 
LEU HA   H N N 180 
LEU HB2  H N N 181 
LEU HB3  H N N 182 
LEU HG   H N N 183 
LEU HD11 H N N 184 
LEU HD12 H N N 185 
LEU HD13 H N N 186 
LEU HD21 H N N 187 
LEU HD22 H N N 188 
LEU HD23 H N N 189 
LEU HXT  H N N 190 
LYS N    N N N 191 
LYS CA   C N S 192 
LYS C    C N N 193 
LYS O    O N N 194 
LYS CB   C N N 195 
LYS CG   C N N 196 
LYS CD   C N N 197 
LYS CE   C N N 198 
LYS NZ   N N N 199 
LYS OXT  O N N 200 
LYS H    H N N 201 
LYS H2   H N N 202 
LYS HA   H N N 203 
LYS HB2  H N N 204 
LYS HB3  H N N 205 
LYS HG2  H N N 206 
LYS HG3  H N N 207 
LYS HD2  H N N 208 
LYS HD3  H N N 209 
LYS HE2  H N N 210 
LYS HE3  H N N 211 
LYS HZ1  H N N 212 
LYS HZ2  H N N 213 
LYS HZ3  H N N 214 
LYS HXT  H N N 215 
MET N    N N N 216 
MET CA   C N S 217 
MET C    C N N 218 
MET O    O N N 219 
MET CB   C N N 220 
MET CG   C N N 221 
MET SD   S N N 222 
MET CE   C N N 223 
MET OXT  O N N 224 
MET H    H N N 225 
MET H2   H N N 226 
MET HA   H N N 227 
MET HB2  H N N 228 
MET HB3  H N N 229 
MET HG2  H N N 230 
MET HG3  H N N 231 
MET HE1  H N N 232 
MET HE2  H N N 233 
MET HE3  H N N 234 
MET HXT  H N N 235 
PHE N    N N N 236 
PHE CA   C N S 237 
PHE C    C N N 238 
PHE O    O N N 239 
PHE CB   C N N 240 
PHE CG   C Y N 241 
PHE CD1  C Y N 242 
PHE CD2  C Y N 243 
PHE CE1  C Y N 244 
PHE CE2  C Y N 245 
PHE CZ   C Y N 246 
PHE OXT  O N N 247 
PHE H    H N N 248 
PHE H2   H N N 249 
PHE HA   H N N 250 
PHE HB2  H N N 251 
PHE HB3  H N N 252 
PHE HD1  H N N 253 
PHE HD2  H N N 254 
PHE HE1  H N N 255 
PHE HE2  H N N 256 
PHE HZ   H N N 257 
PHE HXT  H N N 258 
PRO N    N N N 259 
PRO CA   C N S 260 
PRO C    C N N 261 
PRO O    O N N 262 
PRO CB   C N N 263 
PRO CG   C N N 264 
PRO CD   C N N 265 
PRO OXT  O N N 266 
PRO H    H N N 267 
PRO HA   H N N 268 
PRO HB2  H N N 269 
PRO HB3  H N N 270 
PRO HG2  H N N 271 
PRO HG3  H N N 272 
PRO HD2  H N N 273 
PRO HD3  H N N 274 
PRO HXT  H N N 275 
SER N    N N N 276 
SER CA   C N S 277 
SER C    C N N 278 
SER O    O N N 279 
SER CB   C N N 280 
SER OG   O N N 281 
SER OXT  O N N 282 
SER H    H N N 283 
SER H2   H N N 284 
SER HA   H N N 285 
SER HB2  H N N 286 
SER HB3  H N N 287 
SER HG   H N N 288 
SER HXT  H N N 289 
THR N    N N N 290 
THR CA   C N S 291 
THR C    C N N 292 
THR O    O N N 293 
THR CB   C N R 294 
THR OG1  O N N 295 
THR CG2  C N N 296 
THR OXT  O N N 297 
THR H    H N N 298 
THR H2   H N N 299 
THR HA   H N N 300 
THR HB   H N N 301 
THR HG1  H N N 302 
THR HG21 H N N 303 
THR HG22 H N N 304 
THR HG23 H N N 305 
THR HXT  H N N 306 
TRP N    N N N 307 
TRP CA   C N S 308 
TRP C    C N N 309 
TRP O    O N N 310 
TRP CB   C N N 311 
TRP CG   C Y N 312 
TRP CD1  C Y N 313 
TRP CD2  C Y N 314 
TRP NE1  N Y N 315 
TRP CE2  C Y N 316 
TRP CE3  C Y N 317 
TRP CZ2  C Y N 318 
TRP CZ3  C Y N 319 
TRP CH2  C Y N 320 
TRP OXT  O N N 321 
TRP H    H N N 322 
TRP H2   H N N 323 
TRP HA   H N N 324 
TRP HB2  H N N 325 
TRP HB3  H N N 326 
TRP HD1  H N N 327 
TRP HE1  H N N 328 
TRP HE3  H N N 329 
TRP HZ2  H N N 330 
TRP HZ3  H N N 331 
TRP HH2  H N N 332 
TRP HXT  H N N 333 
TYR N    N N N 334 
TYR CA   C N S 335 
TYR C    C N N 336 
TYR O    O N N 337 
TYR CB   C N N 338 
TYR CG   C Y N 339 
TYR CD1  C Y N 340 
TYR CD2  C Y N 341 
TYR CE1  C Y N 342 
TYR CE2  C Y N 343 
TYR CZ   C Y N 344 
TYR OH   O N N 345 
TYR OXT  O N N 346 
TYR H    H N N 347 
TYR H2   H N N 348 
TYR HA   H N N 349 
TYR HB2  H N N 350 
TYR HB3  H N N 351 
TYR HD1  H N N 352 
TYR HD2  H N N 353 
TYR HE1  H N N 354 
TYR HE2  H N N 355 
TYR HH   H N N 356 
TYR HXT  H N N 357 
VAL N    N N N 358 
VAL CA   C N S 359 
VAL C    C N N 360 
VAL O    O N N 361 
VAL CB   C N N 362 
VAL CG1  C N N 363 
VAL CG2  C N N 364 
VAL OXT  O N N 365 
VAL H    H N N 366 
VAL H2   H N N 367 
VAL HA   H N N 368 
VAL HB   H N N 369 
VAL HG11 H N N 370 
VAL HG12 H N N 371 
VAL HG13 H N N 372 
VAL HG21 H N N 373 
VAL HG22 H N N 374 
VAL HG23 H N N 375 
VAL HXT  H N N 376 
# 
loop_
_chem_comp_bond.comp_id 
_chem_comp_bond.atom_id_1 
_chem_comp_bond.atom_id_2 
_chem_comp_bond.value_order 
_chem_comp_bond.pdbx_aromatic_flag 
_chem_comp_bond.pdbx_stereo_config 
_chem_comp_bond.pdbx_ordinal 
ALA N   CA   sing N N 1   
ALA N   H    sing N N 2   
ALA N   H2   sing N N 3   
ALA CA  C    sing N N 4   
ALA CA  CB   sing N N 5   
ALA CA  HA   sing N N 6   
ALA C   O    doub N N 7   
ALA C   OXT  sing N N 8   
ALA CB  HB1  sing N N 9   
ALA CB  HB2  sing N N 10  
ALA CB  HB3  sing N N 11  
ALA OXT HXT  sing N N 12  
ARG N   CA   sing N N 13  
ARG N   H    sing N N 14  
ARG N   H2   sing N N 15  
ARG CA  C    sing N N 16  
ARG CA  CB   sing N N 17  
ARG CA  HA   sing N N 18  
ARG C   O    doub N N 19  
ARG C   OXT  sing N N 20  
ARG CB  CG   sing N N 21  
ARG CB  HB2  sing N N 22  
ARG CB  HB3  sing N N 23  
ARG CG  CD   sing N N 24  
ARG CG  HG2  sing N N 25  
ARG CG  HG3  sing N N 26  
ARG CD  NE   sing N N 27  
ARG CD  HD2  sing N N 28  
ARG CD  HD3  sing N N 29  
ARG NE  CZ   sing N N 30  
ARG NE  HE   sing N N 31  
ARG CZ  NH1  sing N N 32  
ARG CZ  NH2  doub N N 33  
ARG NH1 HH11 sing N N 34  
ARG NH1 HH12 sing N N 35  
ARG NH2 HH21 sing N N 36  
ARG NH2 HH22 sing N N 37  
ARG OXT HXT  sing N N 38  
ASN N   CA   sing N N 39  
ASN N   H    sing N N 40  
ASN N   H2   sing N N 41  
ASN CA  C    sing N N 42  
ASN CA  CB   sing N N 43  
ASN CA  HA   sing N N 44  
ASN C   O    doub N N 45  
ASN C   OXT  sing N N 46  
ASN CB  CG   sing N N 47  
ASN CB  HB2  sing N N 48  
ASN CB  HB3  sing N N 49  
ASN CG  OD1  doub N N 50  
ASN CG  ND2  sing N N 51  
ASN ND2 HD21 sing N N 52  
ASN ND2 HD22 sing N N 53  
ASN OXT HXT  sing N N 54  
ASP N   CA   sing N N 55  
ASP N   H    sing N N 56  
ASP N   H2   sing N N 57  
ASP CA  C    sing N N 58  
ASP CA  CB   sing N N 59  
ASP CA  HA   sing N N 60  
ASP C   O    doub N N 61  
ASP C   OXT  sing N N 62  
ASP CB  CG   sing N N 63  
ASP CB  HB2  sing N N 64  
ASP CB  HB3  sing N N 65  
ASP CG  OD1  doub N N 66  
ASP CG  OD2  sing N N 67  
ASP OD2 HD2  sing N N 68  
ASP OXT HXT  sing N N 69  
GLN N   CA   sing N N 70  
GLN N   H    sing N N 71  
GLN N   H2   sing N N 72  
GLN CA  C    sing N N 73  
GLN CA  CB   sing N N 74  
GLN CA  HA   sing N N 75  
GLN C   O    doub N N 76  
GLN C   OXT  sing N N 77  
GLN CB  CG   sing N N 78  
GLN CB  HB2  sing N N 79  
GLN CB  HB3  sing N N 80  
GLN CG  CD   sing N N 81  
GLN CG  HG2  sing N N 82  
GLN CG  HG3  sing N N 83  
GLN CD  OE1  doub N N 84  
GLN CD  NE2  sing N N 85  
GLN NE2 HE21 sing N N 86  
GLN NE2 HE22 sing N N 87  
GLN OXT HXT  sing N N 88  
GLU N   CA   sing N N 89  
GLU N   H    sing N N 90  
GLU N   H2   sing N N 91  
GLU CA  C    sing N N 92  
GLU CA  CB   sing N N 93  
GLU CA  HA   sing N N 94  
GLU C   O    doub N N 95  
GLU C   OXT  sing N N 96  
GLU CB  CG   sing N N 97  
GLU CB  HB2  sing N N 98  
GLU CB  HB3  sing N N 99  
GLU CG  CD   sing N N 100 
GLU CG  HG2  sing N N 101 
GLU CG  HG3  sing N N 102 
GLU CD  OE1  doub N N 103 
GLU CD  OE2  sing N N 104 
GLU OE2 HE2  sing N N 105 
GLU OXT HXT  sing N N 106 
GLY N   CA   sing N N 107 
GLY N   H    sing N N 108 
GLY N   H2   sing N N 109 
GLY CA  C    sing N N 110 
GLY CA  HA2  sing N N 111 
GLY CA  HA3  sing N N 112 
GLY C   O    doub N N 113 
GLY C   OXT  sing N N 114 
GLY OXT HXT  sing N N 115 
HIS N   CA   sing N N 116 
HIS N   H    sing N N 117 
HIS N   H2   sing N N 118 
HIS CA  C    sing N N 119 
HIS CA  CB   sing N N 120 
HIS CA  HA   sing N N 121 
HIS C   O    doub N N 122 
HIS C   OXT  sing N N 123 
HIS CB  CG   sing N N 124 
HIS CB  HB2  sing N N 125 
HIS CB  HB3  sing N N 126 
HIS CG  ND1  sing Y N 127 
HIS CG  CD2  doub Y N 128 
HIS ND1 CE1  doub Y N 129 
HIS ND1 HD1  sing N N 130 
HIS CD2 NE2  sing Y N 131 
HIS CD2 HD2  sing N N 132 
HIS CE1 NE2  sing Y N 133 
HIS CE1 HE1  sing N N 134 
HIS NE2 HE2  sing N N 135 
HIS OXT HXT  sing N N 136 
HOH O   H1   sing N N 137 
HOH O   H2   sing N N 138 
ILE N   CA   sing N N 139 
ILE N   H    sing N N 140 
ILE N   H2   sing N N 141 
ILE CA  C    sing N N 142 
ILE CA  CB   sing N N 143 
ILE CA  HA   sing N N 144 
ILE C   O    doub N N 145 
ILE C   OXT  sing N N 146 
ILE CB  CG1  sing N N 147 
ILE CB  CG2  sing N N 148 
ILE CB  HB   sing N N 149 
ILE CG1 CD1  sing N N 150 
ILE CG1 HG12 sing N N 151 
ILE CG1 HG13 sing N N 152 
ILE CG2 HG21 sing N N 153 
ILE CG2 HG22 sing N N 154 
ILE CG2 HG23 sing N N 155 
ILE CD1 HD11 sing N N 156 
ILE CD1 HD12 sing N N 157 
ILE CD1 HD13 sing N N 158 
ILE OXT HXT  sing N N 159 
LEU N   CA   sing N N 160 
LEU N   H    sing N N 161 
LEU N   H2   sing N N 162 
LEU CA  C    sing N N 163 
LEU CA  CB   sing N N 164 
LEU CA  HA   sing N N 165 
LEU C   O    doub N N 166 
LEU C   OXT  sing N N 167 
LEU CB  CG   sing N N 168 
LEU CB  HB2  sing N N 169 
LEU CB  HB3  sing N N 170 
LEU CG  CD1  sing N N 171 
LEU CG  CD2  sing N N 172 
LEU CG  HG   sing N N 173 
LEU CD1 HD11 sing N N 174 
LEU CD1 HD12 sing N N 175 
LEU CD1 HD13 sing N N 176 
LEU CD2 HD21 sing N N 177 
LEU CD2 HD22 sing N N 178 
LEU CD2 HD23 sing N N 179 
LEU OXT HXT  sing N N 180 
LYS N   CA   sing N N 181 
LYS N   H    sing N N 182 
LYS N   H2   sing N N 183 
LYS CA  C    sing N N 184 
LYS CA  CB   sing N N 185 
LYS CA  HA   sing N N 186 
LYS C   O    doub N N 187 
LYS C   OXT  sing N N 188 
LYS CB  CG   sing N N 189 
LYS CB  HB2  sing N N 190 
LYS CB  HB3  sing N N 191 
LYS CG  CD   sing N N 192 
LYS CG  HG2  sing N N 193 
LYS CG  HG3  sing N N 194 
LYS CD  CE   sing N N 195 
LYS CD  HD2  sing N N 196 
LYS CD  HD3  sing N N 197 
LYS CE  NZ   sing N N 198 
LYS CE  HE2  sing N N 199 
LYS CE  HE3  sing N N 200 
LYS NZ  HZ1  sing N N 201 
LYS NZ  HZ2  sing N N 202 
LYS NZ  HZ3  sing N N 203 
LYS OXT HXT  sing N N 204 
MET N   CA   sing N N 205 
MET N   H    sing N N 206 
MET N   H2   sing N N 207 
MET CA  C    sing N N 208 
MET CA  CB   sing N N 209 
MET CA  HA   sing N N 210 
MET C   O    doub N N 211 
MET C   OXT  sing N N 212 
MET CB  CG   sing N N 213 
MET CB  HB2  sing N N 214 
MET CB  HB3  sing N N 215 
MET CG  SD   sing N N 216 
MET CG  HG2  sing N N 217 
MET CG  HG3  sing N N 218 
MET SD  CE   sing N N 219 
MET CE  HE1  sing N N 220 
MET CE  HE2  sing N N 221 
MET CE  HE3  sing N N 222 
MET OXT HXT  sing N N 223 
PHE N   CA   sing N N 224 
PHE N   H    sing N N 225 
PHE N   H2   sing N N 226 
PHE CA  C    sing N N 227 
PHE CA  CB   sing N N 228 
PHE CA  HA   sing N N 229 
PHE C   O    doub N N 230 
PHE C   OXT  sing N N 231 
PHE CB  CG   sing N N 232 
PHE CB  HB2  sing N N 233 
PHE CB  HB3  sing N N 234 
PHE CG  CD1  doub Y N 235 
PHE CG  CD2  sing Y N 236 
PHE CD1 CE1  sing Y N 237 
PHE CD1 HD1  sing N N 238 
PHE CD2 CE2  doub Y N 239 
PHE CD2 HD2  sing N N 240 
PHE CE1 CZ   doub Y N 241 
PHE CE1 HE1  sing N N 242 
PHE CE2 CZ   sing Y N 243 
PHE CE2 HE2  sing N N 244 
PHE CZ  HZ   sing N N 245 
PHE OXT HXT  sing N N 246 
PRO N   CA   sing N N 247 
PRO N   CD   sing N N 248 
PRO N   H    sing N N 249 
PRO CA  C    sing N N 250 
PRO CA  CB   sing N N 251 
PRO CA  HA   sing N N 252 
PRO C   O    doub N N 253 
PRO C   OXT  sing N N 254 
PRO CB  CG   sing N N 255 
PRO CB  HB2  sing N N 256 
PRO CB  HB3  sing N N 257 
PRO CG  CD   sing N N 258 
PRO CG  HG2  sing N N 259 
PRO CG  HG3  sing N N 260 
PRO CD  HD2  sing N N 261 
PRO CD  HD3  sing N N 262 
PRO OXT HXT  sing N N 263 
SER N   CA   sing N N 264 
SER N   H    sing N N 265 
SER N   H2   sing N N 266 
SER CA  C    sing N N 267 
SER CA  CB   sing N N 268 
SER CA  HA   sing N N 269 
SER C   O    doub N N 270 
SER C   OXT  sing N N 271 
SER CB  OG   sing N N 272 
SER CB  HB2  sing N N 273 
SER CB  HB3  sing N N 274 
SER OG  HG   sing N N 275 
SER OXT HXT  sing N N 276 
THR N   CA   sing N N 277 
THR N   H    sing N N 278 
THR N   H2   sing N N 279 
THR CA  C    sing N N 280 
THR CA  CB   sing N N 281 
THR CA  HA   sing N N 282 
THR C   O    doub N N 283 
THR C   OXT  sing N N 284 
THR CB  OG1  sing N N 285 
THR CB  CG2  sing N N 286 
THR CB  HB   sing N N 287 
THR OG1 HG1  sing N N 288 
THR CG2 HG21 sing N N 289 
THR CG2 HG22 sing N N 290 
THR CG2 HG23 sing N N 291 
THR OXT HXT  sing N N 292 
TRP N   CA   sing N N 293 
TRP N   H    sing N N 294 
TRP N   H2   sing N N 295 
TRP CA  C    sing N N 296 
TRP CA  CB   sing N N 297 
TRP CA  HA   sing N N 298 
TRP C   O    doub N N 299 
TRP C   OXT  sing N N 300 
TRP CB  CG   sing N N 301 
TRP CB  HB2  sing N N 302 
TRP CB  HB3  sing N N 303 
TRP CG  CD1  doub Y N 304 
TRP CG  CD2  sing Y N 305 
TRP CD1 NE1  sing Y N 306 
TRP CD1 HD1  sing N N 307 
TRP CD2 CE2  doub Y N 308 
TRP CD2 CE3  sing Y N 309 
TRP NE1 CE2  sing Y N 310 
TRP NE1 HE1  sing N N 311 
TRP CE2 CZ2  sing Y N 312 
TRP CE3 CZ3  doub Y N 313 
TRP CE3 HE3  sing N N 314 
TRP CZ2 CH2  doub Y N 315 
TRP CZ2 HZ2  sing N N 316 
TRP CZ3 CH2  sing Y N 317 
TRP CZ3 HZ3  sing N N 318 
TRP CH2 HH2  sing N N 319 
TRP OXT HXT  sing N N 320 
TYR N   CA   sing N N 321 
TYR N   H    sing N N 322 
TYR N   H2   sing N N 323 
TYR CA  C    sing N N 324 
TYR CA  CB   sing N N 325 
TYR CA  HA   sing N N 326 
TYR C   O    doub N N 327 
TYR C   OXT  sing N N 328 
TYR CB  CG   sing N N 329 
TYR CB  HB2  sing N N 330 
TYR CB  HB3  sing N N 331 
TYR CG  CD1  doub Y N 332 
TYR CG  CD2  sing Y N 333 
TYR CD1 CE1  sing Y N 334 
TYR CD1 HD1  sing N N 335 
TYR CD2 CE2  doub Y N 336 
TYR CD2 HD2  sing N N 337 
TYR CE1 CZ   doub Y N 338 
TYR CE1 HE1  sing N N 339 
TYR CE2 CZ   sing Y N 340 
TYR CE2 HE2  sing N N 341 
TYR CZ  OH   sing N N 342 
TYR OH  HH   sing N N 343 
TYR OXT HXT  sing N N 344 
VAL N   CA   sing N N 345 
VAL N   H    sing N N 346 
VAL N   H2   sing N N 347 
VAL CA  C    sing N N 348 
VAL CA  CB   sing N N 349 
VAL CA  HA   sing N N 350 
VAL C   O    doub N N 351 
VAL C   OXT  sing N N 352 
VAL CB  CG1  sing N N 353 
VAL CB  CG2  sing N N 354 
VAL CB  HB   sing N N 355 
VAL CG1 HG11 sing N N 356 
VAL CG1 HG12 sing N N 357 
VAL CG1 HG13 sing N N 358 
VAL CG2 HG21 sing N N 359 
VAL CG2 HG22 sing N N 360 
VAL CG2 HG23 sing N N 361 
VAL OXT HXT  sing N N 362 
# 
_atom_sites.entry_id                    1BM8 
_atom_sites.fract_transf_matrix[1][1]   0.00861633 
_atom_sites.fract_transf_matrix[1][2]   -0.00983154 
_atom_sites.fract_transf_matrix[1][3]   0.01900611 
_atom_sites.fract_transf_matrix[2][1]   -0.01979015 
_atom_sites.fract_transf_matrix[2][2]   0.00413176 
_atom_sites.fract_transf_matrix[2][3]   0.01110906 
_atom_sites.fract_transf_matrix[3][1]   -0.00284021 
_atom_sites.fract_transf_matrix[3][2]   -0.00713810 
_atom_sites.fract_transf_matrix[3][3]   -0.00240482 
_atom_sites.fract_transf_vector[1]      0.090771 
_atom_sites.fract_transf_vector[2]      0.434567 
_atom_sites.fract_transf_vector[3]      0.078623 
# 
loop_
_atom_type.symbol 
C 
H 
N 
O 
S 
# 
loop_
_atom_site.group_PDB 
_atom_site.id 
_atom_site.type_symbol 
_atom_site.label_atom_id 
_atom_site.label_alt_id 
_atom_site.label_comp_id 
_atom_site.label_asym_id 
_atom_site.label_entity_id 
_atom_site.label_seq_id 
_atom_site.pdbx_PDB_ins_code 
_atom_site.Cartn_x 
_atom_site.Cartn_y 
_atom_site.Cartn_z 
_atom_site.occupancy 
_atom_site.B_iso_or_equiv 
_atom_site.pdbx_formal_charge 
_atom_site.auth_seq_id 
_atom_site.auth_comp_id 
_atom_site.auth_asym_id 
_atom_site.auth_atom_id 
_atom_site.pdbx_PDB_model_num 
ATOM   1    N N    . GLN A 1 1  ? 8.261   -5.018  -12.319 1.00 52.28 ? 4   GLN A N    1 
ATOM   2    C CA   . GLN A 1 1  ? 7.739   -6.414  -12.300 1.00 51.22 ? 4   GLN A CA   1 
ATOM   3    C C    . GLN A 1 1  ? 6.997   -6.713  -11.003 1.00 48.16 ? 4   GLN A C    1 
ATOM   4    O O    . GLN A 1 1  ? 7.135   -5.975  -10.017 1.00 46.43 ? 4   GLN A O    1 
ATOM   5    C CB   . GLN A 1 1  ? 8.873   -7.434  -12.497 1.00 53.87 ? 4   GLN A CB   1 
ATOM   6    C CG   . GLN A 1 1  ? 8.972   -7.960  -13.928 1.00 57.21 ? 4   GLN A CG   1 
ATOM   7    C CD   . GLN A 1 1  ? 9.746   -9.263  -14.021 1.00 60.18 ? 4   GLN A CD   1 
ATOM   8    O OE1  . GLN A 1 1  ? 9.838   -10.015 -13.039 1.00 61.12 ? 4   GLN A OE1  1 
ATOM   9    N NE2  . GLN A 1 1  ? 10.304  -9.540  -15.199 1.00 61.27 ? 4   GLN A NE2  1 
ATOM   10   H H1   . GLN A 1 1  ? 7.466   -4.353  -12.224 1.00 0.00  ? 4   GLN A H1   1 
ATOM   11   H H2   . GLN A 1 1  ? 8.917   -4.883  -11.524 1.00 0.00  ? 4   GLN A H2   1 
ATOM   12   H H3   . GLN A 1 1  ? 8.755   -4.841  -13.213 1.00 0.00  ? 4   GLN A H3   1 
ATOM   13   H HE21 . GLN A 1 1  ? 10.817  -10.372 -15.287 1.00 0.00  ? 4   GLN A HE21 1 
ATOM   14   H HE22 . GLN A 1 1  ? 10.182  -8.907  -15.934 1.00 0.00  ? 4   GLN A HE22 1 
ATOM   15   N N    . ILE A 1 2  ? 6.213   -7.790  -11.031 1.00 44.78 ? 5   ILE A N    1 
ATOM   16   C CA   . ILE A 1 2  ? 5.418   -8.194  -9.893  1.00 42.51 ? 5   ILE A CA   1 
ATOM   17   C C    . ILE A 1 2  ? 5.774   -9.607  -9.501  1.00 40.28 ? 5   ILE A C    1 
ATOM   18   O O    . ILE A 1 2  ? 5.661   -10.513 -10.303 1.00 41.33 ? 5   ILE A O    1 
ATOM   19   C CB   . ILE A 1 2  ? 3.912   -8.107  -10.229 1.00 42.76 ? 5   ILE A CB   1 
ATOM   20   C CG1  . ILE A 1 2  ? 3.556   -6.651  -10.535 1.00 44.06 ? 5   ILE A CG1  1 
ATOM   21   C CG2  . ILE A 1 2  ? 3.063   -8.636  -9.077  1.00 43.55 ? 5   ILE A CG2  1 
ATOM   22   C CD1  . ILE A 1 2  ? 2.094   -6.400  -10.822 1.00 43.93 ? 5   ILE A CD1  1 
ATOM   23   H H    . ILE A 1 2  ? 6.181   -8.339  -11.845 1.00 0.00  ? 5   ILE A H    1 
ATOM   24   N N    . TYR A 1 3  ? 6.228   -9.785  -8.283  1.00 38.87 ? 6   TYR A N    1 
ATOM   25   C CA   . TYR A 1 3  ? 6.581   -11.108 -7.789  1.00 38.04 ? 6   TYR A CA   1 
ATOM   26   C C    . TYR A 1 3  ? 5.482   -11.648 -6.886  1.00 34.53 ? 6   TYR A C    1 
ATOM   27   O O    . TYR A 1 3  ? 4.724   -10.908 -6.285  1.00 33.71 ? 6   TYR A O    1 
ATOM   28   C CB   . TYR A 1 3  ? 7.846   -11.080 -6.913  1.00 42.49 ? 6   TYR A CB   1 
ATOM   29   C CG   . TYR A 1 3  ? 9.089   -10.466 -7.490  1.00 49.90 ? 6   TYR A CG   1 
ATOM   30   C CD1  . TYR A 1 3  ? 9.477   -10.672 -8.816  1.00 52.40 ? 6   TYR A CD1  1 
ATOM   31   C CD2  . TYR A 1 3  ? 9.926   -9.728  -6.673  1.00 53.52 ? 6   TYR A CD2  1 
ATOM   32   C CE1  . TYR A 1 3  ? 10.684  -10.166 -9.291  1.00 56.29 ? 6   TYR A CE1  1 
ATOM   33   C CE2  . TYR A 1 3  ? 11.128  -9.219  -7.127  1.00 56.87 ? 6   TYR A CE2  1 
ATOM   34   C CZ   . TYR A 1 3  ? 11.510  -9.439  -8.435  1.00 58.22 ? 6   TYR A CZ   1 
ATOM   35   O OH   . TYR A 1 3  ? 12.746  -8.980  -8.872  1.00 62.12 ? 6   TYR A OH   1 
ATOM   36   H H    . TYR A 1 3  ? 6.328   -9.012  -7.691  1.00 0.00  ? 6   TYR A H    1 
ATOM   37   H HH   . TYR A 1 3  ? 12.828  -9.123  -9.819  1.00 0.00  ? 6   TYR A HH   1 
ATOM   38   N N    . SER A 1 4  ? 5.433   -12.932 -6.783  1.00 29.82 ? 7   SER A N    1 
ATOM   39   C CA   . SER A 1 4  ? 4.603   -13.563 -5.818  1.00 27.41 ? 7   SER A CA   1 
ATOM   40   C C    . SER A 1 4  ? 5.476   -13.720 -4.567  1.00 25.27 ? 7   SER A C    1 
ATOM   41   O O    . SER A 1 4  ? 6.637   -14.111 -4.679  1.00 24.52 ? 7   SER A O    1 
ATOM   42   C CB   . SER A 1 4  ? 4.202   -14.910 -6.378  1.00 27.69 ? 7   SER A CB   1 
ATOM   43   O OG   . SER A 1 4  ? 3.452   -15.644 -5.460  1.00 34.18 ? 7   SER A OG   1 
ATOM   44   H H    . SER A 1 4  ? 5.984   -13.485 -7.377  1.00 0.00  ? 7   SER A H    1 
ATOM   45   H HG   . SER A 1 4  ? 3.891   -15.645 -4.611  1.00 0.00  ? 7   SER A HG   1 
ATOM   46   N N    . ALA A 1 5  ? 4.961   -13.391 -3.382  1.00 23.35 ? 8   ALA A N    1 
ATOM   47   C CA   . ALA A 1 5  ? 5.773   -13.519 -2.163  1.00 20.99 ? 8   ALA A CA   1 
ATOM   48   C C    . ALA A 1 5  ? 4.911   -13.825 -0.940  1.00 21.47 ? 8   ALA A C    1 
ATOM   49   O O    . ALA A 1 5  ? 3.683   -13.879 -1.038  1.00 21.33 ? 8   ALA A O    1 
ATOM   50   C CB   . ALA A 1 5  ? 6.576   -12.238 -1.931  1.00 20.24 ? 8   ALA A CB   1 
ATOM   51   H H    . ALA A 1 5  ? 4.038   -13.063 -3.322  1.00 0.00  ? 8   ALA A H    1 
ATOM   52   N N    . ARG A 1 6  ? 5.562   -14.053 0.196   1.00 21.36 ? 9   ARG A N    1 
ATOM   53   C CA   . ARG A 1 6  ? 4.849   -14.321 1.461   1.00 23.94 ? 9   ARG A CA   1 
ATOM   54   C C    . ARG A 1 6  ? 5.592   -13.696 2.628   1.00 24.02 ? 9   ARG A C    1 
ATOM   55   O O    . ARG A 1 6  ? 6.807   -13.854 2.727   1.00 22.48 ? 9   ARG A O    1 
ATOM   56   C CB   . ARG A 1 6  ? 4.693   -15.816 1.742   1.00 24.91 ? 9   ARG A CB   1 
ATOM   57   C CG   . ARG A 1 6  ? 4.130   -16.097 3.135   1.00 28.68 ? 9   ARG A CG   1 
ATOM   58   C CD   . ARG A 1 6  ? 3.996   -17.586 3.413   1.00 31.98 ? 9   ARG A CD   1 
ATOM   59   N NE   . ARG A 1 6  ? 2.874   -18.155 2.710   1.00 35.74 ? 9   ARG A NE   1 
ATOM   60   C CZ   . ARG A 1 6  ? 1.770   -18.533 3.325   1.00 37.58 ? 9   ARG A CZ   1 
ATOM   61   N NH1  . ARG A 1 6  ? 1.683   -18.469 4.645   1.00 38.78 ? 9   ARG A NH1  1 
ATOM   62   N NH2  . ARG A 1 6  ? 0.755   -19.006 2.619   1.00 40.26 ? 9   ARG A NH2  1 
ATOM   63   H H    . ARG A 1 6  ? 6.542   -14.021 0.199   1.00 0.00  ? 9   ARG A H    1 
ATOM   64   H HE   . ARG A 1 6  ? 2.935   -18.271 1.738   1.00 0.00  ? 9   ARG A HE   1 
ATOM   65   H HH11 . ARG A 1 6  ? 2.459   -18.140 5.183   1.00 0.00  ? 9   ARG A HH11 1 
ATOM   66   H HH12 . ARG A 1 6  ? 0.839   -18.747 5.107   1.00 0.00  ? 9   ARG A HH12 1 
ATOM   67   H HH21 . ARG A 1 6  ? 0.826   -19.076 1.623   1.00 0.00  ? 9   ARG A HH21 1 
ATOM   68   H HH22 . ARG A 1 6  ? -0.089  -19.283 3.079   1.00 0.00  ? 9   ARG A HH22 1 
ATOM   69   N N    . TYR A 1 7  ? 4.845   -12.988 3.488   1.00 24.15 ? 10  TYR A N    1 
ATOM   70   C CA   . TYR A 1 7  ? 5.409   -12.305 4.654   1.00 26.92 ? 10  TYR A CA   1 
ATOM   71   C C    . TYR A 1 7  ? 4.467   -12.471 5.840   1.00 28.93 ? 10  TYR A C    1 
ATOM   72   O O    . TYR A 1 7  ? 3.271   -12.294 5.691   1.00 29.46 ? 10  TYR A O    1 
ATOM   73   C CB   . TYR A 1 7  ? 5.557   -10.802 4.393   1.00 23.90 ? 10  TYR A CB   1 
ATOM   74   C CG   . TYR A 1 7  ? 6.484   -10.461 3.271   1.00 24.39 ? 10  TYR A CG   1 
ATOM   75   C CD1  . TYR A 1 7  ? 7.858   -10.409 3.477   1.00 25.27 ? 10  TYR A CD1  1 
ATOM   76   C CD2  . TYR A 1 7  ? 5.995   -10.249 1.980   1.00 25.41 ? 10  TYR A CD2  1 
ATOM   77   C CE1  . TYR A 1 7  ? 8.732   -10.155 2.423   1.00 27.01 ? 10  TYR A CE1  1 
ATOM   78   C CE2  . TYR A 1 7  ? 6.859   -9.998  0.925   1.00 27.17 ? 10  TYR A CE2  1 
ATOM   79   C CZ   . TYR A 1 7  ? 8.223   -9.952  1.151   1.00 26.47 ? 10  TYR A CZ   1 
ATOM   80   O OH   . TYR A 1 7  ? 9.074   -9.666  0.117   1.00 27.96 ? 10  TYR A OH   1 
ATOM   81   H H    . TYR A 1 7  ? 3.878   -12.928 3.334   1.00 0.00  ? 10  TYR A H    1 
ATOM   82   H HH   . TYR A 1 7  ? 9.962   -9.540  0.459   1.00 0.00  ? 10  TYR A HH   1 
ATOM   83   N N    . SER A 1 8  ? 4.998   -12.805 7.003   1.00 30.98 ? 11  SER A N    1 
ATOM   84   C CA   . SER A 1 8  ? 4.154   -12.960 8.181   1.00 32.54 ? 11  SER A CA   1 
ATOM   85   C C    . SER A 1 8  ? 2.984   -13.924 7.920   1.00 32.28 ? 11  SER A C    1 
ATOM   86   O O    . SER A 1 8  ? 1.866   -13.685 8.390   1.00 33.57 ? 11  SER A O    1 
ATOM   87   C CB   . SER A 1 8  ? 3.591   -11.593 8.595   1.00 34.50 ? 11  SER A CB   1 
ATOM   88   O OG   . SER A 1 8  ? 4.621   -10.640 8.828   1.00 39.12 ? 11  SER A OG   1 
ATOM   89   H H    . SER A 1 8  ? 5.967   -12.937 7.077   1.00 0.00  ? 11  SER A H    1 
ATOM   90   H HG   . SER A 1 8  ? 5.223   -10.969 9.500   1.00 0.00  ? 11  SER A HG   1 
ATOM   91   N N    . GLY A 1 9  ? 3.227   -14.982 7.142   1.00 30.27 ? 12  GLY A N    1 
ATOM   92   C CA   . GLY A 1 9  ? 2.183   -15.954 6.842   1.00 27.72 ? 12  GLY A CA   1 
ATOM   93   C C    . GLY A 1 9  ? 1.160   -15.495 5.811   1.00 26.67 ? 12  GLY A C    1 
ATOM   94   O O    . GLY A 1 9  ? 0.193   -16.205 5.535   1.00 28.11 ? 12  GLY A O    1 
ATOM   95   H H    . GLY A 1 9  ? 4.122   -15.112 6.771   1.00 0.00  ? 12  GLY A H    1 
ATOM   96   N N    . VAL A 1 10 ? 1.386   -14.337 5.209   1.00 25.00 ? 13  VAL A N    1 
ATOM   97   C CA   . VAL A 1 10 ? 0.438   -13.753 4.247   1.00 22.39 ? 13  VAL A CA   1 
ATOM   98   C C    . VAL A 1 10 ? 1.006   -13.704 2.815   1.00 22.62 ? 13  VAL A C    1 
ATOM   99   O O    . VAL A 1 10 ? 2.111   -13.209 2.598   1.00 21.65 ? 13  VAL A O    1 
ATOM   100  C CB   . VAL A 1 10 ? 0.084   -12.311 4.687   1.00 21.97 ? 13  VAL A CB   1 
ATOM   101  C CG1  . VAL A 1 10 ? -0.921  -11.692 3.736   1.00 18.81 ? 13  VAL A CG1  1 
ATOM   102  C CG2  . VAL A 1 10 ? -0.457  -12.337 6.111   1.00 22.24 ? 13  VAL A CG2  1 
ATOM   103  H H    . VAL A 1 10 ? 2.210   -13.847 5.414   1.00 0.00  ? 13  VAL A H    1 
ATOM   104  N N    . ASP A 1 11 ? 0.245   -14.219 1.857   1.00 21.41 ? 14  ASP A N    1 
ATOM   105  C CA   . ASP A 1 11 ? 0.659   -14.217 0.463   1.00 21.86 ? 14  ASP A CA   1 
ATOM   106  C C    . ASP A 1 11 ? 0.258   -12.926 -0.199  1.00 21.71 ? 14  ASP A C    1 
ATOM   107  O O    . ASP A 1 11 ? -0.895  -12.504 -0.113  1.00 20.60 ? 14  ASP A O    1 
ATOM   108  C CB   . ASP A 1 11 ? 0.021   -15.382 -0.317  1.00 24.96 ? 14  ASP A CB   1 
ATOM   109  C CG   . ASP A 1 11 ? 0.380   -16.733 0.250   1.00 25.52 ? 14  ASP A CG   1 
ATOM   110  O OD1  . ASP A 1 11 ? 1.569   -17.048 0.328   1.00 27.41 ? 14  ASP A OD1  1 
ATOM   111  O OD2  . ASP A 1 11 ? -0.534  -17.470 0.634   1.00 30.85 ? 14  ASP A OD2  1 
ATOM   112  H H    . ASP A 1 11 ? -0.623  -14.607 2.094   1.00 0.00  ? 14  ASP A H    1 
ATOM   113  N N    . VAL A 1 12 ? 1.198   -12.334 -0.901  1.00 21.11 ? 15  VAL A N    1 
ATOM   114  C CA   . VAL A 1 12 ? 0.974   -11.054 -1.541  1.00 20.99 ? 15  VAL A CA   1 
ATOM   115  C C    . VAL A 1 12 ? 1.571   -11.064 -2.935  1.00 23.45 ? 15  VAL A C    1 
ATOM   116  O O    . VAL A 1 12 ? 2.287   -12.006 -3.311  1.00 24.63 ? 15  VAL A O    1 
ATOM   117  C CB   . VAL A 1 12 ? 1.662   -9.881  -0.750  1.00 19.89 ? 15  VAL A CB   1 
ATOM   118  C CG1  . VAL A 1 12 ? 1.152   -9.807  0.677   1.00 16.46 ? 15  VAL A CG1  1 
ATOM   119  C CG2  . VAL A 1 12 ? 3.194   -10.060 -0.753  1.00 18.59 ? 15  VAL A CG2  1 
ATOM   120  H H    . VAL A 1 12 ? 2.069   -12.772 -1.005  1.00 0.00  ? 15  VAL A H    1 
ATOM   121  N N    . TYR A 1 13 ? 1.222   -10.039 -3.687  1.00 24.96 ? 16  TYR A N    1 
ATOM   122  C CA   . TYR A 1 13 ? 1.873   -9.740  -4.928  1.00 26.21 ? 16  TYR A CA   1 
ATOM   123  C C    . TYR A 1 13 ? 2.707   -8.509  -4.644  1.00 26.48 ? 16  TYR A C    1 
ATOM   124  O O    . TYR A 1 13 ? 2.206   -7.538  -4.055  1.00 25.01 ? 16  TYR A O    1 
ATOM   125  C CB   . TYR A 1 13 ? 0.857   -9.449  -6.030  1.00 29.28 ? 16  TYR A CB   1 
ATOM   126  C CG   . TYR A 1 13 ? 0.167   -10.695 -6.536  1.00 32.30 ? 16  TYR A CG   1 
ATOM   127  C CD1  . TYR A 1 13 ? 0.901   -11.702 -7.142  1.00 34.32 ? 16  TYR A CD1  1 
ATOM   128  C CD2  . TYR A 1 13 ? -1.201  -10.879 -6.389  1.00 33.14 ? 16  TYR A CD2  1 
ATOM   129  C CE1  . TYR A 1 13 ? 0.297   -12.859 -7.591  1.00 36.05 ? 16  TYR A CE1  1 
ATOM   130  C CE2  . TYR A 1 13 ? -1.818  -12.039 -6.835  1.00 35.60 ? 16  TYR A CE2  1 
ATOM   131  C CZ   . TYR A 1 13 ? -1.057  -13.020 -7.437  1.00 37.33 ? 16  TYR A CZ   1 
ATOM   132  O OH   . TYR A 1 13 ? -1.651  -14.176 -7.877  1.00 42.80 ? 16  TYR A OH   1 
ATOM   133  H H    . TYR A 1 13 ? 0.505   -9.454  -3.385  1.00 0.00  ? 16  TYR A H    1 
ATOM   134  H HH   . TYR A 1 13 ? -0.977  -14.857 -8.008  1.00 0.00  ? 16  TYR A HH   1 
ATOM   135  N N    . GLU A 1 14 ? 3.977   -8.566  -5.002  1.00 27.52 ? 17  GLU A N    1 
ATOM   136  C CA   . GLU A 1 14 ? 4.886   -7.462  -4.734  1.00 29.95 ? 17  GLU A CA   1 
ATOM   137  C C    . GLU A 1 14 ? 5.308   -6.782  -6.029  1.00 30.66 ? 17  GLU A C    1 
ATOM   138  O O    . GLU A 1 14 ? 5.778   -7.427  -6.949  1.00 27.27 ? 17  GLU A O    1 
ATOM   139  C CB   . GLU A 1 14 ? 6.098   -7.985  -3.965  1.00 29.55 ? 17  GLU A CB   1 
ATOM   140  C CG   . GLU A 1 14 ? 6.999   -6.907  -3.403  1.00 32.47 ? 17  GLU A CG   1 
ATOM   141  C CD   . GLU A 1 14 ? 8.096   -7.475  -2.521  1.00 34.84 ? 17  GLU A CD   1 
ATOM   142  O OE1  . GLU A 1 14 ? 7.917   -8.588  -1.985  1.00 36.30 ? 17  GLU A OE1  1 
ATOM   143  O OE2  . GLU A 1 14 ? 9.140   -6.807  -2.358  1.00 38.82 ? 17  GLU A OE2  1 
ATOM   144  H H    . GLU A 1 14 ? 4.315   -9.367  -5.451  1.00 0.00  ? 17  GLU A H    1 
ATOM   145  N N    . PHE A 1 15 ? 5.074   -5.485  -6.082  1.00 34.09 ? 18  PHE A N    1 
ATOM   146  C CA   . PHE A 1 15 ? 5.417   -4.668  -7.229  1.00 38.16 ? 18  PHE A CA   1 
ATOM   147  C C    . PHE A 1 15 ? 6.681   -3.877  -6.892  1.00 40.68 ? 18  PHE A C    1 
ATOM   148  O O    . PHE A 1 15 ? 6.782   -3.263  -5.817  1.00 38.31 ? 18  PHE A O    1 
ATOM   149  C CB   . PHE A 1 15 ? 4.238   -3.741  -7.527  1.00 39.21 ? 18  PHE A CB   1 
ATOM   150  C CG   . PHE A 1 15 ? 4.468   -2.694  -8.570  1.00 43.44 ? 18  PHE A CG   1 
ATOM   151  C CD1  . PHE A 1 15 ? 4.468   -3.025  -9.926  1.00 45.30 ? 18  PHE A CD1  1 
ATOM   152  C CD2  . PHE A 1 15 ? 4.618   -1.355  -8.202  1.00 45.30 ? 18  PHE A CD2  1 
ATOM   153  C CE1  . PHE A 1 15 ? 4.611   -2.041  -10.897 1.00 45.73 ? 18  PHE A CE1  1 
ATOM   154  C CE2  . PHE A 1 15 ? 4.762   -0.363  -9.164  1.00 46.28 ? 18  PHE A CE2  1 
ATOM   155  C CZ   . PHE A 1 15 ? 4.757   -0.704  -10.514 1.00 46.51 ? 18  PHE A CZ   1 
ATOM   156  H H    . PHE A 1 15 ? 4.648   -5.056  -5.316  1.00 0.00  ? 18  PHE A H    1 
ATOM   157  N N    . ILE A 1 16 ? 7.662   -3.932  -7.783  1.00 43.87 ? 19  ILE A N    1 
ATOM   158  C CA   . ILE A 1 16 ? 8.926   -3.257  -7.533  1.00 47.64 ? 19  ILE A CA   1 
ATOM   159  C C    . ILE A 1 16 ? 8.947   -1.869  -8.147  1.00 50.18 ? 19  ILE A C    1 
ATOM   160  O O    . ILE A 1 16 ? 9.020   -1.718  -9.370  1.00 50.83 ? 19  ILE A O    1 
ATOM   161  C CB   . ILE A 1 16 ? 10.112  -4.056  -8.076  1.00 48.13 ? 19  ILE A CB   1 
ATOM   162  C CG1  . ILE A 1 16 ? 10.001  -5.513  -7.630  1.00 49.26 ? 19  ILE A CG1  1 
ATOM   163  C CG2  . ILE A 1 16 ? 11.403  -3.446  -7.571  1.00 48.27 ? 19  ILE A CG2  1 
ATOM   164  C CD1  . ILE A 1 16 ? 9.922   -5.688  -6.128  1.00 51.27 ? 19  ILE A CD1  1 
ATOM   165  H H    . ILE A 1 16 ? 7.530   -4.426  -8.616  1.00 0.00  ? 19  ILE A H    1 
ATOM   166  N N    . HIS A 1 17 ? 8.864   -0.873  -7.276  1.00 52.47 ? 20  HIS A N    1 
ATOM   167  C CA   . HIS A 1 17 ? 8.896   0.520   -7.678  1.00 54.63 ? 20  HIS A CA   1 
ATOM   168  C C    . HIS A 1 17 ? 10.256  1.080   -7.258  1.00 54.62 ? 20  HIS A C    1 
ATOM   169  O O    . HIS A 1 17 ? 10.956  0.456   -6.450  1.00 54.75 ? 20  HIS A O    1 
ATOM   170  C CB   . HIS A 1 17 ? 7.756   1.265   -6.967  1.00 57.40 ? 20  HIS A CB   1 
ATOM   171  C CG   . HIS A 1 17 ? 7.352   2.573   -7.584  1.00 60.64 ? 20  HIS A CG   1 
ATOM   172  N ND1  . HIS A 1 17 ? 7.535   3.798   -6.960  1.00 61.69 ? 20  HIS A ND1  1 
ATOM   173  C CD2  . HIS A 1 17 ? 6.745   2.861   -8.770  1.00 61.84 ? 20  HIS A CD2  1 
ATOM   174  C CE1  . HIS A 1 17 ? 7.075   4.791   -7.703  1.00 62.25 ? 20  HIS A CE1  1 
ATOM   175  N NE2  . HIS A 1 17 ? 6.597   4.230   -8.799  1.00 63.47 ? 20  HIS A NE2  1 
ATOM   176  H H    . HIS A 1 17 ? 8.790   -1.086  -6.322  1.00 0.00  ? 20  HIS A H    1 
ATOM   177  H HD1  . HIS A 1 17 ? 7.945   3.917   -6.077  1.00 0.00  ? 20  HIS A HD1  1 
ATOM   178  H HE2  . HIS A 1 17 ? 6.202   4.728   -9.545  1.00 0.00  ? 20  HIS A HE2  1 
ATOM   179  N N    . SER A 1 18 ? 10.641  2.240   -7.792  1.00 54.36 ? 21  SER A N    1 
ATOM   180  C CA   . SER A 1 18 ? 11.933  2.834   -7.436  1.00 52.80 ? 21  SER A CA   1 
ATOM   181  C C    . SER A 1 18 ? 12.035  3.144   -5.930  1.00 52.38 ? 21  SER A C    1 
ATOM   182  O O    . SER A 1 18 ? 13.044  2.829   -5.291  1.00 51.68 ? 21  SER A O    1 
ATOM   183  C CB   . SER A 1 18 ? 12.171  4.086   -8.278  1.00 51.54 ? 21  SER A CB   1 
ATOM   184  O OG   . SER A 1 18 ? 10.987  4.839   -8.394  1.00 51.51 ? 21  SER A OG   1 
ATOM   185  H H    . SER A 1 18 ? 10.062  2.695   -8.439  1.00 0.00  ? 21  SER A H    1 
ATOM   186  H HG   . SER A 1 18 ? 11.119  5.543   -9.037  1.00 0.00  ? 21  SER A HG   1 
ATOM   187  N N    . THR A 1 19 ? 10.974  3.723   -5.361  1.00 52.22 ? 22  THR A N    1 
ATOM   188  C CA   . THR A 1 19 ? 10.947  4.062   -3.926  1.00 52.84 ? 22  THR A CA   1 
ATOM   189  C C    . THR A 1 19 ? 10.879  2.821   -3.037  1.00 50.76 ? 22  THR A C    1 
ATOM   190  O O    . THR A 1 19 ? 11.142  2.883   -1.833  1.00 50.70 ? 22  THR A O    1 
ATOM   191  C CB   . THR A 1 19 ? 9.726   4.937   -3.594  1.00 54.77 ? 22  THR A CB   1 
ATOM   192  O OG1  . THR A 1 19 ? 8.567   4.402   -4.264  1.00 57.43 ? 22  THR A OG1  1 
ATOM   193  C CG2  . THR A 1 19 ? 9.943   6.372   -4.041  1.00 56.57 ? 22  THR A CG2  1 
ATOM   194  H H    . THR A 1 19 ? 10.194  3.937   -5.913  1.00 0.00  ? 22  THR A H    1 
ATOM   195  H HG1  . THR A 1 19 ? 7.781   4.795   -3.877  1.00 0.00  ? 22  THR A HG1  1 
ATOM   196  N N    . GLY A 1 20 ? 10.511  1.702   -3.634  1.00 49.11 ? 23  GLY A N    1 
ATOM   197  C CA   . GLY A 1 20 ? 10.374  0.478   -2.874  1.00 45.68 ? 23  GLY A CA   1 
ATOM   198  C C    . GLY A 1 20 ? 9.294   -0.404  -3.447  1.00 43.53 ? 23  GLY A C    1 
ATOM   199  O O    . GLY A 1 20 ? 8.726   -0.113  -4.517  1.00 42.97 ? 23  GLY A O    1 
ATOM   200  H H    . GLY A 1 20 ? 10.343  1.695   -4.599  1.00 0.00  ? 23  GLY A H    1 
ATOM   201  N N    . SER A 1 21 ? 8.995   -1.471  -2.751  1.00 40.66 ? 24  SER A N    1 
ATOM   202  C CA   . SER A 1 21 ? 7.990   -2.385  -3.225  1.00 38.67 ? 24  SER A CA   1 
ATOM   203  C C    . SER A 1 21 ? 6.605   -2.041  -2.677  1.00 36.42 ? 24  SER A C    1 
ATOM   204  O O    . SER A 1 21 ? 6.470   -1.513  -1.557  1.00 34.95 ? 24  SER A O    1 
ATOM   205  C CB   . SER A 1 21 ? 8.379   -3.797  -2.850  1.00 39.09 ? 24  SER A CB   1 
ATOM   206  O OG   . SER A 1 21 ? 8.931   -3.826  -1.553  1.00 44.40 ? 24  SER A OG   1 
ATOM   207  H H    . SER A 1 21 ? 9.450   -1.643  -1.903  1.00 0.00  ? 24  SER A H    1 
ATOM   208  H HG   . SER A 1 21 ? 9.823   -3.456  -1.578  1.00 0.00  ? 24  SER A HG   1 
ATOM   209  N N    . ILE A 1 22 ? 5.589   -2.313  -3.495  1.00 32.56 ? 25  ILE A N    1 
ATOM   210  C CA   . ILE A 1 22 ? 4.204   -2.085  -3.119  1.00 29.27 ? 25  ILE A CA   1 
ATOM   211  C C    . ILE A 1 22 ? 3.482   -3.427  -3.141  1.00 27.24 ? 25  ILE A C    1 
ATOM   212  O O    . ILE A 1 22 ? 3.613   -4.191  -4.093  1.00 26.25 ? 25  ILE A O    1 
ATOM   213  C CB   . ILE A 1 22 ? 3.557   -1.071  -4.085  1.00 30.38 ? 25  ILE A CB   1 
ATOM   214  C CG1  . ILE A 1 22 ? 4.369   0.228   -4.002  1.00 33.50 ? 25  ILE A CG1  1 
ATOM   215  C CG2  . ILE A 1 22 ? 2.105   -0.803  -3.705  1.00 28.01 ? 25  ILE A CG2  1 
ATOM   216  C CD1  . ILE A 1 22 ? 4.143   1.193   -5.131  1.00 35.33 ? 25  ILE A CD1  1 
ATOM   217  H H    . ILE A 1 22 ? 5.783   -2.682  -4.382  1.00 0.00  ? 25  ILE A H    1 
ATOM   218  N N    . MET A 1 23 ? 2.743   -3.711  -2.088  1.00 24.03 ? 26  MET A N    1 
ATOM   219  C CA   . MET A 1 23 ? 2.127   -5.017  -1.925  1.00 22.95 ? 26  MET A CA   1 
ATOM   220  C C    . MET A 1 23 ? 0.608   -4.994  -1.992  1.00 23.00 ? 26  MET A C    1 
ATOM   221  O O    . MET A 1 23 ? -0.050  -4.055  -1.513  1.00 19.80 ? 26  MET A O    1 
ATOM   222  C CB   . MET A 1 23 ? 2.517   -5.621  -0.572  1.00 22.54 ? 26  MET A CB   1 
ATOM   223  C CG   . MET A 1 23 ? 3.971   -6.010  -0.422  1.00 22.25 ? 26  MET A CG   1 
ATOM   224  S SD   . MET A 1 23 ? 4.327   -6.661  1.218   1.00 27.59 ? 26  MET A SD   1 
ATOM   225  C CE   . MET A 1 23 ? 6.120   -6.548  1.231   1.00 27.15 ? 26  MET A CE   1 
ATOM   226  H H    . MET A 1 23 ? 2.577   -3.020  -1.424  1.00 0.00  ? 26  MET A H    1 
ATOM   227  N N    . LYS A 1 24 ? 0.076   -6.074  -2.560  1.00 23.73 ? 27  LYS A N    1 
ATOM   228  C CA   . LYS A 1 24 ? -1.358  -6.332  -2.583  1.00 23.46 ? 27  LYS A CA   1 
ATOM   229  C C    . LYS A 1 24 ? -1.571  -7.765  -2.082  1.00 22.79 ? 27  LYS A C    1 
ATOM   230  O O    . LYS A 1 24 ? -0.862  -8.684  -2.512  1.00 22.50 ? 27  LYS A O    1 
ATOM   231  C CB   . LYS A 1 24 ? -1.933  -6.189  -4.006  1.00 24.99 ? 27  LYS A CB   1 
ATOM   232  C CG   . LYS A 1 24 ? -3.431  -6.462  -4.069  1.00 27.08 ? 27  LYS A CG   1 
ATOM   233  C CD   . LYS A 1 24 ? -4.029  -6.110  -5.413  1.00 29.52 ? 27  LYS A CD   1 
ATOM   234  C CE   . LYS A 1 24 ? -3.583  -7.077  -6.482  1.00 32.06 ? 27  LYS A CE   1 
ATOM   235  N NZ   . LYS A 1 24 ? -4.223  -6.762  -7.789  1.00 35.59 ? 27  LYS A NZ   1 
ATOM   236  H H    . LYS A 1 24 ? 0.675   -6.727  -2.980  1.00 0.00  ? 27  LYS A H    1 
ATOM   237  H HZ1  . LYS A 1 24 ? -3.972  -5.795  -8.075  1.00 0.00  ? 27  LYS A HZ1  1 
ATOM   238  H HZ2  . LYS A 1 24 ? -3.888  -7.434  -8.508  1.00 0.00  ? 27  LYS A HZ2  1 
ATOM   239  H HZ3  . LYS A 1 24 ? -5.253  -6.842  -7.696  1.00 0.00  ? 27  LYS A HZ3  1 
ATOM   240  N N    . ARG A 1 25 ? -2.490  -7.948  -1.138  1.00 21.34 ? 28  ARG A N    1 
ATOM   241  C CA   . ARG A 1 25 ? -2.757  -9.272  -0.602  1.00 21.22 ? 28  ARG A CA   1 
ATOM   242  C C    . ARG A 1 25 ? -3.536  -10.120 -1.593  1.00 20.99 ? 28  ARG A C    1 
ATOM   243  O O    . ARG A 1 25 ? -4.496  -9.633  -2.218  1.00 20.62 ? 28  ARG A O    1 
ATOM   244  C CB   . ARG A 1 25 ? -3.565  -9.194  0.690   1.00 20.55 ? 28  ARG A CB   1 
ATOM   245  C CG   . ARG A 1 25 ? -2.795  -8.669  1.861   1.00 23.75 ? 28  ARG A CG   1 
ATOM   246  C CD   . ARG A 1 25 ? -3.474  -9.028  3.164   1.00 24.37 ? 28  ARG A CD   1 
ATOM   247  N NE   . ARG A 1 25 ? -4.772  -8.385  3.309   1.00 22.21 ? 28  ARG A NE   1 
ATOM   248  C CZ   . ARG A 1 25 ? -5.100  -7.672  4.377   1.00 22.16 ? 28  ARG A CZ   1 
ATOM   249  N NH1  . ARG A 1 25 ? -4.210  -7.445  5.336   1.00 21.40 ? 28  ARG A NH1  1 
ATOM   250  N NH2  . ARG A 1 25 ? -6.311  -7.160  4.472   1.00 22.10 ? 28  ARG A NH2  1 
ATOM   251  H H    . ARG A 1 25 ? -2.996  -7.179  -0.801  1.00 0.00  ? 28  ARG A H    1 
ATOM   252  H HE   . ARG A 1 25 ? -5.428  -8.485  2.591   1.00 0.00  ? 28  ARG A HE   1 
ATOM   253  H HH11 . ARG A 1 25 ? -3.283  -7.815  5.259   1.00 0.00  ? 28  ARG A HH11 1 
ATOM   254  H HH12 . ARG A 1 25 ? -4.470  -6.918  6.146   1.00 0.00  ? 28  ARG A HH12 1 
ATOM   255  H HH21 . ARG A 1 25 ? -6.972  -7.297  3.737   1.00 0.00  ? 28  ARG A HH21 1 
ATOM   256  H HH22 . ARG A 1 25 ? -6.562  -6.625  5.279   1.00 0.00  ? 28  ARG A HH22 1 
ATOM   257  N N    . LYS A 1 26 ? -3.166  -11.390 -1.689  1.00 20.40 ? 29  LYS A N    1 
ATOM   258  C CA   . LYS A 1 26 ? -3.843  -12.307 -2.602  1.00 22.71 ? 29  LYS A CA   1 
ATOM   259  C C    . LYS A 1 26 ? -5.245  -12.673 -2.129  1.00 22.45 ? 29  LYS A C    1 
ATOM   260  O O    . LYS A 1 26 ? -6.152  -12.823 -2.953  1.00 21.87 ? 29  LYS A O    1 
ATOM   261  C CB   . LYS A 1 26 ? -3.037  -13.592 -2.786  1.00 25.87 ? 29  LYS A CB   1 
ATOM   262  C CG   . LYS A 1 26 ? -1.657  -13.373 -3.400  1.00 31.52 ? 29  LYS A CG   1 
ATOM   263  C CD   . LYS A 1 26 ? -0.999  -14.689 -3.730  1.00 32.96 ? 29  LYS A CD   1 
ATOM   264  C CE   . LYS A 1 26 ? 0.385   -14.502 -4.319  1.00 33.83 ? 29  LYS A CE   1 
ATOM   265  N NZ   . LYS A 1 26 ? 0.944   -15.804 -4.755  1.00 35.21 ? 29  LYS A NZ   1 
ATOM   266  H H    . LYS A 1 26 ? -2.427  -11.721 -1.136  1.00 0.00  ? 29  LYS A H    1 
ATOM   267  H HZ1  . LYS A 1 26 ? 0.257   -16.287 -5.365  1.00 0.00  ? 29  LYS A HZ1  1 
ATOM   268  H HZ2  . LYS A 1 26 ? 1.818   -15.644 -5.282  1.00 0.00  ? 29  LYS A HZ2  1 
ATOM   269  H HZ3  . LYS A 1 26 ? 1.143   -16.392 -3.923  1.00 0.00  ? 29  LYS A HZ3  1 
ATOM   270  N N    . LYS A 1 27 ? -5.437  -12.798 -0.808  1.00 21.91 ? 30  LYS A N    1 
ATOM   271  C CA   . LYS A 1 27 ? -6.739  -13.237 -0.293  1.00 22.50 ? 30  LYS A CA   1 
ATOM   272  C C    . LYS A 1 27 ? -7.864  -12.229 -0.501  1.00 22.00 ? 30  LYS A C    1 
ATOM   273  O O    . LYS A 1 27 ? -8.990  -12.644 -0.750  1.00 21.27 ? 30  LYS A O    1 
ATOM   274  C CB   . LYS A 1 27 ? -6.659  -13.620 1.186   1.00 23.91 ? 30  LYS A CB   1 
ATOM   275  C CG   . LYS A 1 27 ? -6.438  -12.460 2.138   1.00 30.91 ? 30  LYS A CG   1 
ATOM   276  C CD   . LYS A 1 27 ? -6.312  -12.964 3.573   1.00 35.19 ? 30  LYS A CD   1 
ATOM   277  C CE   . LYS A 1 27 ? -5.954  -11.841 4.554   1.00 36.53 ? 30  LYS A CE   1 
ATOM   278  N NZ   . LYS A 1 27 ? -7.097  -10.911 4.778   1.00 36.17 ? 30  LYS A NZ   1 
ATOM   279  H H    . LYS A 1 27 ? -4.706  -12.607 -0.186  1.00 0.00  ? 30  LYS A H    1 
ATOM   280  H HZ1  . LYS A 1 27 ? -7.427  -10.546 3.862   1.00 0.00  ? 30  LYS A HZ1  1 
ATOM   281  H HZ2  . LYS A 1 27 ? -7.873  -11.423 5.246   1.00 0.00  ? 30  LYS A HZ2  1 
ATOM   282  H HZ3  . LYS A 1 27 ? -6.791  -10.121 5.377   1.00 0.00  ? 30  LYS A HZ3  1 
ATOM   283  N N    . ASP A 1 28 ? -7.582  -10.911 -0.428  1.00 18.95 ? 31  ASP A N    1 
ATOM   284  C CA   . ASP A 1 28 ? -8.660  -9.939  -0.531  1.00 20.45 ? 31  ASP A CA   1 
ATOM   285  C C    . ASP A 1 28 ? -8.368  -8.726  -1.391  1.00 21.56 ? 31  ASP A C    1 
ATOM   286  O O    . ASP A 1 28 ? -9.197  -7.801  -1.445  1.00 23.45 ? 31  ASP A O    1 
ATOM   287  C CB   . ASP A 1 28 ? -9.071  -9.478  0.864   1.00 21.42 ? 31  ASP A CB   1 
ATOM   288  C CG   . ASP A 1 28 ? -7.898  -9.004  1.710   1.00 26.39 ? 31  ASP A CG   1 
ATOM   289  O OD1  . ASP A 1 28 ? -6.831  -8.662  1.138   1.00 25.20 ? 31  ASP A OD1  1 
ATOM   290  O OD2  . ASP A 1 28 ? -8.042  -8.978  2.941   1.00 24.41 ? 31  ASP A OD2  1 
ATOM   291  H H    . ASP A 1 28 ? -6.658  -10.614 -0.312  1.00 0.00  ? 31  ASP A H    1 
ATOM   292  N N    . ASP A 1 29 ? -7.212  -8.698  -2.043  1.00 21.07 ? 32  ASP A N    1 
ATOM   293  C CA   . ASP A 1 29 ? -6.841  -7.562  -2.890  1.00 21.22 ? 32  ASP A CA   1 
ATOM   294  C C    . ASP A 1 29 ? -6.630  -6.261  -2.127  1.00 20.57 ? 32  ASP A C    1 
ATOM   295  O O    . ASP A 1 29 ? -6.599  -5.186  -2.736  1.00 22.37 ? 32  ASP A O    1 
ATOM   296  C CB   . ASP A 1 29 ? -7.877  -7.312  -4.005  1.00 23.08 ? 32  ASP A CB   1 
ATOM   297  C CG   . ASP A 1 29 ? -7.880  -8.379  -5.082  1.00 25.24 ? 32  ASP A CG   1 
ATOM   298  O OD1  . ASP A 1 29 ? -6.926  -9.177  -5.137  1.00 26.63 ? 32  ASP A OD1  1 
ATOM   299  O OD2  . ASP A 1 29 ? -8.836  -8.419  -5.872  1.00 26.97 ? 32  ASP A OD2  1 
ATOM   300  H H    . ASP A 1 29 ? -6.598  -9.457  -1.966  1.00 0.00  ? 32  ASP A H    1 
ATOM   301  N N    . TRP A 1 30 ? -6.496  -6.315  -0.819  1.00 18.75 ? 33  TRP A N    1 
ATOM   302  C CA   . TRP A 1 30 ? -6.209  -5.080  -0.088  1.00 20.17 ? 33  TRP A CA   1 
ATOM   303  C C    . TRP A 1 30 ? -4.799  -4.644  -0.429  1.00 20.21 ? 33  TRP A C    1 
ATOM   304  O O    . TRP A 1 30 ? -3.961  -5.494  -0.746  1.00 20.80 ? 33  TRP A O    1 
ATOM   305  C CB   . TRP A 1 30 ? -6.334  -5.287  1.419   1.00 20.31 ? 33  TRP A CB   1 
ATOM   306  C CG   . TRP A 1 30 ? -7.754  -5.328  1.896   1.00 22.77 ? 33  TRP A CG   1 
ATOM   307  C CD1  . TRP A 1 30 ? -8.845  -5.836  1.226   1.00 23.36 ? 33  TRP A CD1  1 
ATOM   308  C CD2  . TRP A 1 30 ? -8.253  -4.782  3.131   1.00 23.95 ? 33  TRP A CD2  1 
ATOM   309  N NE1  . TRP A 1 30 ? -9.964  -5.619  1.981   1.00 22.96 ? 33  TRP A NE1  1 
ATOM   310  C CE2  . TRP A 1 30 ? -9.655  -4.988  3.145   1.00 22.56 ? 33  TRP A CE2  1 
ATOM   311  C CE3  . TRP A 1 30 ? -7.654  -4.140  4.221   1.00 22.29 ? 33  TRP A CE3  1 
ATOM   312  C CZ2  . TRP A 1 30 ? -10.464 -4.573  4.207   1.00 24.90 ? 33  TRP A CZ2  1 
ATOM   313  C CZ3  . TRP A 1 30 ? -8.463  -3.724  5.269   1.00 25.00 ? 33  TRP A CZ3  1 
ATOM   314  C CH2  . TRP A 1 30 ? -9.853  -3.944  5.258   1.00 24.02 ? 33  TRP A CH2  1 
ATOM   315  H H    . TRP A 1 30 ? -6.576  -7.163  -0.347  1.00 0.00  ? 33  TRP A H    1 
ATOM   316  H HE1  . TRP A 1 30 ? -10.873 -5.866  1.707   1.00 0.00  ? 33  TRP A HE1  1 
ATOM   317  N N    . VAL A 1 31 ? -4.530  -3.345  -0.365  1.00 20.68 ? 34  VAL A N    1 
ATOM   318  C CA   . VAL A 1 31 ? -3.200  -2.824  -0.714  1.00 18.96 ? 34  VAL A CA   1 
ATOM   319  C C    . VAL A 1 31 ? -2.622  -2.053  0.471   1.00 20.18 ? 34  VAL A C    1 
ATOM   320  O O    . VAL A 1 31 ? -3.370  -1.455  1.256   1.00 18.53 ? 34  VAL A O    1 
ATOM   321  C CB   . VAL A 1 31 ? -3.295  -1.882  -1.959  1.00 20.63 ? 34  VAL A CB   1 
ATOM   322  C CG1  . VAL A 1 31 ? -1.918  -1.351  -2.368  1.00 17.40 ? 34  VAL A CG1  1 
ATOM   323  C CG2  . VAL A 1 31 ? -3.949  -2.626  -3.123  1.00 19.03 ? 34  VAL A CG2  1 
ATOM   324  H H    . VAL A 1 31 ? -5.234  -2.721  -0.079  1.00 0.00  ? 34  VAL A H    1 
ATOM   325  N N    . ASN A 1 32 ? -1.295  -2.091  0.626   1.00 18.57 ? 35  ASN A N    1 
ATOM   326  C CA   . ASN A 1 32 ? -0.637  -1.365  1.706   1.00 18.84 ? 35  ASN A CA   1 
ATOM   327  C C    . ASN A 1 32 ? -0.598  0.129   1.353   1.00 19.27 ? 35  ASN A C    1 
ATOM   328  O O    . ASN A 1 32 ? 0.142   0.535   0.472   1.00 20.41 ? 35  ASN A O    1 
ATOM   329  C CB   . ASN A 1 32 ? 0.782   -1.920  1.896   1.00 18.29 ? 35  ASN A CB   1 
ATOM   330  C CG   . ASN A 1 32 ? 1.458   -1.446  3.175   1.00 19.87 ? 35  ASN A CG   1 
ATOM   331  O OD1  . ASN A 1 32 ? 1.326   -0.282  3.576   1.00 23.76 ? 35  ASN A OD1  1 
ATOM   332  N ND2  . ASN A 1 32 ? 2.171   -2.334  3.845   1.00 17.21 ? 35  ASN A ND2  1 
ATOM   333  H H    . ASN A 1 32 ? -0.755  -2.619  0.000   1.00 0.00  ? 35  ASN A H    1 
ATOM   334  N N    . ALA A 1 33 ? -1.398  0.940   2.032   1.00 18.30 ? 36  ALA A N    1 
ATOM   335  C CA   . ALA A 1 33 ? -1.491  2.369   1.712   1.00 20.19 ? 36  ALA A CA   1 
ATOM   336  C C    . ALA A 1 33 ? -0.216  3.131   2.061   1.00 20.67 ? 36  ALA A C    1 
ATOM   337  O O    . ALA A 1 33 ? 0.054   4.182   1.484   1.00 21.70 ? 36  ALA A O    1 
ATOM   338  C CB   . ALA A 1 33 ? -2.686  3.000   2.438   1.00 20.68 ? 36  ALA A CB   1 
ATOM   339  H H    . ALA A 1 33 ? -1.951  0.573   2.749   1.00 0.00  ? 36  ALA A H    1 
ATOM   340  N N    . THR A 1 34 ? 0.545   2.628   3.036   1.00 20.05 ? 37  THR A N    1 
ATOM   341  C CA   . THR A 1 34 ? 1.822   3.245   3.392   1.00 21.46 ? 37  THR A CA   1 
ATOM   342  C C    . THR A 1 34 ? 2.796   3.170   2.187   1.00 23.26 ? 37  THR A C    1 
ATOM   343  O O    . THR A 1 34 ? 3.526   4.130   1.873   1.00 22.30 ? 37  THR A O    1 
ATOM   344  C CB   . THR A 1 34 ? 2.442   2.520   4.602   1.00 22.61 ? 37  THR A CB   1 
ATOM   345  O OG1  . THR A 1 34 ? 1.479   2.447   5.663   1.00 21.49 ? 37  THR A OG1  1 
ATOM   346  C CG2  . THR A 1 34 ? 3.691   3.251   5.084   1.00 24.86 ? 37  THR A CG2  1 
ATOM   347  H H    . THR A 1 34 ? 0.232   1.845   3.530   1.00 0.00  ? 37  THR A H    1 
ATOM   348  H HG1  . THR A 1 34 ? 1.195   3.341   5.897   1.00 0.00  ? 37  THR A HG1  1 
ATOM   349  N N    . HIS A 1 35 ? 2.785   2.012   1.503   1.00 22.61 ? 38  HIS A N    1 
ATOM   350  C CA   . HIS A 1 35 ? 3.587   1.829   0.306   1.00 22.32 ? 38  HIS A CA   1 
ATOM   351  C C    . HIS A 1 35 ? 3.147   2.805   -0.787  1.00 23.66 ? 38  HIS A C    1 
ATOM   352  O O    . HIS A 1 35 ? 3.964   3.282   -1.574  1.00 24.58 ? 38  HIS A O    1 
ATOM   353  C CB   . HIS A 1 35 ? 3.431   0.412   -0.221  1.00 20.45 ? 38  HIS A CB   1 
ATOM   354  C CG   . HIS A 1 35 ? 3.987   -0.642  0.665   1.00 20.07 ? 38  HIS A CG   1 
ATOM   355  N ND1  . HIS A 1 35 ? 3.735   -1.986  0.469   1.00 19.75 ? 38  HIS A ND1  1 
ATOM   356  C CD2  . HIS A 1 35 ? 4.748   -0.574  1.779   1.00 20.62 ? 38  HIS A CD2  1 
ATOM   357  C CE1  . HIS A 1 35 ? 4.302   -2.722  1.403   1.00 21.58 ? 38  HIS A CE1  1 
ATOM   358  N NE2  . HIS A 1 35 ? 4.915   -1.869  2.200   1.00 21.07 ? 38  HIS A NE2  1 
ATOM   359  H H    . HIS A 1 35 ? 2.223   1.276   1.817   1.00 0.00  ? 38  HIS A H    1 
ATOM   360  H HD1  . HIS A 1 35 ? 3.201   -2.344  -0.262  1.00 0.00  ? 38  HIS A HD1  1 
ATOM   361  H HE2  . HIS A 1 35 ? 5.410   -2.128  3.012   1.00 0.00  ? 38  HIS A HE2  1 
ATOM   362  N N    . ILE A 1 36 ? 1.852   3.063   -0.875  1.00 22.79 ? 39  ILE A N    1 
ATOM   363  C CA   . ILE A 1 36 ? 1.346   4.027   -1.860  1.00 25.79 ? 39  ILE A CA   1 
ATOM   364  C C    . ILE A 1 36 ? 1.895   5.438   -1.549  1.00 27.01 ? 39  ILE A C    1 
ATOM   365  O O    . ILE A 1 36 ? 2.255   6.198   -2.455  1.00 27.50 ? 39  ILE A O    1 
ATOM   366  C CB   . ILE A 1 36 ? -0.212  4.073   -1.854  1.00 25.78 ? 39  ILE A CB   1 
ATOM   367  C CG1  . ILE A 1 36 ? -0.772  2.775   -2.443  1.00 25.82 ? 39  ILE A CG1  1 
ATOM   368  C CG2  . ILE A 1 36 ? -0.724  5.273   -2.634  1.00 25.83 ? 39  ILE A CG2  1 
ATOM   369  C CD1  . ILE A 1 36 ? -2.282  2.691   -2.390  1.00 26.05 ? 39  ILE A CD1  1 
ATOM   370  H H    . ILE A 1 36 ? 1.222   2.603   -0.282  1.00 0.00  ? 39  ILE A H    1 
ATOM   371  N N    . LEU A 1 37 ? 1.948   5.774   -0.262  1.00 27.04 ? 40  LEU A N    1 
ATOM   372  C CA   . LEU A 1 37 ? 2.428   7.084   0.159   1.00 28.05 ? 40  LEU A CA   1 
ATOM   373  C C    . LEU A 1 37 ? 3.940   7.199   -0.011  1.00 28.75 ? 40  LEU A C    1 
ATOM   374  O O    . LEU A 1 37 ? 4.458   8.275   -0.347  1.00 29.82 ? 40  LEU A O    1 
ATOM   375  C CB   . LEU A 1 37 ? 2.015   7.354   1.609   1.00 27.15 ? 40  LEU A CB   1 
ATOM   376  C CG   . LEU A 1 37 ? 0.509   7.394   1.871   1.00 27.87 ? 40  LEU A CG   1 
ATOM   377  C CD1  . LEU A 1 37 ? 0.243   7.723   3.320   1.00 26.87 ? 40  LEU A CD1  1 
ATOM   378  C CD2  . LEU A 1 37 ? -0.152  8.416   0.955   1.00 27.13 ? 40  LEU A CD2  1 
ATOM   379  H H    . LEU A 1 37 ? 1.651   5.129   0.416   1.00 0.00  ? 40  LEU A H    1 
ATOM   380  N N    . LYS A 1 38 ? 4.653   6.111   0.211   1.00 29.67 ? 41  LYS A N    1 
ATOM   381  C CA   . LYS A 1 38 ? 6.089   6.120   -0.037  1.00 32.88 ? 41  LYS A CA   1 
ATOM   382  C C    . LYS A 1 38 ? 6.362   6.317   -1.537  1.00 32.92 ? 41  LYS A C    1 
ATOM   383  O O    . LYS A 1 38 ? 7.320   6.986   -1.916  1.00 33.65 ? 41  LYS A O    1 
ATOM   384  C CB   . LYS A 1 38 ? 6.745   4.821   0.443   1.00 35.05 ? 41  LYS A CB   1 
ATOM   385  C CG   . LYS A 1 38 ? 6.738   4.643   1.948   1.00 40.79 ? 41  LYS A CG   1 
ATOM   386  C CD   . LYS A 1 38 ? 7.675   3.525   2.382   1.00 45.43 ? 41  LYS A CD   1 
ATOM   387  C CE   . LYS A 1 38 ? 7.680   3.388   3.898   1.00 49.42 ? 41  LYS A CE   1 
ATOM   388  N NZ   . LYS A 1 38 ? 8.600   2.320   4.366   1.00 52.09 ? 41  LYS A NZ   1 
ATOM   389  H H    . LYS A 1 38 ? 4.218   5.302   0.544   1.00 0.00  ? 41  LYS A H    1 
ATOM   390  H HZ1  . LYS A 1 38 ? 8.311   1.409   3.957   1.00 0.00  ? 41  LYS A HZ1  1 
ATOM   391  H HZ2  . LYS A 1 38 ? 9.571   2.543   4.066   1.00 0.00  ? 41  LYS A HZ2  1 
ATOM   392  H HZ3  . LYS A 1 38 ? 8.561   2.265   5.403   1.00 0.00  ? 41  LYS A HZ3  1 
ATOM   393  N N    . ALA A 1 39 ? 5.504   5.741   -2.383  1.00 32.20 ? 42  ALA A N    1 
ATOM   394  C CA   . ALA A 1 39 ? 5.642   5.884   -3.827  1.00 32.15 ? 42  ALA A CA   1 
ATOM   395  C C    . ALA A 1 39 ? 5.436   7.337   -4.268  1.00 33.55 ? 42  ALA A C    1 
ATOM   396  O O    . ALA A 1 39 ? 6.021   7.774   -5.255  1.00 33.31 ? 42  ALA A O    1 
ATOM   397  C CB   . ALA A 1 39 ? 4.662   4.958   -4.542  1.00 31.12 ? 42  ALA A CB   1 
ATOM   398  H H    . ALA A 1 39 ? 4.767   5.201   -2.025  1.00 0.00  ? 42  ALA A H    1 
ATOM   399  N N    . ALA A 1 40 ? 4.603   8.088   -3.533  1.00 34.01 ? 43  ALA A N    1 
ATOM   400  C CA   . ALA A 1 40 ? 4.381   9.503   -3.835  1.00 34.26 ? 43  ALA A CA   1 
ATOM   401  C C    . ALA A 1 40 ? 5.562   10.378  -3.341  1.00 35.09 ? 43  ALA A C    1 
ATOM   402  O O    . ALA A 1 40 ? 5.515   11.605  -3.433  1.00 36.00 ? 43  ALA A O    1 
ATOM   403  C CB   . ALA A 1 40 ? 3.072   9.971   -3.210  1.00 32.11 ? 43  ALA A CB   1 
ATOM   404  H H    . ALA A 1 40 ? 4.126   7.678   -2.782  1.00 0.00  ? 43  ALA A H    1 
ATOM   405  N N    . ASN A 1 41 ? 6.595   9.728   -2.799  1.00 35.94 ? 44  ASN A N    1 
ATOM   406  C CA   . ASN A 1 41 ? 7.817   10.409  -2.346  1.00 37.87 ? 44  ASN A CA   1 
ATOM   407  C C    . ASN A 1 41 ? 7.613   11.276  -1.096  1.00 36.65 ? 44  ASN A C    1 
ATOM   408  O O    . ASN A 1 41 ? 8.355   12.239  -0.859  1.00 37.27 ? 44  ASN A O    1 
ATOM   409  C CB   . ASN A 1 41 ? 8.406   11.237  -3.486  1.00 41.40 ? 44  ASN A CB   1 
ATOM   410  C CG   . ASN A 1 41 ? 8.735   10.379  -4.695  1.00 46.56 ? 44  ASN A CG   1 
ATOM   411  O OD1  . ASN A 1 41 ? 8.127   10.514  -5.766  1.00 49.78 ? 44  ASN A OD1  1 
ATOM   412  N ND2  . ASN A 1 41 ? 9.694   9.480   -4.528  1.00 48.00 ? 44  ASN A ND2  1 
ATOM   413  H H    . ASN A 1 41 ? 6.537   8.759   -2.698  1.00 0.00  ? 44  ASN A H    1 
ATOM   414  H HD21 . ASN A 1 41 ? 9.933   8.907   -5.283  1.00 0.00  ? 44  ASN A HD21 1 
ATOM   415  H HD22 . ASN A 1 41 ? 10.132  9.427   -3.652  1.00 0.00  ? 44  ASN A HD22 1 
ATOM   416  N N    . PHE A 1 42 ? 6.643   10.906  -0.274  1.00 33.67 ? 45  PHE A N    1 
ATOM   417  C CA   . PHE A 1 42 ? 6.366   11.638  0.939   1.00 31.23 ? 45  PHE A CA   1 
ATOM   418  C C    . PHE A 1 42 ? 7.237   11.162  2.082   1.00 31.80 ? 45  PHE A C    1 
ATOM   419  O O    . PHE A 1 42 ? 7.437   9.975   2.270   1.00 32.20 ? 45  PHE A O    1 
ATOM   420  C CB   . PHE A 1 42 ? 4.900   11.489  1.307   1.00 31.12 ? 45  PHE A CB   1 
ATOM   421  C CG   . PHE A 1 42 ? 3.977   12.192  0.355   1.00 33.41 ? 45  PHE A CG   1 
ATOM   422  C CD1  . PHE A 1 42 ? 4.407   13.323  -0.355  1.00 32.61 ? 45  PHE A CD1  1 
ATOM   423  C CD2  . PHE A 1 42 ? 2.654   11.767  0.200   1.00 33.98 ? 45  PHE A CD2  1 
ATOM   424  C CE1  . PHE A 1 42 ? 3.544   14.008  -1.195  1.00 32.35 ? 45  PHE A CE1  1 
ATOM   425  C CE2  . PHE A 1 42 ? 1.782   12.455  -0.645  1.00 34.17 ? 45  PHE A CE2  1 
ATOM   426  C CZ   . PHE A 1 42 ? 2.226   13.577  -1.338  1.00 33.76 ? 45  PHE A CZ   1 
ATOM   427  H H    . PHE A 1 42 ? 6.107   10.112  -0.488  1.00 0.00  ? 45  PHE A H    1 
ATOM   428  N N    . ALA A 1 43 ? 7.763   12.100  2.838   1.00 31.48 ? 46  ALA A N    1 
ATOM   429  C CA   . ALA A 1 43 ? 8.579   11.783  3.987   1.00 30.26 ? 46  ALA A CA   1 
ATOM   430  C C    . ALA A 1 43 ? 7.712   11.208  5.093   1.00 30.35 ? 46  ALA A C    1 
ATOM   431  O O    . ALA A 1 43 ? 6.507   11.444  5.141   1.00 28.10 ? 46  ALA A O    1 
ATOM   432  C CB   . ALA A 1 43 ? 9.290   13.045  4.492   1.00 30.02 ? 46  ALA A CB   1 
ATOM   433  H H    . ALA A 1 43 ? 7.591   13.039  2.621   1.00 0.00  ? 46  ALA A H    1 
ATOM   434  N N    . LYS A 1 44 ? 8.364   10.515  6.012   1.00 32.10 ? 47  LYS A N    1 
ATOM   435  C CA   . LYS A 1 44 ? 7.701   9.830   7.114   1.00 32.24 ? 47  LYS A CA   1 
ATOM   436  C C    . LYS A 1 44 ? 6.708   10.680  7.897   1.00 30.73 ? 47  LYS A C    1 
ATOM   437  O O    . LYS A 1 44 ? 5.555   10.283  8.071   1.00 30.50 ? 47  LYS A O    1 
ATOM   438  C CB   . LYS A 1 44 ? 8.769   9.260   8.054   1.00 37.40 ? 47  LYS A CB   1 
ATOM   439  C CG   . LYS A 1 44 ? 8.188   8.644   9.300   1.00 42.56 ? 47  LYS A CG   1 
ATOM   440  C CD   . LYS A 1 44 ? 9.240   7.939   10.120  1.00 46.91 ? 47  LYS A CD   1 
ATOM   441  C CE   . LYS A 1 44 ? 8.558   7.119   11.195  1.00 50.20 ? 47  LYS A CE   1 
ATOM   442  N NZ   . LYS A 1 44 ? 7.490   6.244   10.618  1.00 52.19 ? 47  LYS A NZ   1 
ATOM   443  H H    . LYS A 1 44 ? 9.338   10.458  5.949   1.00 0.00  ? 47  LYS A H    1 
ATOM   444  H HZ1  . LYS A 1 44 ? 7.909   5.607   9.912   1.00 0.00  ? 47  LYS A HZ1  1 
ATOM   445  H HZ2  . LYS A 1 44 ? 7.055   5.682   11.377  1.00 0.00  ? 47  LYS A HZ2  1 
ATOM   446  H HZ3  . LYS A 1 44 ? 6.763   6.834   10.163  1.00 0.00  ? 47  LYS A HZ3  1 
ATOM   447  N N    . ALA A 1 45 ? 7.134   11.838  8.400   1.00 29.18 ? 48  ALA A N    1 
ATOM   448  C CA   . ALA A 1 45 ? 6.219   12.673  9.175   1.00 27.07 ? 48  ALA A CA   1 
ATOM   449  C C    . ALA A 1 45 ? 4.976   13.053  8.362   1.00 26.43 ? 48  ALA A C    1 
ATOM   450  O O    . ALA A 1 45 ? 3.860   13.087  8.892   1.00 26.30 ? 48  ALA A O    1 
ATOM   451  C CB   . ALA A 1 45 ? 6.935   13.919  9.656   1.00 27.43 ? 48  ALA A CB   1 
ATOM   452  H H    . ALA A 1 45 ? 8.057   12.128  8.250   1.00 0.00  ? 48  ALA A H    1 
ATOM   453  N N    . LYS A 1 46 ? 5.161   13.335  7.069   1.00 25.81 ? 49  LYS A N    1 
ATOM   454  C CA   . LYS A 1 46 ? 4.025   13.680  6.228   1.00 25.14 ? 49  LYS A CA   1 
ATOM   455  C C    . LYS A 1 46 ? 3.149   12.438  5.945   1.00 26.02 ? 49  LYS A C    1 
ATOM   456  O O    . LYS A 1 46 ? 1.917   12.519  6.015   1.00 26.28 ? 49  LYS A O    1 
ATOM   457  C CB   . LYS A 1 46 ? 4.501   14.332  4.915   1.00 23.26 ? 49  LYS A CB   1 
ATOM   458  C CG   . LYS A 1 46 ? 3.360   14.802  4.033   1.00 21.88 ? 49  LYS A CG   1 
ATOM   459  C CD   . LYS A 1 46 ? 3.848   15.534  2.811   1.00 21.75 ? 49  LYS A CD   1 
ATOM   460  C CE   . LYS A 1 46 ? 2.666   15.937  1.943   1.00 23.25 ? 49  LYS A CE   1 
ATOM   461  N NZ   . LYS A 1 46 ? 3.070   16.770  0.771   1.00 25.36 ? 49  LYS A NZ   1 
ATOM   462  H H    . LYS A 1 46 ? 6.060   13.310  6.687   1.00 0.00  ? 49  LYS A H    1 
ATOM   463  H HZ1  . LYS A 1 46 ? 3.594   17.606  1.103   1.00 0.00  ? 49  LYS A HZ1  1 
ATOM   464  H HZ2  . LYS A 1 46 ? 3.675   16.210  0.139   1.00 0.00  ? 49  LYS A HZ2  1 
ATOM   465  H HZ3  . LYS A 1 46 ? 2.221   17.076  0.256   1.00 0.00  ? 49  LYS A HZ3  1 
ATOM   466  N N    . ARG A 1 47 ? 3.765   11.290  5.638   1.00 26.65 ? 50  ARG A N    1 
ATOM   467  C CA   . ARG A 1 47 ? 2.974   10.070  5.413   1.00 28.25 ? 50  ARG A CA   1 
ATOM   468  C C    . ARG A 1 47 ? 2.091   9.797   6.631   1.00 29.71 ? 50  ARG A C    1 
ATOM   469  O O    . ARG A 1 47 ? 0.904   9.496   6.488   1.00 29.79 ? 50  ARG A O    1 
ATOM   470  C CB   . ARG A 1 47 ? 3.859   8.839   5.160   1.00 28.86 ? 50  ARG A CB   1 
ATOM   471  C CG   . ARG A 1 47 ? 4.676   8.867   3.875   1.00 29.69 ? 50  ARG A CG   1 
ATOM   472  C CD   . ARG A 1 47 ? 5.253   7.489   3.551   1.00 31.10 ? 50  ARG A CD   1 
ATOM   473  N NE   . ARG A 1 47 ? 5.995   6.906   4.673   1.00 33.71 ? 50  ARG A NE   1 
ATOM   474  C CZ   . ARG A 1 47 ? 7.327   6.916   4.764   1.00 32.93 ? 50  ARG A CZ   1 
ATOM   475  N NH1  . ARG A 1 47 ? 8.064   7.439   3.807   1.00 33.08 ? 50  ARG A NH1  1 
ATOM   476  N NH2  . ARG A 1 47 ? 7.914   6.393   5.821   1.00 34.05 ? 50  ARG A NH2  1 
ATOM   477  H H    . ARG A 1 47 ? 4.741   11.262  5.565   1.00 0.00  ? 50  ARG A H    1 
ATOM   478  H HE   . ARG A 1 47 ? 5.484   6.484   5.397   1.00 0.00  ? 50  ARG A HE   1 
ATOM   479  H HH11 . ARG A 1 47 ? 7.629   7.835   2.998   1.00 0.00  ? 50  ARG A HH11 1 
ATOM   480  H HH12 . ARG A 1 47 ? 9.060   7.435   3.885   1.00 0.00  ? 50  ARG A HH12 1 
ATOM   481  H HH21 . ARG A 1 47 ? 7.363   5.999   6.556   1.00 0.00  ? 50  ARG A HH21 1 
ATOM   482  H HH22 . ARG A 1 47 ? 8.910   6.409   5.897   1.00 0.00  ? 50  ARG A HH22 1 
ATOM   483  N N    . THR A 1 48 ? 2.657   9.906   7.829   1.00 30.60 ? 51  THR A N    1 
ATOM   484  C CA   . THR A 1 48 ? 1.867   9.710   9.037   1.00 34.13 ? 51  THR A CA   1 
ATOM   485  C C    . THR A 1 48 ? 0.681   10.685  9.091   1.00 36.23 ? 51  THR A C    1 
ATOM   486  O O    . THR A 1 48 ? -0.441  10.274  9.376   1.00 37.79 ? 51  THR A O    1 
ATOM   487  C CB   . THR A 1 48 ? 2.715   9.894   10.313  1.00 34.90 ? 51  THR A CB   1 
ATOM   488  O OG1  . THR A 1 48 ? 3.817   8.981   10.291  1.00 37.41 ? 51  THR A OG1  1 
ATOM   489  C CG2  . THR A 1 48 ? 1.878   9.626   11.554  1.00 34.97 ? 51  THR A CG2  1 
ATOM   490  H H    . THR A 1 48 ? 3.612   10.120  7.898   1.00 0.00  ? 51  THR A H    1 
ATOM   491  H HG1  . THR A 1 48 ? 3.496   8.095   10.100  1.00 0.00  ? 51  THR A HG1  1 
ATOM   492  N N    . ARG A 1 49 ? 0.931   11.971  8.808   1.00 36.91 ? 52  ARG A N    1 
ATOM   493  C CA   . ARG A 1 49 ? -0.129  12.974  8.843   1.00 37.18 ? 52  ARG A CA   1 
ATOM   494  C C    . ARG A 1 49 ? -1.245  12.610  7.902   1.00 36.76 ? 52  ARG A C    1 
ATOM   495  O O    . ARG A 1 49 ? -2.417  12.669  8.262   1.00 36.25 ? 52  ARG A O    1 
ATOM   496  C CB   . ARG A 1 49 ? 0.402   14.369  8.465   1.00 40.06 ? 52  ARG A CB   1 
ATOM   497  C CG   . ARG A 1 49 ? 0.984   15.138  9.635   1.00 46.55 ? 52  ARG A CG   1 
ATOM   498  C CD   . ARG A 1 49 ? 1.351   16.576  9.269   1.00 50.64 ? 52  ARG A CD   1 
ATOM   499  N NE   . ARG A 1 49 ? 2.598   16.670  8.495   1.00 54.17 ? 52  ARG A NE   1 
ATOM   500  C CZ   . ARG A 1 49 ? 2.648   17.203  7.275   1.00 55.29 ? 52  ARG A CZ   1 
ATOM   501  N NH1  . ARG A 1 49 ? 1.542   17.672  6.713   1.00 55.77 ? 52  ARG A NH1  1 
ATOM   502  N NH2  . ARG A 1 49 ? 3.795   17.265  6.620   1.00 54.72 ? 52  ARG A NH2  1 
ATOM   503  H H    . ARG A 1 49 ? 1.842   12.242  8.568   1.00 0.00  ? 52  ARG A H    1 
ATOM   504  H HE   . ARG A 1 49 ? 3.424   16.325  8.891   1.00 0.00  ? 52  ARG A HE   1 
ATOM   505  H HH11 . ARG A 1 49 ? 0.671   17.618  7.200   1.00 0.00  ? 52  ARG A HH11 1 
ATOM   506  H HH12 . ARG A 1 49 ? 1.572   18.058  5.796   1.00 0.00  ? 52  ARG A HH12 1 
ATOM   507  H HH21 . ARG A 1 49 ? 4.631   16.908  7.037   1.00 0.00  ? 52  ARG A HH21 1 
ATOM   508  H HH22 . ARG A 1 49 ? 3.826   17.663  5.702   1.00 0.00  ? 52  ARG A HH22 1 
ATOM   509  N N    . ILE A 1 50 ? -0.880  12.225  6.694   1.00 35.47 ? 53  ILE A N    1 
ATOM   510  C CA   . ILE A 1 50 ? -1.870  11.863  5.704   1.00 34.72 ? 53  ILE A CA   1 
ATOM   511  C C    . ILE A 1 50 ? -2.641  10.592  6.111   1.00 36.40 ? 53  ILE A C    1 
ATOM   512  O O    . ILE A 1 50 ? -3.866  10.535  5.966   1.00 35.83 ? 53  ILE A O    1 
ATOM   513  C CB   . ILE A 1 50 ? -1.222  11.687  4.324   1.00 32.23 ? 53  ILE A CB   1 
ATOM   514  C CG1  . ILE A 1 50 ? -0.662  13.046  3.865   1.00 29.11 ? 53  ILE A CG1  1 
ATOM   515  C CG2  . ILE A 1 50 ? -2.248  11.153  3.336   1.00 31.92 ? 53  ILE A CG2  1 
ATOM   516  C CD1  . ILE A 1 50 ? 0.080   13.013  2.549   1.00 26.86 ? 53  ILE A CD1  1 
ATOM   517  H H    . ILE A 1 50 ? 0.073   12.179  6.469   1.00 0.00  ? 53  ILE A H    1 
ATOM   518  N N    . LEU A 1 51 ? -1.943  9.590   6.640   1.00 37.08 ? 54  LEU A N    1 
ATOM   519  C CA   . LEU A 1 51 ? -2.625  8.391   7.088   1.00 40.29 ? 54  LEU A CA   1 
ATOM   520  C C    . LEU A 1 51 ? -3.629  8.755   8.171   1.00 44.75 ? 54  LEU A C    1 
ATOM   521  O O    . LEU A 1 51 ? -4.809  8.417   8.058   1.00 46.69 ? 54  LEU A O    1 
ATOM   522  C CB   . LEU A 1 51 ? -1.635  7.336   7.595   1.00 36.32 ? 54  LEU A CB   1 
ATOM   523  C CG   . LEU A 1 51 ? -0.805  6.604   6.511   1.00 35.63 ? 54  LEU A CG   1 
ATOM   524  C CD1  . LEU A 1 51 ? 0.278   5.767   7.162   1.00 35.47 ? 54  LEU A CD1  1 
ATOM   525  C CD2  . LEU A 1 51 ? -1.696  5.734   5.628   1.00 32.30 ? 54  LEU A CD2  1 
ATOM   526  H H    . LEU A 1 51 ? -0.968  9.659   6.722   1.00 0.00  ? 54  LEU A H    1 
ATOM   527  N N    . GLU A 1 52 ? -3.187  9.504   9.177   1.00 48.95 ? 55  GLU A N    1 
ATOM   528  C CA   . GLU A 1 52 ? -4.079  9.901   10.270  1.00 53.87 ? 55  GLU A CA   1 
ATOM   529  C C    . GLU A 1 52 ? -5.254  10.785  9.830   1.00 55.01 ? 55  GLU A C    1 
ATOM   530  O O    . GLU A 1 52 ? -6.290  10.790  10.492  1.00 56.05 ? 55  GLU A O    1 
ATOM   531  C CB   . GLU A 1 52 ? -3.312  10.602  11.384  1.00 56.02 ? 55  GLU A CB   1 
ATOM   532  C CG   . GLU A 1 52 ? -2.534  9.658   12.290  1.00 61.71 ? 55  GLU A CG   1 
ATOM   533  C CD   . GLU A 1 52 ? -1.900  10.367  13.480  1.00 65.77 ? 55  GLU A CD   1 
ATOM   534  O OE1  . GLU A 1 52 ? -2.393  11.460  13.862  1.00 67.68 ? 55  GLU A OE1  1 
ATOM   535  O OE2  . GLU A 1 52 ? -0.909  9.832   14.039  1.00 67.99 ? 55  GLU A OE2  1 
ATOM   536  H H    . GLU A 1 52 ? -2.252  9.798   9.186   1.00 0.00  ? 55  GLU A H    1 
ATOM   537  N N    . LYS A 1 53 ? -5.133  11.508  8.723   1.00 56.16 ? 56  LYS A N    1 
ATOM   538  C CA   . LYS A 1 53 ? -6.223  12.391  8.327   1.00 57.49 ? 56  LYS A CA   1 
ATOM   539  C C    . LYS A 1 53 ? -7.069  11.827  7.189   1.00 57.70 ? 56  LYS A C    1 
ATOM   540  O O    . LYS A 1 53 ? -8.294  11.913  7.221   1.00 58.88 ? 56  LYS A O    1 
ATOM   541  C CB   . LYS A 1 53 ? -5.699  13.776  7.922   1.00 59.37 ? 56  LYS A CB   1 
ATOM   542  C CG   . LYS A 1 53 ? -4.673  14.400  8.861   1.00 60.92 ? 56  LYS A CG   1 
ATOM   543  C CD   . LYS A 1 53 ? -5.123  14.396  10.308  1.00 62.11 ? 56  LYS A CD   1 
ATOM   544  C CE   . LYS A 1 53 ? -3.994  14.856  11.211  1.00 62.44 ? 56  LYS A CE   1 
ATOM   545  N NZ   . LYS A 1 53 ? -4.197  14.423  12.621  1.00 63.21 ? 56  LYS A NZ   1 
ATOM   546  H H    . LYS A 1 53 ? -4.314  11.458  8.183   1.00 0.00  ? 56  LYS A H    1 
ATOM   547  H HZ1  . LYS A 1 53 ? -5.091  14.815  12.979  1.00 0.00  ? 56  LYS A HZ1  1 
ATOM   548  H HZ2  . LYS A 1 53 ? -4.235  13.384  12.664  1.00 0.00  ? 56  LYS A HZ2  1 
ATOM   549  H HZ3  . LYS A 1 53 ? -3.409  14.767  13.207  1.00 0.00  ? 56  LYS A HZ3  1 
ATOM   550  N N    . GLU A 1 54 ? -6.426  11.267  6.183   1.00 57.07 ? 57  GLU A N    1 
ATOM   551  C CA   . GLU A 1 54 ? -7.146  10.778  5.007   1.00 56.65 ? 57  GLU A CA   1 
ATOM   552  C C    . GLU A 1 54 ? -7.507  9.276   5.042   1.00 54.52 ? 57  GLU A C    1 
ATOM   553  O O    . GLU A 1 54 ? -8.486  8.850   4.402   1.00 54.61 ? 57  GLU A O    1 
ATOM   554  C CB   . GLU A 1 54 ? -6.324  11.057  3.735   1.00 59.13 ? 57  GLU A CB   1 
ATOM   555  C CG   . GLU A 1 54 ? -6.392  12.483  3.205   1.00 63.67 ? 57  GLU A CG   1 
ATOM   556  C CD   . GLU A 1 54 ? -5.914  13.516  4.203   1.00 67.30 ? 57  GLU A CD   1 
ATOM   557  O OE1  . GLU A 1 54 ? -4.686  13.691  4.343   1.00 69.12 ? 57  GLU A OE1  1 
ATOM   558  O OE2  . GLU A 1 54 ? -6.770  14.159  4.851   1.00 70.26 ? 57  GLU A OE2  1 
ATOM   559  H H    . GLU A 1 54 ? -5.458  11.183  6.223   1.00 0.00  ? 57  GLU A H    1 
ATOM   560  N N    . VAL A 1 55 ? -6.757  8.464   5.785   1.00 49.63 ? 58  VAL A N    1 
ATOM   561  C CA   . VAL A 1 55 ? -6.945  7.028   5.670   1.00 44.43 ? 58  VAL A CA   1 
ATOM   562  C C    . VAL A 1 55 ? -7.551  6.343   6.905   1.00 42.78 ? 58  VAL A C    1 
ATOM   563  O O    . VAL A 1 55 ? -8.366  5.426   6.758   1.00 40.70 ? 58  VAL A O    1 
ATOM   564  C CB   . VAL A 1 55 ? -5.605  6.358   5.266   1.00 43.06 ? 58  VAL A CB   1 
ATOM   565  C CG1  . VAL A 1 55 ? -5.803  4.880   4.985   1.00 40.87 ? 58  VAL A CG1  1 
ATOM   566  C CG2  . VAL A 1 55 ? -5.041  7.053   4.034   1.00 40.46 ? 58  VAL A CG2  1 
ATOM   567  H H    . VAL A 1 55 ? -6.088  8.831   6.402   1.00 0.00  ? 58  VAL A H    1 
ATOM   568  N N    . LEU A 1 56 ? -7.189  6.775   8.111   1.00 39.75 ? 59  LEU A N    1 
ATOM   569  C CA   . LEU A 1 56 ? -7.697  6.112   9.310   1.00 38.99 ? 59  LEU A CA   1 
ATOM   570  C C    . LEU A 1 56 ? -9.219  6.249   9.492   1.00 38.81 ? 59  LEU A C    1 
ATOM   571  O O    . LEU A 1 56 ? -9.823  5.482   10.246  1.00 38.40 ? 59  LEU A O    1 
ATOM   572  C CB   . LEU A 1 56 ? -6.967  6.600   10.560  1.00 40.26 ? 59  LEU A CB   1 
ATOM   573  C CG   . LEU A 1 56 ? -5.465  6.283   10.675  1.00 42.18 ? 59  LEU A CG   1 
ATOM   574  C CD1  . LEU A 1 56 ? -4.932  6.849   11.984  1.00 43.46 ? 59  LEU A CD1  1 
ATOM   575  C CD2  . LEU A 1 56 ? -5.212  4.786   10.628  1.00 40.89 ? 59  LEU A CD2  1 
ATOM   576  H H    . LEU A 1 56 ? -6.575  7.535   8.194   1.00 0.00  ? 59  LEU A H    1 
ATOM   577  N N    . LYS A 1 57 ? -9.852  7.207   8.810   1.00 37.98 ? 60  LYS A N    1 
ATOM   578  C CA   . LYS A 1 57 ? -11.319 7.334   8.882   1.00 38.59 ? 60  LYS A CA   1 
ATOM   579  C C    . LYS A 1 57 ? -11.997 6.406   7.855   1.00 36.39 ? 60  LYS A C    1 
ATOM   580  O O    . LYS A 1 57 ? -13.208 6.368   7.721   1.00 35.79 ? 60  LYS A O    1 
ATOM   581  C CB   . LYS A 1 57 ? -11.753 8.798   8.671   1.00 41.34 ? 60  LYS A CB   1 
ATOM   582  C CG   . LYS A 1 57 ? -11.284 9.446   7.369   1.00 47.49 ? 60  LYS A CG   1 
ATOM   583  C CD   . LYS A 1 57 ? -11.795 10.889  7.267   1.00 50.85 ? 60  LYS A CD   1 
ATOM   584  C CE   . LYS A 1 57 ? -11.721 11.444  5.841   1.00 53.27 ? 60  LYS A CE   1 
ATOM   585  N NZ   . LYS A 1 57 ? -10.320 11.656  5.375   1.00 54.66 ? 60  LYS A NZ   1 
ATOM   586  H H    . LYS A 1 57 ? -9.339  7.832   8.261   1.00 0.00  ? 60  LYS A H    1 
ATOM   587  H HZ1  . LYS A 1 57 ? -9.803  10.755  5.418   1.00 0.00  ? 60  LYS A HZ1  1 
ATOM   588  H HZ2  . LYS A 1 57 ? -10.328 12.007  4.396   1.00 0.00  ? 60  LYS A HZ2  1 
ATOM   589  H HZ3  . LYS A 1 57 ? -9.853  12.353  5.989   1.00 0.00  ? 60  LYS A HZ3  1 
ATOM   590  N N    . GLU A 1 58 ? -11.177 5.656   7.151   1.00 35.74 ? 61  GLU A N    1 
ATOM   591  C CA   . GLU A 1 58 ? -11.620 4.721   6.132   1.00 34.60 ? 61  GLU A CA   1 
ATOM   592  C C    . GLU A 1 58 ? -11.559 3.287   6.679   1.00 30.62 ? 61  GLU A C    1 
ATOM   593  O O    . GLU A 1 58 ? -10.991 3.027   7.749   1.00 28.48 ? 61  GLU A O    1 
ATOM   594  C CB   . GLU A 1 58 ? -10.643 4.805   4.950   1.00 39.66 ? 61  GLU A CB   1 
ATOM   595  C CG   . GLU A 1 58 ? -11.272 4.797   3.588   1.00 45.92 ? 61  GLU A CG   1 
ATOM   596  C CD   . GLU A 1 58 ? -12.046 6.060   3.362   1.00 48.95 ? 61  GLU A CD   1 
ATOM   597  O OE1  . GLU A 1 58 ? -11.408 7.135   3.247   1.00 51.19 ? 61  GLU A OE1  1 
ATOM   598  O OE2  . GLU A 1 58 ? -13.288 5.983   3.311   1.00 51.71 ? 61  GLU A OE2  1 
ATOM   599  H H    . GLU A 1 58 ? -10.217 5.725   7.321   1.00 0.00  ? 61  GLU A H    1 
ATOM   600  N N    . THR A 1 59 ? -12.140 2.370   5.951   1.00 27.25 ? 62  THR A N    1 
ATOM   601  C CA   . THR A 1 59 ? -11.972 0.972   6.279   1.00 25.63 ? 62  THR A CA   1 
ATOM   602  C C    . THR A 1 59 ? -10.464 0.648   6.110   1.00 24.77 ? 62  THR A C    1 
ATOM   603  O O    . THR A 1 59 ? -9.861  0.995   5.099   1.00 25.37 ? 62  THR A O    1 
ATOM   604  C CB   . THR A 1 59 ? -12.835 0.102   5.330   1.00 24.97 ? 62  THR A CB   1 
ATOM   605  O OG1  . THR A 1 59 ? -14.205 0.430   5.566   1.00 26.20 ? 62  THR A OG1  1 
ATOM   606  C CG2  . THR A 1 59 ? -12.638 -1.386  5.575   1.00 21.20 ? 62  THR A CG2  1 
ATOM   607  H H    . THR A 1 59 ? -12.686 2.629   5.183   1.00 0.00  ? 62  THR A H    1 
ATOM   608  H HG1  . THR A 1 59 ? -14.287 1.383   5.673   1.00 0.00  ? 62  THR A HG1  1 
ATOM   609  N N    . HIS A 1 60 ? -9.866  0.026   7.102   1.00 22.46 ? 63  HIS A N    1 
ATOM   610  C CA   . HIS A 1 60 ? -8.444  -0.253  7.040   1.00 21.88 ? 63  HIS A CA   1 
ATOM   611  C C    . HIS A 1 60 ? -8.047  -1.234  8.127   1.00 22.48 ? 63  HIS A C    1 
ATOM   612  O O    . HIS A 1 60 ? -8.820  -1.511  9.055   1.00 21.68 ? 63  HIS A O    1 
ATOM   613  C CB   . HIS A 1 60 ? -7.639  1.049   7.250   1.00 20.21 ? 63  HIS A CB   1 
ATOM   614  C CG   . HIS A 1 60 ? -7.724  1.570   8.663   1.00 20.30 ? 63  HIS A CG   1 
ATOM   615  N ND1  . HIS A 1 60 ? -8.708  2.449   9.087   1.00 21.50 ? 63  HIS A ND1  1 
ATOM   616  C CD2  . HIS A 1 60 ? -7.016  1.262   9.793   1.00 20.65 ? 63  HIS A CD2  1 
ATOM   617  C CE1  . HIS A 1 60 ? -8.633  2.680   10.387  1.00 20.90 ? 63  HIS A CE1  1 
ATOM   618  N NE2  . HIS A 1 60 ? -7.621  1.967   10.825  1.00 21.55 ? 63  HIS A NE2  1 
ATOM   619  H H    . HIS A 1 60 ? -10.387 -0.262  7.884   1.00 0.00  ? 63  HIS A H    1 
ATOM   620  H HD1  . HIS A 1 60 ? -9.367  2.869   8.491   1.00 0.00  ? 63  HIS A HD1  1 
ATOM   621  H HE2  . HIS A 1 60 ? -7.345  1.933   11.754  1.00 0.00  ? 63  HIS A HE2  1 
ATOM   622  N N    . GLU A 1 61 ? -6.800  -1.666  8.051   1.00 22.95 ? 64  GLU A N    1 
ATOM   623  C CA   . GLU A 1 61 ? -6.214  -2.561  9.021   1.00 23.61 ? 64  GLU A CA   1 
ATOM   624  C C    . GLU A 1 61 ? -4.806  -2.017  9.343   1.00 24.98 ? 64  GLU A C    1 
ATOM   625  O O    . GLU A 1 61 ? -4.019  -1.787  8.419   1.00 24.19 ? 64  GLU A O    1 
ATOM   626  C CB   . GLU A 1 61 ? -6.138  -3.910  8.363   1.00 25.13 ? 64  GLU A CB   1 
ATOM   627  C CG   . GLU A 1 61 ? -5.692  -5.051  9.220   1.00 33.54 ? 64  GLU A CG   1 
ATOM   628  C CD   . GLU A 1 61 ? -5.518  -6.311  8.387   1.00 36.59 ? 64  GLU A CD   1 
ATOM   629  O OE1  . GLU A 1 61 ? -6.322  -6.528  7.459   1.00 36.12 ? 64  GLU A OE1  1 
ATOM   630  O OE2  . GLU A 1 61 ? -4.575  -7.077  8.658   1.00 41.18 ? 64  GLU A OE2  1 
ATOM   631  H H    . GLU A 1 61 ? -6.244  -1.363  7.302   1.00 0.00  ? 64  GLU A H    1 
ATOM   632  N N    . LYS A 1 62 ? -4.532  -1.743  10.625  1.00 24.36 ? 65  LYS A N    1 
ATOM   633  C CA   . LYS A 1 62 ? -3.237  -1.224  11.051  1.00 28.24 ? 65  LYS A CA   1 
ATOM   634  C C    . LYS A 1 62 ? -2.346  -2.349  11.470  1.00 28.33 ? 65  LYS A C    1 
ATOM   635  O O    . LYS A 1 62 ? -2.472  -2.852  12.572  1.00 28.08 ? 65  LYS A O    1 
ATOM   636  C CB   . LYS A 1 62 ? -3.378  -0.292  12.257  1.00 31.73 ? 65  LYS A CB   1 
ATOM   637  C CG   . LYS A 1 62 ? -3.304  1.195   11.964  1.00 36.91 ? 65  LYS A CG   1 
ATOM   638  C CD   . LYS A 1 62 ? -4.208  1.973   12.917  1.00 40.14 ? 65  LYS A CD   1 
ATOM   639  C CE   . LYS A 1 62 ? -5.595  1.347   12.940  1.00 39.32 ? 65  LYS A CE   1 
ATOM   640  N NZ   . LYS A 1 62 ? -6.634  2.239   13.505  1.00 36.54 ? 65  LYS A NZ   1 
ATOM   641  H H    . LYS A 1 62 ? -5.222  -1.907  11.303  1.00 0.00  ? 65  LYS A H    1 
ATOM   642  H HZ1  . LYS A 1 62 ? -6.382  2.486   14.484  1.00 0.00  ? 65  LYS A HZ1  1 
ATOM   643  H HZ2  . LYS A 1 62 ? -6.695  3.106   12.933  1.00 0.00  ? 65  LYS A HZ2  1 
ATOM   644  H HZ3  . LYS A 1 62 ? -7.553  1.751   13.496  1.00 0.00  ? 65  LYS A HZ3  1 
ATOM   645  N N    . VAL A 1 63 ? -1.455  -2.748  10.594  1.00 31.01 ? 66  VAL A N    1 
ATOM   646  C CA   . VAL A 1 63 ? -0.507  -3.796  10.917  1.00 34.94 ? 66  VAL A CA   1 
ATOM   647  C C    . VAL A 1 63 ? 0.814   -3.173  11.373  1.00 39.67 ? 66  VAL A C    1 
ATOM   648  O O    . VAL A 1 63 ? 1.655   -2.766  10.554  1.00 37.52 ? 66  VAL A O    1 
ATOM   649  C CB   . VAL A 1 63 ? -0.260  -4.748  9.710   1.00 34.61 ? 66  VAL A CB   1 
ATOM   650  C CG1  . VAL A 1 63 ? 0.822   -5.770  10.040  1.00 33.81 ? 66  VAL A CG1  1 
ATOM   651  C CG2  . VAL A 1 63 ? -1.544  -5.479  9.355   1.00 34.49 ? 66  VAL A CG2  1 
ATOM   652  H H    . VAL A 1 63 ? -1.434  -2.333  9.703   1.00 0.00  ? 66  VAL A H    1 
ATOM   653  N N    . GLN A 1 64 ? 0.955   -3.037  12.688  1.00 46.01 ? 67  GLN A N    1 
ATOM   654  C CA   . GLN A 1 64 ? 2.194   -2.532  13.265  1.00 53.84 ? 67  GLN A CA   1 
ATOM   655  C C    . GLN A 1 64 ? 2.837   -3.598  14.141  1.00 58.95 ? 67  GLN A C    1 
ATOM   656  O O    . GLN A 1 64 ? 3.821   -3.341  14.840  1.00 60.26 ? 67  GLN A O    1 
ATOM   657  C CB   . GLN A 1 64 ? 1.960   -1.252  14.059  1.00 53.89 ? 67  GLN A CB   1 
ATOM   658  C CG   . GLN A 1 64 ? 1.632   -0.046  13.183  1.00 59.07 ? 67  GLN A CG   1 
ATOM   659  C CD   . GLN A 1 64 ? 2.481   0.038   11.909  1.00 60.32 ? 67  GLN A CD   1 
ATOM   660  O OE1  . GLN A 1 64 ? 3.691   0.300   11.949  1.00 62.98 ? 67  GLN A OE1  1 
ATOM   661  N NE2  . GLN A 1 64 ? 1.851   -0.175  10.766  1.00 59.66 ? 67  GLN A NE2  1 
ATOM   662  H H    . GLN A 1 64 ? 0.207   -3.271  13.280  1.00 0.00  ? 67  GLN A H    1 
ATOM   663  H HE21 . GLN A 1 64 ? 2.361   -0.109  9.935   1.00 0.00  ? 67  GLN A HE21 1 
ATOM   664  H HE22 . GLN A 1 64 ? 0.894   -0.388  10.794  1.00 0.00  ? 67  GLN A HE22 1 
ATOM   665  N N    . GLY A 1 65 ? 2.267   -4.808  14.076  1.00 63.66 ? 68  GLY A N    1 
ATOM   666  C CA   . GLY A 1 65 ? 2.799   -5.928  14.821  1.00 67.82 ? 68  GLY A CA   1 
ATOM   667  C C    . GLY A 1 65 ? 3.453   -6.935  13.898  1.00 70.65 ? 68  GLY A C    1 
ATOM   668  O O    . GLY A 1 65 ? 4.416   -7.608  14.277  1.00 72.02 ? 68  GLY A O    1 
ATOM   669  H H    . GLY A 1 65 ? 1.479   -4.939  13.514  1.00 0.00  ? 68  GLY A H    1 
ATOM   670  N N    . GLY A 1 66 ? 2.911   -7.058  12.688  1.00 72.32 ? 69  GLY A N    1 
ATOM   671  C CA   . GLY A 1 66 ? 3.501   -7.948  11.705  1.00 73.41 ? 69  GLY A CA   1 
ATOM   672  C C    . GLY A 1 66 ? 4.781   -7.354  11.149  1.00 73.97 ? 69  GLY A C    1 
ATOM   673  O O    . GLY A 1 66 ? 4.759   -6.662  10.131  1.00 75.24 ? 69  GLY A O    1 
ATOM   674  H H    . GLY A 1 66 ? 2.113   -6.544  12.458  1.00 0.00  ? 69  GLY A H    1 
ATOM   675  N N    . PHE A 1 67 ? 5.882   -7.610  11.848  1.00 73.39 ? 70  PHE A N    1 
ATOM   676  C CA   . PHE A 1 67 ? 7.202   -7.087  11.482  1.00 72.45 ? 70  PHE A CA   1 
ATOM   677  C C    . PHE A 1 67 ? 7.598   -7.347  10.026  1.00 69.47 ? 70  PHE A C    1 
ATOM   678  O O    . PHE A 1 67 ? 7.302   -8.406  9.456   1.00 69.28 ? 70  PHE A O    1 
ATOM   679  C CB   . PHE A 1 67 ? 8.264   -7.694  12.420  1.00 77.03 ? 70  PHE A CB   1 
ATOM   680  C CG   . PHE A 1 67 ? 9.671   -7.648  11.886  1.00 79.94 ? 70  PHE A CG   1 
ATOM   681  C CD1  . PHE A 1 67 ? 10.395  -6.454  11.893  1.00 81.63 ? 70  PHE A CD1  1 
ATOM   682  C CD2  . PHE A 1 67 ? 10.261  -8.798  11.337  1.00 80.76 ? 70  PHE A CD2  1 
ATOM   683  C CE1  . PHE A 1 67 ? 11.679  -6.405  11.357  1.00 82.97 ? 70  PHE A CE1  1 
ATOM   684  C CE2  . PHE A 1 67 ? 11.540  -8.755  10.800  1.00 81.33 ? 70  PHE A CE2  1 
ATOM   685  C CZ   . PHE A 1 67 ? 12.250  -7.558  10.810  1.00 82.90 ? 70  PHE A CZ   1 
ATOM   686  H H    . PHE A 1 67 ? 5.805   -8.168  12.650  1.00 0.00  ? 70  PHE A H    1 
ATOM   687  N N    . GLY A 1 68 ? 8.299   -6.371  9.447   1.00 65.37 ? 71  GLY A N    1 
ATOM   688  C CA   . GLY A 1 68 ? 8.809   -6.525  8.101   1.00 60.61 ? 71  GLY A CA   1 
ATOM   689  C C    . GLY A 1 68 ? 8.306   -5.464  7.143   1.00 56.43 ? 71  GLY A C    1 
ATOM   690  O O    . GLY A 1 68 ? 7.699   -4.482  7.559   1.00 56.11 ? 71  GLY A O    1 
ATOM   691  H H    . GLY A 1 68 ? 8.453   -5.533  9.930   1.00 0.00  ? 71  GLY A H    1 
ATOM   692  N N    . LYS A 1 69 ? 8.557   -5.678  5.845   1.00 51.93 ? 72  LYS A N    1 
ATOM   693  C CA   . LYS A 1 69 ? 8.086   -4.763  4.799   1.00 47.12 ? 72  LYS A CA   1 
ATOM   694  C C    . LYS A 1 69 ? 6.552   -4.818  4.705   1.00 42.99 ? 72  LYS A C    1 
ATOM   695  O O    . LYS A 1 69 ? 5.928   -4.000  4.027   1.00 41.22 ? 72  LYS A O    1 
ATOM   696  C CB   . LYS A 1 69 ? 8.675   -5.171  3.441   1.00 47.52 ? 72  LYS A CB   1 
ATOM   697  C CG   . LYS A 1 69 ? 10.184  -5.341  3.414   1.00 47.51 ? 72  LYS A CG   1 
ATOM   698  C CD   . LYS A 1 69 ? 10.590  -6.741  2.967   1.00 45.89 ? 72  LYS A CD   1 
ATOM   699  C CE   . LYS A 1 69 ? 10.013  -7.103  1.604   1.00 45.99 ? 72  LYS A CE   1 
ATOM   700  N NZ   . LYS A 1 69 ? 10.520  -6.244  0.511   1.00 43.61 ? 72  LYS A NZ   1 
ATOM   701  H H    . LYS A 1 69 ? 9.071   -6.470  5.585   1.00 0.00  ? 72  LYS A H    1 
ATOM   702  H HZ1  . LYS A 1 69 ? 10.308  -5.247  0.726   1.00 0.00  ? 72  LYS A HZ1  1 
ATOM   703  H HZ2  . LYS A 1 69 ? 11.547  -6.369  0.423   1.00 0.00  ? 72  LYS A HZ2  1 
ATOM   704  H HZ3  . LYS A 1 69 ? 10.062  -6.511  -0.383  1.00 0.00  ? 72  LYS A HZ3  1 
ATOM   705  N N    . TYR A 1 70 ? 5.985   -5.822  5.379   1.00 38.82 ? 73  TYR A N    1 
ATOM   706  C CA   . TYR A 1 70 ? 4.558   -6.066  5.393   1.00 35.13 ? 73  TYR A CA   1 
ATOM   707  C C    . TYR A 1 70 ? 3.808   -5.038  6.250   1.00 33.18 ? 73  TYR A C    1 
ATOM   708  O O    . TYR A 1 70 ? 2.642   -4.745  5.990   1.00 30.17 ? 73  TYR A O    1 
ATOM   709  C CB   . TYR A 1 70 ? 4.304   -7.489  5.906   1.00 32.68 ? 73  TYR A CB   1 
ATOM   710  C CG   . TYR A 1 70 ? 2.854   -7.904  5.860   1.00 32.41 ? 73  TYR A CG   1 
ATOM   711  C CD1  . TYR A 1 70 ? 2.235   -8.230  4.659   1.00 31.25 ? 73  TYR A CD1  1 
ATOM   712  C CD2  . TYR A 1 70 ? 2.072   -7.870  7.006   1.00 32.40 ? 73  TYR A CD2  1 
ATOM   713  C CE1  . TYR A 1 70 ? 0.876   -8.494  4.608   1.00 30.72 ? 73  TYR A CE1  1 
ATOM   714  C CE2  . TYR A 1 70 ? 0.715   -8.129  6.959   1.00 32.39 ? 73  TYR A CE2  1 
ATOM   715  C CZ   . TYR A 1 70 ? 0.125   -8.430  5.756   1.00 30.86 ? 73  TYR A CZ   1 
ATOM   716  O OH   . TYR A 1 70 ? -1.227  -8.608  5.698   1.00 32.23 ? 73  TYR A OH   1 
ATOM   717  H H    . TYR A 1 70 ? 6.561   -6.427  5.885   1.00 0.00  ? 73  TYR A H    1 
ATOM   718  H HH   . TYR A 1 70 ? -1.607  -8.456  6.570   1.00 0.00  ? 73  TYR A HH   1 
ATOM   719  N N    . GLN A 1 71 ? 4.481   -4.511  7.275   1.00 31.23 ? 74  GLN A N    1 
ATOM   720  C CA   . GLN A 1 71 ? 3.880   -3.504  8.165   1.00 29.72 ? 74  GLN A CA   1 
ATOM   721  C C    . GLN A 1 71 ? 3.288   -2.336  7.398   1.00 26.23 ? 74  GLN A C    1 
ATOM   722  O O    . GLN A 1 71 ? 3.804   -1.920  6.354   1.00 24.41 ? 74  GLN A O    1 
ATOM   723  C CB   . GLN A 1 71 ? 4.929   -2.929  9.116   1.00 33.74 ? 74  GLN A CB   1 
ATOM   724  C CG   . GLN A 1 71 ? 5.354   -3.830  10.247  1.00 41.63 ? 74  GLN A CG   1 
ATOM   725  C CD   . GLN A 1 71 ? 6.507   -3.227  11.026  1.00 47.74 ? 74  GLN A CD   1 
ATOM   726  O OE1  . GLN A 1 71 ? 7.608   -3.804  11.090  1.00 52.12 ? 74  GLN A OE1  1 
ATOM   727  N NE2  . GLN A 1 71 ? 6.278   -2.059  11.616  1.00 49.67 ? 74  GLN A NE2  1 
ATOM   728  H H    . GLN A 1 71 ? 5.401   -4.803  7.439   1.00 0.00  ? 74  GLN A H    1 
ATOM   729  H HE21 . GLN A 1 71 ? 7.011   -1.647  12.119  1.00 0.00  ? 74  GLN A HE21 1 
ATOM   730  H HE22 . GLN A 1 71 ? 5.390   -1.653  11.529  1.00 0.00  ? 74  GLN A HE22 1 
ATOM   731  N N    . GLY A 1 72 ? 2.229   -1.775  7.940   1.00 24.61 ? 75  GLY A N    1 
ATOM   732  C CA   . GLY A 1 72 ? 1.649   -0.596  7.336   1.00 22.59 ? 75  GLY A CA   1 
ATOM   733  C C    . GLY A 1 72 ? 0.164   -0.534  7.543   1.00 22.00 ? 75  GLY A C    1 
ATOM   734  O O    . GLY A 1 72 ? -0.399  -1.317  8.304   1.00 20.96 ? 75  GLY A O    1 
ATOM   735  H H    . GLY A 1 72 ? 1.823   -2.166  8.741   1.00 0.00  ? 75  GLY A H    1 
ATOM   736  N N    . THR A 1 73 ? -0.473  0.412   6.899   1.00 22.18 ? 76  THR A N    1 
ATOM   737  C CA   . THR A 1 73 ? -1.920  0.497   6.958   1.00 23.13 ? 76  THR A CA   1 
ATOM   738  C C    . THR A 1 73 ? -2.502  -0.065  5.676   1.00 21.22 ? 76  THR A C    1 
ATOM   739  O O    . THR A 1 73 ? -2.240  0.456   4.579   1.00 20.41 ? 76  THR A O    1 
ATOM   740  C CB   . THR A 1 73 ? -2.378  1.933   7.168   1.00 22.98 ? 76  THR A CB   1 
ATOM   741  O OG1  . THR A 1 73 ? -1.896  2.360   8.437   1.00 23.34 ? 76  THR A OG1  1 
ATOM   742  C CG2  . THR A 1 73 ? -3.891  2.023   7.173   1.00 22.12 ? 76  THR A CG2  1 
ATOM   743  H H    . THR A 1 73 ? 0.030   1.065   6.373   1.00 0.00  ? 76  THR A H    1 
ATOM   744  H HG1  . THR A 1 73 ? -0.958  2.158   8.512   1.00 0.00  ? 76  THR A HG1  1 
ATOM   745  N N    . TRP A 1 74 ? -3.222  -1.159  5.803   1.00 18.01 ? 77  TRP A N    1 
ATOM   746  C CA   . TRP A 1 74 ? -3.793  -1.821  4.638   1.00 19.61 ? 77  TRP A CA   1 
ATOM   747  C C    . TRP A 1 74 ? -5.214  -1.350  4.380   1.00 20.15 ? 77  TRP A C    1 
ATOM   748  O O    . TRP A 1 74 ? -5.981  -1.148  5.315   1.00 21.17 ? 77  TRP A O    1 
ATOM   749  C CB   . TRP A 1 74 ? -3.748  -3.326  4.857   1.00 18.45 ? 77  TRP A CB   1 
ATOM   750  C CG   . TRP A 1 74 ? -2.348  -3.868  4.893   1.00 16.73 ? 77  TRP A CG   1 
ATOM   751  C CD1  . TRP A 1 74 ? -1.449  -3.821  5.949   1.00 19.52 ? 77  TRP A CD1  1 
ATOM   752  C CD2  . TRP A 1 74 ? -1.690  -4.537  3.818   1.00 16.18 ? 77  TRP A CD2  1 
ATOM   753  N NE1  . TRP A 1 74 ? -0.286  -4.426  5.550   1.00 18.03 ? 77  TRP A NE1  1 
ATOM   754  C CE2  . TRP A 1 74 ? -0.388  -4.873  4.261   1.00 18.24 ? 77  TRP A CE2  1 
ATOM   755  C CE3  . TRP A 1 74 ? -2.074  -4.878  2.505   1.00 15.09 ? 77  TRP A CE3  1 
ATOM   756  C CZ2  . TRP A 1 74 ? 0.529   -5.541  3.446   1.00 17.80 ? 77  TRP A CZ2  1 
ATOM   757  C CZ3  . TRP A 1 74 ? -1.159  -5.545  1.697   1.00 16.17 ? 77  TRP A CZ3  1 
ATOM   758  C CH2  . TRP A 1 74 ? 0.124   -5.865  2.173   1.00 16.88 ? 77  TRP A CH2  1 
ATOM   759  H H    . TRP A 1 74 ? -3.375  -1.536  6.693   1.00 0.00  ? 77  TRP A H    1 
ATOM   760  H HE1  . TRP A 1 74 ? 0.519   -4.514  6.105   1.00 0.00  ? 77  TRP A HE1  1 
ATOM   761  N N    . VAL A 1 75 ? -5.573  -1.185  3.133   1.00 19.79 ? 78  VAL A N    1 
ATOM   762  C CA   . VAL A 1 75 ? -6.907  -0.689  2.805   1.00 21.20 ? 78  VAL A CA   1 
ATOM   763  C C    . VAL A 1 75 ? -7.506  -1.471  1.631   1.00 22.23 ? 78  VAL A C    1 
ATOM   764  O O    . VAL A 1 75 ? -6.774  -2.133  0.880   1.00 20.52 ? 78  VAL A O    1 
ATOM   765  C CB   . VAL A 1 75 ? -6.869  0.822   2.422   1.00 20.50 ? 78  VAL A CB   1 
ATOM   766  C CG1  . VAL A 1 75 ? -6.388  1.670   3.602   1.00 19.09 ? 78  VAL A CG1  1 
ATOM   767  C CG2  . VAL A 1 75 ? -5.963  1.032   1.210   1.00 19.19 ? 78  VAL A CG2  1 
ATOM   768  H H    . VAL A 1 75 ? -4.948  -1.401  2.410   1.00 0.00  ? 78  VAL A H    1 
ATOM   769  N N    . PRO A 1 76 ? -8.846  -1.445  1.474   1.00 22.62 ? 79  PRO A N    1 
ATOM   770  C CA   . PRO A 1 76 ? -9.519  -2.124  0.357   1.00 23.25 ? 79  PRO A CA   1 
ATOM   771  C C    . PRO A 1 76 ? -8.967  -1.579  -0.946  1.00 23.88 ? 79  PRO A C    1 
ATOM   772  O O    . PRO A 1 76 ? -8.504  -0.437  -0.994  1.00 22.74 ? 79  PRO A O    1 
ATOM   773  C CB   . PRO A 1 76 ? -10.996 -1.740  0.533   1.00 22.80 ? 79  PRO A CB   1 
ATOM   774  C CG   . PRO A 1 76 ? -11.110 -1.527  2.007   1.00 23.48 ? 79  PRO A CG   1 
ATOM   775  C CD   . PRO A 1 76 ? -9.830  -0.815  2.394   1.00 21.77 ? 79  PRO A CD   1 
ATOM   776  N N    . LEU A 1 77 ? -9.056  -2.374  -1.997  1.00 25.83 ? 80  LEU A N    1 
ATOM   777  C CA   . LEU A 1 77 ? -8.553  -1.994  -3.316  1.00 26.16 ? 80  LEU A CA   1 
ATOM   778  C C    . LEU A 1 77 ? -9.134  -0.678  -3.823  1.00 28.51 ? 80  LEU A C    1 
ATOM   779  O O    . LEU A 1 77 ? -8.393  0.193   -4.325  1.00 27.56 ? 80  LEU A O    1 
ATOM   780  C CB   . LEU A 1 77 ? -8.870  -3.108  -4.312  1.00 25.96 ? 80  LEU A CB   1 
ATOM   781  C CG   . LEU A 1 77 ? -8.359  -2.924  -5.727  1.00 26.73 ? 80  LEU A CG   1 
ATOM   782  C CD1  . LEU A 1 77 ? -6.839  -2.791  -5.719  1.00 25.64 ? 80  LEU A CD1  1 
ATOM   783  C CD2  . LEU A 1 77 ? -8.806  -4.105  -6.582  1.00 29.49 ? 80  LEU A CD2  1 
ATOM   784  H H    . LEU A 1 77 ? -9.468  -3.254  -1.889  1.00 0.00  ? 80  LEU A H    1 
ATOM   785  N N    . ASN A 1 78 ? -10.449 -0.511  -3.715  1.00 30.41 ? 81  ASN A N    1 
ATOM   786  C CA   . ASN A 1 78 ? -11.057 0.709   -4.238  1.00 33.34 ? 81  ASN A CA   1 
ATOM   787  C C    . ASN A 1 78 ? -10.539 1.958   -3.508  1.00 33.24 ? 81  ASN A C    1 
ATOM   788  O O    . ASN A 1 78 ? -10.281 2.992   -4.142  1.00 32.55 ? 81  ASN A O    1 
ATOM   789  C CB   . ASN A 1 78 ? -12.594 0.633   -4.228  1.00 36.72 ? 81  ASN A CB   1 
ATOM   790  C CG   . ASN A 1 78 ? -13.193 0.639   -2.852  1.00 41.39 ? 81  ASN A CG   1 
ATOM   791  O OD1  . ASN A 1 78 ? -13.025 -0.303  -2.086  1.00 45.06 ? 81  ASN A OD1  1 
ATOM   792  N ND2  . ASN A 1 78 ? -13.901 1.707   -2.523  1.00 44.46 ? 81  ASN A ND2  1 
ATOM   793  H H    . ASN A 1 78 ? -11.003 -1.203  -3.298  1.00 0.00  ? 81  ASN A H    1 
ATOM   794  H HD21 . ASN A 1 78 ? -14.310 1.735   -1.632  1.00 0.00  ? 81  ASN A HD21 1 
ATOM   795  H HD22 . ASN A 1 78 ? -13.994 2.425   -3.182  1.00 0.00  ? 81  ASN A HD22 1 
ATOM   796  N N    . ILE A 1 79 ? -10.325 1.836   -2.191  1.00 33.12 ? 82  ILE A N    1 
ATOM   797  C CA   . ILE A 1 79 ? -9.804  2.954   -1.392  1.00 33.42 ? 82  ILE A CA   1 
ATOM   798  C C    . ILE A 1 79 ? -8.347  3.259   -1.728  1.00 33.66 ? 82  ILE A C    1 
ATOM   799  O O    . ILE A 1 79 ? -7.946  4.417   -1.734  1.00 33.06 ? 82  ILE A O    1 
ATOM   800  C CB   . ILE A 1 79 ? -9.927  2.661   0.106   1.00 34.68 ? 82  ILE A CB   1 
ATOM   801  C CG1  . ILE A 1 79 ? -11.413 2.560   0.476   1.00 35.90 ? 82  ILE A CG1  1 
ATOM   802  C CG2  . ILE A 1 79 ? -9.226  3.752   0.906   1.00 32.30 ? 82  ILE A CG2  1 
ATOM   803  C CD1  . ILE A 1 79 ? -11.691 1.861   1.786   1.00 36.35 ? 82  ILE A CD1  1 
ATOM   804  H H    . ILE A 1 79 ? -10.517 0.983   -1.752  1.00 0.00  ? 82  ILE A H    1 
ATOM   805  N N    . ALA A 1 80 ? -7.560  2.207   -2.012  1.00 33.47 ? 83  ALA A N    1 
ATOM   806  C CA   . ALA A 1 80 ? -6.161  2.390   -2.428  1.00 32.68 ? 83  ALA A CA   1 
ATOM   807  C C    . ALA A 1 80 ? -6.104  3.093   -3.802  1.00 32.07 ? 83  ALA A C    1 
ATOM   808  O O    . ALA A 1 80 ? -5.246  3.937   -4.044  1.00 30.79 ? 83  ALA A O    1 
ATOM   809  C CB   . ALA A 1 80 ? -5.441  1.037   -2.484  1.00 31.27 ? 83  ALA A CB   1 
ATOM   810  H H    . ALA A 1 80 ? -7.929  1.301   -1.945  1.00 0.00  ? 83  ALA A H    1 
ATOM   811  N N    . LYS A 1 81 ? -7.024  2.744   -4.698  1.00 33.43 ? 84  LYS A N    1 
ATOM   812  C CA   . LYS A 1 81 ? -7.082  3.399   -5.989  1.00 35.11 ? 84  LYS A CA   1 
ATOM   813  C C    . LYS A 1 81 ? -7.344  4.896   -5.823  1.00 36.73 ? 84  LYS A C    1 
ATOM   814  O O    . LYS A 1 81 ? -6.683  5.727   -6.452  1.00 36.83 ? 84  LYS A O    1 
ATOM   815  C CB   . LYS A 1 81 ? -8.173  2.784   -6.850  1.00 37.36 ? 84  LYS A CB   1 
ATOM   816  C CG   . LYS A 1 81 ? -7.908  1.360   -7.293  1.00 40.04 ? 84  LYS A CG   1 
ATOM   817  C CD   . LYS A 1 81 ? -8.417  1.148   -8.705  1.00 42.74 ? 84  LYS A CD   1 
ATOM   818  C CE   . LYS A 1 81 ? -8.369  -0.312  -9.104  1.00 45.28 ? 84  LYS A CE   1 
ATOM   819  N NZ   . LYS A 1 81 ? -9.610  -1.024  -8.697  1.00 49.86 ? 84  LYS A NZ   1 
ATOM   820  H H    . LYS A 1 81 ? -7.664  2.035   -4.483  1.00 0.00  ? 84  LYS A H    1 
ATOM   821  H HZ1  . LYS A 1 81 ? -9.754  -0.914  -7.673  1.00 0.00  ? 84  LYS A HZ1  1 
ATOM   822  H HZ2  . LYS A 1 81 ? -10.421 -0.620  -9.208  1.00 0.00  ? 84  LYS A HZ2  1 
ATOM   823  H HZ3  . LYS A 1 81 ? -9.523  -2.034  -8.930  1.00 0.00  ? 84  LYS A HZ3  1 
ATOM   824  N N    . GLN A 1 82 ? -8.309  5.244   -4.976  1.00 37.40 ? 85  GLN A N    1 
ATOM   825  C CA   . GLN A 1 82 ? -8.592  6.657   -4.696  1.00 38.47 ? 85  GLN A CA   1 
ATOM   826  C C    . GLN A 1 82 ? -7.319  7.378   -4.212  1.00 37.19 ? 85  GLN A C    1 
ATOM   827  O O    . GLN A 1 82 ? -6.936  8.414   -4.736  1.00 36.76 ? 85  GLN A O    1 
ATOM   828  C CB   . GLN A 1 82 ? -9.678  6.787   -3.614  1.00 41.65 ? 85  GLN A CB   1 
ATOM   829  C CG   . GLN A 1 82 ? -11.054 6.275   -4.014  1.00 47.67 ? 85  GLN A CG   1 
ATOM   830  C CD   . GLN A 1 82 ? -12.085 6.335   -2.882  1.00 52.44 ? 85  GLN A CD   1 
ATOM   831  O OE1  . GLN A 1 82 ? -11.864 6.972   -1.841  1.00 53.70 ? 85  GLN A OE1  1 
ATOM   832  N NE2  . GLN A 1 82 ? -13.219 5.666   -3.081  1.00 54.30 ? 85  GLN A NE2  1 
ATOM   833  H H    . GLN A 1 82 ? -8.830  4.548   -4.524  1.00 0.00  ? 85  GLN A H    1 
ATOM   834  H HE21 . GLN A 1 82 ? -13.902 5.692   -2.381  1.00 0.00  ? 85  GLN A HE21 1 
ATOM   835  H HE22 . GLN A 1 82 ? -13.326 5.177   -3.925  1.00 0.00  ? 85  GLN A HE22 1 
ATOM   836  N N    . LEU A 1 83 ? -6.678  6.804   -3.214  1.00 35.90 ? 86  LEU A N    1 
ATOM   837  C CA   . LEU A 1 83 ? -5.483  7.372   -2.636  1.00 35.57 ? 86  LEU A CA   1 
ATOM   838  C C    . LEU A 1 83 ? -4.393  7.572   -3.690  1.00 36.04 ? 86  LEU A C    1 
ATOM   839  O O    . LEU A 1 83 ? -3.741  8.612   -3.742  1.00 35.67 ? 86  LEU A O    1 
ATOM   840  C CB   . LEU A 1 83 ? -4.983  6.433   -1.544  1.00 35.24 ? 86  LEU A CB   1 
ATOM   841  C CG   . LEU A 1 83 ? -4.097  7.044   -0.463  1.00 37.99 ? 86  LEU A CG   1 
ATOM   842  C CD1  . LEU A 1 83 ? -4.887  8.066   0.343   1.00 37.21 ? 86  LEU A CD1  1 
ATOM   843  C CD2  . LEU A 1 83 ? -3.576  5.945   0.448   1.00 37.56 ? 86  LEU A CD2  1 
ATOM   844  H H    . LEU A 1 83 ? -7.027  5.963   -2.850  1.00 0.00  ? 86  LEU A H    1 
ATOM   845  N N    . ALA A 1 84 ? -4.202  6.573   -4.528  1.00 37.61 ? 87  ALA A N    1 
ATOM   846  C CA   . ALA A 1 84 ? -3.178  6.628   -5.560  1.00 40.07 ? 87  ALA A CA   1 
ATOM   847  C C    . ALA A 1 84 ? -3.482  7.725   -6.570  1.00 42.25 ? 87  ALA A C    1 
ATOM   848  O O    . ALA A 1 84 ? -2.568  8.349   -7.089  1.00 44.08 ? 87  ALA A O    1 
ATOM   849  C CB   . ALA A 1 84 ? -3.068  5.275   -6.257  1.00 37.62 ? 87  ALA A CB   1 
ATOM   850  H H    . ALA A 1 84 ? -4.768  5.778   -4.461  1.00 0.00  ? 87  ALA A H    1 
ATOM   851  N N    . GLU A 1 85 ? -4.761  7.943   -6.860  1.00 44.94 ? 88  GLU A N    1 
ATOM   852  C CA   . GLU A 1 85 ? -5.171  9.004   -7.787  1.00 47.72 ? 88  GLU A CA   1 
ATOM   853  C C    . GLU A 1 85 ? -4.924  10.381  -7.186  1.00 46.92 ? 88  GLU A C    1 
ATOM   854  O O    . GLU A 1 85 ? -4.340  11.260  -7.828  1.00 46.82 ? 88  GLU A O    1 
ATOM   855  C CB   . GLU A 1 85 ? -6.658  8.900   -8.112  1.00 51.27 ? 88  GLU A CB   1 
ATOM   856  C CG   . GLU A 1 85 ? -7.022  7.807   -9.083  1.00 58.64 ? 88  GLU A CG   1 
ATOM   857  C CD   . GLU A 1 85 ? -8.429  7.983   -9.608  1.00 63.08 ? 88  GLU A CD   1 
ATOM   858  O OE1  . GLU A 1 85 ? -8.763  9.117   -10.041 1.00 65.53 ? 88  GLU A OE1  1 
ATOM   859  O OE2  . GLU A 1 85 ? -9.202  6.995   -9.585  1.00 64.92 ? 88  GLU A OE2  1 
ATOM   860  H H    . GLU A 1 85 ? -5.447  7.380   -6.444  1.00 0.00  ? 88  GLU A H    1 
ATOM   861  N N    . LYS A 1 86 ? -5.394  10.557  -5.953  1.00 45.19 ? 89  LYS A N    1 
ATOM   862  C CA   . LYS A 1 86 ? -5.259  11.811  -5.265  1.00 45.73 ? 89  LYS A CA   1 
ATOM   863  C C    . LYS A 1 86 ? -3.818  12.276  -5.268  1.00 45.59 ? 89  LYS A C    1 
ATOM   864  O O    . LYS A 1 86 ? -3.534  13.418  -5.612  1.00 46.84 ? 89  LYS A O    1 
ATOM   865  C CB   . LYS A 1 86 ? -5.753  11.672  -3.832  1.00 46.57 ? 89  LYS A CB   1 
ATOM   866  C CG   . LYS A 1 86 ? -5.932  12.989  -3.104  1.00 49.11 ? 89  LYS A CG   1 
ATOM   867  C CD   . LYS A 1 86 ? -6.654  12.782  -1.786  1.00 52.19 ? 89  LYS A CD   1 
ATOM   868  C CE   . LYS A 1 86 ? -7.246  14.084  -1.276  1.00 55.10 ? 89  LYS A CE   1 
ATOM   869  N NZ   . LYS A 1 86 ? -8.177  13.867  -0.133  1.00 56.62 ? 89  LYS A NZ   1 
ATOM   870  H H    . LYS A 1 86 ? -5.844  9.811   -5.503  1.00 0.00  ? 89  LYS A H    1 
ATOM   871  H HZ1  . LYS A 1 86 ? -7.670  13.392  0.642   1.00 0.00  ? 89  LYS A HZ1  1 
ATOM   872  H HZ2  . LYS A 1 86 ? -8.535  14.784  0.199   1.00 0.00  ? 89  LYS A HZ2  1 
ATOM   873  H HZ3  . LYS A 1 86 ? -8.975  13.274  -0.440  1.00 0.00  ? 89  LYS A HZ3  1 
ATOM   874  N N    . PHE A 1 87 ? -2.904  11.387  -4.918  1.00 44.53 ? 90  PHE A N    1 
ATOM   875  C CA   . PHE A 1 87 ? -1.501  11.762  -4.845  1.00 44.24 ? 90  PHE A CA   1 
ATOM   876  C C    . PHE A 1 87 ? -0.748  11.443  -6.134  1.00 44.45 ? 90  PHE A C    1 
ATOM   877  O O    . PHE A 1 87 ? 0.469   11.245  -6.135  1.00 44.80 ? 90  PHE A O    1 
ATOM   878  C CB   . PHE A 1 87 ? -0.864  11.126  -3.604  1.00 43.69 ? 90  PHE A CB   1 
ATOM   879  C CG   . PHE A 1 87 ? -1.524  11.612  -2.338  1.00 43.58 ? 90  PHE A CG   1 
ATOM   880  C CD1  . PHE A 1 87 ? -1.366  12.928  -1.916  1.00 44.38 ? 90  PHE A CD1  1 
ATOM   881  C CD2  . PHE A 1 87 ? -2.379  10.787  -1.614  1.00 44.26 ? 90  PHE A CD2  1 
ATOM   882  C CE1  . PHE A 1 87 ? -2.048  13.415  -0.806  1.00 43.38 ? 90  PHE A CE1  1 
ATOM   883  C CE2  . PHE A 1 87 ? -3.067  11.264  -0.502  1.00 43.71 ? 90  PHE A CE2  1 
ATOM   884  C CZ   . PHE A 1 87 ? -2.902  12.582  -0.098  1.00 43.90 ? 90  PHE A CZ   1 
ATOM   885  H H    . PHE A 1 87 ? -3.173  10.469  -4.705  1.00 0.00  ? 90  PHE A H    1 
ATOM   886  N N    . SER A 1 88 ? -1.504  11.404  -7.230  1.00 45.17 ? 91  SER A N    1 
ATOM   887  C CA   . SER A 1 88 ? -0.954  11.253  -8.574  1.00 45.85 ? 91  SER A CA   1 
ATOM   888  C C    . SER A 1 88 ? 0.131   10.193  -8.730  1.00 45.16 ? 91  SER A C    1 
ATOM   889  O O    . SER A 1 88 ? 1.227   10.483  -9.209  1.00 45.12 ? 91  SER A O    1 
ATOM   890  C CB   . SER A 1 88 ? -0.436  12.612  -9.051  1.00 48.12 ? 91  SER A CB   1 
ATOM   891  O OG   . SER A 1 88 ? -1.442  13.609  -8.888  1.00 51.11 ? 91  SER A OG   1 
ATOM   892  H H    . SER A 1 88 ? -2.474  11.492  -7.133  1.00 0.00  ? 91  SER A H    1 
ATOM   893  H HG   . SER A 1 88 ? -1.105  14.459  -9.182  1.00 0.00  ? 91  SER A HG   1 
ATOM   894  N N    . VAL A 1 89 ? -0.171  8.969   -8.325  1.00 44.55 ? 92  VAL A N    1 
ATOM   895  C CA   . VAL A 1 89 ? 0.728   7.830   -8.576  1.00 44.43 ? 92  VAL A CA   1 
ATOM   896  C C    . VAL A 1 89 ? -0.070  6.647   -9.135  1.00 43.59 ? 92  VAL A C    1 
ATOM   897  O O    . VAL A 1 89 ? 0.447   5.540   -9.287  1.00 42.35 ? 92  VAL A O    1 
ATOM   898  C CB   . VAL A 1 89 ? 1.513   7.369   -7.302  1.00 44.50 ? 92  VAL A CB   1 
ATOM   899  C CG1  . VAL A 1 89 ? 2.666   8.318   -7.038  1.00 44.93 ? 92  VAL A CG1  1 
ATOM   900  C CG2  . VAL A 1 89 ? 0.600   7.298   -6.093  1.00 43.55 ? 92  VAL A CG2  1 
ATOM   901  H H    . VAL A 1 89 ? -1.004  8.824   -7.836  1.00 0.00  ? 92  VAL A H    1 
ATOM   902  N N    . TYR A 1 90 ? -1.327  6.910   -9.474  1.00 44.06 ? 93  TYR A N    1 
ATOM   903  C CA   . TYR A 1 90 ? -2.218  5.870   -9.965  1.00 46.56 ? 93  TYR A CA   1 
ATOM   904  C C    . TYR A 1 90 ? -1.692  5.190   -11.223 1.00 47.20 ? 93  TYR A C    1 
ATOM   905  O O    . TYR A 1 90 ? -1.728  3.965   -11.344 1.00 45.84 ? 93  TYR A O    1 
ATOM   906  C CB   . TYR A 1 90 ? -3.621  6.438   -10.230 1.00 48.04 ? 93  TYR A CB   1 
ATOM   907  C CG   . TYR A 1 90 ? -4.599  5.377   -10.687 1.00 51.15 ? 93  TYR A CG   1 
ATOM   908  C CD1  . TYR A 1 90 ? -5.304  4.612   -9.766  1.00 52.01 ? 93  TYR A CD1  1 
ATOM   909  C CD2  . TYR A 1 90 ? -4.721  5.051   -12.039 1.00 51.74 ? 93  TYR A CD2  1 
ATOM   910  C CE1  . TYR A 1 90 ? -6.086  3.550   -10.174 1.00 53.05 ? 93  TYR A CE1  1 
ATOM   911  C CE2  . TYR A 1 90 ? -5.501  3.990   -12.456 1.00 52.13 ? 93  TYR A CE2  1 
ATOM   912  C CZ   . TYR A 1 90 ? -6.177  3.241   -11.517 1.00 53.58 ? 93  TYR A CZ   1 
ATOM   913  O OH   . TYR A 1 90 ? -6.940  2.175   -11.920 1.00 56.47 ? 93  TYR A OH   1 
ATOM   914  H H    . TYR A 1 90 ? -1.662  7.823   -9.385  1.00 0.00  ? 93  TYR A H    1 
ATOM   915  H HH   . TYR A 1 90 ? -6.951  2.132   -12.880 1.00 0.00  ? 93  TYR A HH   1 
ATOM   916  N N    . ASP A 1 91 ? -1.204  5.971   -12.157 1.00 48.64 ? 94  ASP A N    1 
ATOM   917  C CA   . ASP A 1 91 ? -0.712  5.403   -13.405 1.00 50.01 ? 94  ASP A CA   1 
ATOM   918  C C    . ASP A 1 91 ? 0.581   4.611   -13.209 1.00 49.07 ? 94  ASP A C    1 
ATOM   919  O O    . ASP A 1 91 ? 0.861   3.685   -13.973 1.00 48.92 ? 94  ASP A O    1 
ATOM   920  C CB   . ASP A 1 91 ? -0.557  6.505   -14.466 1.00 53.54 ? 94  ASP A CB   1 
ATOM   921  C CG   . ASP A 1 91 ? -1.910  6.922   -15.040 1.00 54.92 ? 94  ASP A CG   1 
ATOM   922  O OD1  . ASP A 1 91 ? -2.398  6.233   -15.954 1.00 57.73 ? 94  ASP A OD1  1 
ATOM   923  O OD2  . ASP A 1 91 ? -2.490  7.927   -14.571 1.00 56.24 ? 94  ASP A OD2  1 
ATOM   924  H H    . ASP A 1 91 ? -1.171  6.939   -12.012 1.00 0.00  ? 94  ASP A H    1 
ATOM   925  N N    . GLN A 1 92 ? 1.358   4.970   -12.181 1.00 49.21 ? 95  GLN A N    1 
ATOM   926  C CA   . GLN A 1 92 ? 2.575   4.217   -11.850 1.00 49.95 ? 95  GLN A CA   1 
ATOM   927  C C    . GLN A 1 92 ? 2.247   2.865   -11.203 1.00 48.73 ? 95  GLN A C    1 
ATOM   928  O O    . GLN A 1 92 ? 2.928   1.872   -11.453 1.00 48.14 ? 95  GLN A O    1 
ATOM   929  C CB   . GLN A 1 92 ? 3.461   5.005   -10.881 1.00 51.32 ? 95  GLN A CB   1 
ATOM   930  C CG   . GLN A 1 92 ? 4.153   6.207   -11.479 1.00 54.77 ? 95  GLN A CG   1 
ATOM   931  C CD   . GLN A 1 92 ? 4.916   6.989   -10.435 1.00 57.17 ? 95  GLN A CD   1 
ATOM   932  O OE1  . GLN A 1 92 ? 5.829   6.464   -9.797  1.00 57.65 ? 95  GLN A OE1  1 
ATOM   933  N NE2  . GLN A 1 92 ? 4.544   8.247   -10.247 1.00 58.76 ? 95  GLN A NE2  1 
ATOM   934  H H    . GLN A 1 92 ? 1.114   5.752   -11.644 1.00 0.00  ? 95  GLN A H    1 
ATOM   935  H HE21 . GLN A 1 92 ? 5.008   8.770   -9.559  1.00 0.00  ? 95  GLN A HE21 1 
ATOM   936  H HE22 . GLN A 1 92 ? 3.818   8.604   -10.797 1.00 0.00  ? 95  GLN A HE22 1 
ATOM   937  N N    . LEU A 1 93 ? 1.207   2.849   -10.355 1.00 48.04 ? 96  LEU A N    1 
ATOM   938  C CA   . LEU A 1 93 ? 0.822   1.640   -9.609  1.00 46.14 ? 96  LEU A CA   1 
ATOM   939  C C    . LEU A 1 93 ? -0.245  0.825   -10.310 1.00 45.87 ? 96  LEU A C    1 
ATOM   940  O O    . LEU A 1 93 ? -0.544  -0.289  -9.879  1.00 44.88 ? 96  LEU A O    1 
ATOM   941  C CB   . LEU A 1 93 ? 0.307   2.018   -8.215  1.00 43.86 ? 96  LEU A CB   1 
ATOM   942  C CG   . LEU A 1 93 ? 1.125   3.068   -7.470  1.00 43.10 ? 96  LEU A CG   1 
ATOM   943  C CD1  . LEU A 1 93 ? 0.713   3.122   -6.009  1.00 40.00 ? 96  LEU A CD1  1 
ATOM   944  C CD2  . LEU A 1 93 ? 2.605   2.751   -7.608  1.00 42.10 ? 96  LEU A CD2  1 
ATOM   945  H H    . LEU A 1 93 ? 0.692   3.674   -10.221 1.00 0.00  ? 96  LEU A H    1 
ATOM   946  N N    . LYS A 1 94 ? -0.810  1.372   -11.384 1.00 47.18 ? 97  LYS A N    1 
ATOM   947  C CA   . LYS A 1 94 ? -1.868  0.692   -12.131 1.00 47.61 ? 97  LYS A CA   1 
ATOM   948  C C    . LYS A 1 94 ? -1.579  -0.799  -12.397 1.00 45.43 ? 97  LYS A C    1 
ATOM   949  O O    . LYS A 1 94 ? -2.441  -1.643  -12.157 1.00 44.43 ? 97  LYS A O    1 
ATOM   950  C CB   . LYS A 1 94 ? -2.182  1.425   -13.449 1.00 50.67 ? 97  LYS A CB   1 
ATOM   951  C CG   . LYS A 1 94 ? -3.388  0.818   -14.148 1.00 56.31 ? 97  LYS A CG   1 
ATOM   952  C CD   . LYS A 1 94 ? -3.960  1.693   -15.241 1.00 59.48 ? 97  LYS A CD   1 
ATOM   953  C CE   . LYS A 1 94 ? -5.297  1.124   -15.706 1.00 61.13 ? 97  LYS A CE   1 
ATOM   954  N NZ   . LYS A 1 94 ? -5.930  1.955   -16.765 1.00 63.44 ? 97  LYS A NZ   1 
ATOM   955  H H    . LYS A 1 94 ? -0.518  2.262   -11.676 1.00 0.00  ? 97  LYS A H    1 
ATOM   956  H HZ1  . LYS A 1 94 ? -6.079  2.920   -16.407 1.00 0.00  ? 97  LYS A HZ1  1 
ATOM   957  H HZ2  . LYS A 1 94 ? -5.308  1.984   -17.597 1.00 0.00  ? 97  LYS A HZ2  1 
ATOM   958  H HZ3  . LYS A 1 94 ? -6.844  1.538   -17.031 1.00 0.00  ? 97  LYS A HZ3  1 
ATOM   959  N N    . PRO A 1 95 ? -0.392  -1.179  -12.896 1.00 44.31 ? 98  PRO A N    1 
ATOM   960  C CA   . PRO A 1 95 ? -0.082  -2.586  -13.138 1.00 45.37 ? 98  PRO A CA   1 
ATOM   961  C C    . PRO A 1 95 ? -0.451  -3.491  -11.947 1.00 46.45 ? 98  PRO A C    1 
ATOM   962  O O    . PRO A 1 95 ? -1.062  -4.542  -12.137 1.00 47.44 ? 98  PRO A O    1 
ATOM   963  C CB   . PRO A 1 95 ? 1.421   -2.590  -13.432 1.00 43.63 ? 98  PRO A CB   1 
ATOM   964  C CG   . PRO A 1 95 ? 1.878   -1.242  -12.990 1.00 44.43 ? 98  PRO A CG   1 
ATOM   965  C CD   . PRO A 1 95 ? 0.732   -0.332  -13.304 1.00 43.98 ? 98  PRO A CD   1 
ATOM   966  N N    . LEU A 1 96 ? -0.108  -3.063  -10.727 1.00 46.20 ? 99  LEU A N    1 
ATOM   967  C CA   . LEU A 1 96 ? -0.394  -3.859  -9.539  1.00 45.20 ? 99  LEU A CA   1 
ATOM   968  C C    . LEU A 1 96 ? -1.880  -3.918  -9.265  1.00 46.29 ? 99  LEU A C    1 
ATOM   969  O O    . LEU A 1 96 ? -2.410  -4.980  -8.944  1.00 45.15 ? 99  LEU A O    1 
ATOM   970  C CB   . LEU A 1 96 ? 0.316   -3.290  -8.303  1.00 42.84 ? 99  LEU A CB   1 
ATOM   971  C CG   . LEU A 1 96 ? 0.027   -4.003  -6.972  1.00 41.15 ? 99  LEU A CG   1 
ATOM   972  C CD1  . LEU A 1 96 ? 0.775   -5.322  -6.905  1.00 38.20 ? 99  LEU A CD1  1 
ATOM   973  C CD2  . LEU A 1 96 ? 0.410   -3.111  -5.811  1.00 39.05 ? 99  LEU A CD2  1 
ATOM   974  H H    . LEU A 1 96 ? 0.339   -2.197  -10.628 1.00 0.00  ? 99  LEU A H    1 
ATOM   975  N N    . PHE A 1 97 ? -2.547  -2.779  -9.384  1.00 48.58 ? 100 PHE A N    1 
ATOM   976  C CA   . PHE A 1 97 ? -3.974  -2.723  -9.111  1.00 52.20 ? 100 PHE A CA   1 
ATOM   977  C C    . PHE A 1 97 ? -4.742  -3.674  -10.009 1.00 56.06 ? 100 PHE A C    1 
ATOM   978  O O    . PHE A 1 97 ? -5.555  -4.469  -9.532  1.00 56.52 ? 100 PHE A O    1 
ATOM   979  C CB   . PHE A 1 97 ? -4.525  -1.301  -9.302  1.00 50.34 ? 100 PHE A CB   1 
ATOM   980  C CG   . PHE A 1 97 ? -4.025  -0.271  -8.321  1.00 48.52 ? 100 PHE A CG   1 
ATOM   981  C CD1  . PHE A 1 97 ? -3.656  -0.633  -7.026  1.00 46.65 ? 100 PHE A CD1  1 
ATOM   982  C CD2  . PHE A 1 97 ? -3.946  1.074   -8.691  1.00 47.63 ? 100 PHE A CD2  1 
ATOM   983  C CE1  . PHE A 1 97 ? -3.221  0.323   -6.119  1.00 46.95 ? 100 PHE A CE1  1 
ATOM   984  C CE2  . PHE A 1 97 ? -3.514  2.034   -7.789  1.00 46.65 ? 100 PHE A CE2  1 
ATOM   985  C CZ   . PHE A 1 97 ? -3.150  1.658   -6.501  1.00 46.70 ? 100 PHE A CZ   1 
ATOM   986  H H    . PHE A 1 97 ? -2.071  -1.965  -9.653  1.00 0.00  ? 100 PHE A H    1 
ATOM   987  N N    . ASP A 1 98 ? -4.483  -3.607  -11.305 1.00 60.72 ? 101 ASP A N    1 
ATOM   988  C CA   . ASP A 1 98 ? -5.224  -4.443  -12.236 1.00 66.29 ? 101 ASP A CA   1 
ATOM   989  C C    . ASP A 1 98 ? -4.666  -5.864  -12.307 1.00 68.12 ? 101 ASP A C    1 
ATOM   990  O O    . ASP A 1 98 ? -5.346  -6.765  -12.804 1.00 69.45 ? 101 ASP A O    1 
ATOM   991  C CB   . ASP A 1 98 ? -5.289  -3.796  -13.630 1.00 68.88 ? 101 ASP A CB   1 
ATOM   992  C CG   . ASP A 1 98 ? -4.029  -3.973  -14.450 1.00 72.53 ? 101 ASP A CG   1 
ATOM   993  O OD1  . ASP A 1 98 ? -2.940  -3.660  -13.935 1.00 74.44 ? 101 ASP A OD1  1 
ATOM   994  O OD2  . ASP A 1 98 ? -4.132  -4.431  -15.613 1.00 73.84 ? 101 ASP A OD2  1 
ATOM   995  H H    . ASP A 1 98 ? -3.795  -2.990  -11.636 1.00 0.00  ? 101 ASP A H    1 
ATOM   996  N N    . PHE A 1 99 ? -3.437  -6.060  -11.810 1.00 69.09 ? 102 PHE A N    1 
ATOM   997  C CA   . PHE A 1 99 ? -2.830  -7.389  -11.776 1.00 69.65 ? 102 PHE A CA   1 
ATOM   998  C C    . PHE A 1 99 ? -3.765  -8.369  -11.077 1.00 70.64 ? 102 PHE A C    1 
ATOM   999  O O    . PHE A 1 99 ? -3.768  -9.561  -11.381 1.00 72.94 ? 102 PHE A O    1 
ATOM   1000 C CB   . PHE A 1 99 ? -1.499  -7.333  -11.024 1.00 70.00 ? 102 PHE A CB   1 
ATOM   1001 C CG   . PHE A 1 99 ? -0.713  -8.614  -11.027 1.00 71.29 ? 102 PHE A CG   1 
ATOM   1002 C CD1  . PHE A 1 99 ? -0.964  -9.606  -10.083 1.00 71.76 ? 102 PHE A CD1  1 
ATOM   1003 C CD2  . PHE A 1 99 ? 0.299   -8.825  -11.968 1.00 72.61 ? 102 PHE A CD2  1 
ATOM   1004 C CE1  . PHE A 1 99 ? -0.226  -10.777 -10.080 1.00 72.74 ? 102 PHE A CE1  1 
ATOM   1005 C CE2  . PHE A 1 99 ? 1.046   -9.998  -11.968 1.00 72.58 ? 102 PHE A CE2  1 
ATOM   1006 C CZ   . PHE A 1 99 ? 0.781   -10.975 -11.022 1.00 73.27 ? 102 PHE A CZ   1 
ATOM   1007 H H    . PHE A 1 99 ? -2.930  -5.296  -11.462 1.00 0.00  ? 102 PHE A H    1 
HETATM 1008 O O    . HOH B 2 .  ? -6.715  -9.522  7.230   1.00 38.23 ? 401 HOH A O    1 
HETATM 1009 H H1   . HOH B 2 .  ? -6.111  -9.915  7.867   1.00 0.00  ? 401 HOH A H1   1 
HETATM 1010 H H2   . HOH B 2 .  ? -7.585  -9.691  7.594   1.00 0.00  ? 401 HOH A H2   1 
HETATM 1011 O O    . HOH B 2 .  ? -9.276  -7.158  6.224   1.00 47.94 ? 402 HOH A O    1 
HETATM 1012 H H1   . HOH B 2 .  ? -8.338  -7.245  6.425   1.00 0.00  ? 402 HOH A H1   1 
HETATM 1013 H H2   . HOH B 2 .  ? -9.341  -6.328  5.747   1.00 0.00  ? 402 HOH A H2   1 
HETATM 1014 O O    . HOH B 2 .  ? -10.553 -8.730  4.308   1.00 38.55 ? 403 HOH A O    1 
HETATM 1015 H H1   . HOH B 2 .  ? -9.722  -8.886  3.854   1.00 0.00  ? 403 HOH A H1   1 
HETATM 1016 H H2   . HOH B 2 .  ? -10.291 -8.339  5.153   1.00 0.00  ? 403 HOH A H2   1 
HETATM 1017 O O    . HOH B 2 .  ? -2.256  -8.868  8.437   1.00 61.76 ? 404 HOH A O    1 
HETATM 1018 H H1   . HOH B 2 .  ? -1.751  -9.083  9.231   1.00 0.00  ? 404 HOH A H1   1 
HETATM 1019 H H2   . HOH B 2 .  ? -3.171  -8.935  8.718   1.00 0.00  ? 404 HOH A H2   1 
HETATM 1020 O O    . HOH B 2 .  ? -10.979 -11.629 4.814   1.00 66.03 ? 405 HOH A O    1 
HETATM 1021 H H1   . HOH B 2 .  ? -10.845 -10.682 4.736   1.00 0.00  ? 405 HOH A H1   1 
HETATM 1022 H H2   . HOH B 2 .  ? -11.927 -11.725 4.951   1.00 0.00  ? 405 HOH A H2   1 
HETATM 1023 O O    . HOH B 2 .  ? -3.220  -13.113 1.096   1.00 22.24 ? 406 HOH A O    1 
HETATM 1024 H H1   . HOH B 2 .  ? -2.433  -12.559 1.089   1.00 0.00  ? 406 HOH A H1   1 
HETATM 1025 H H2   . HOH B 2 .  ? -2.910  -13.956 1.449   1.00 0.00  ? 406 HOH A H2   1 
HETATM 1026 O O    . HOH B 2 .  ? -2.472  -15.713 2.348   1.00 44.82 ? 407 HOH A O    1 
HETATM 1027 H H1   . HOH B 2 .  ? -2.735  -15.638 3.273   1.00 0.00  ? 407 HOH A H1   1 
HETATM 1028 H H2   . HOH B 2 .  ? -2.366  -16.660 2.217   1.00 0.00  ? 407 HOH A H2   1 
HETATM 1029 O O    . HOH B 2 .  ? -5.138  -16.629 -1.778  1.00 66.34 ? 408 HOH A O    1 
HETATM 1030 H H1   . HOH B 2 .  ? -5.784  -17.230 -2.165  1.00 0.00  ? 408 HOH A H1   1 
HETATM 1031 H H2   . HOH B 2 .  ? -4.373  -17.178 -1.614  1.00 0.00  ? 408 HOH A H2   1 
HETATM 1032 O O    . HOH B 2 .  ? 2.457   -16.106 -2.341  1.00 35.90 ? 409 HOH A O    1 
HETATM 1033 H H1   . HOH B 2 .  ? 2.108   -16.461 -1.521  1.00 0.00  ? 409 HOH A H1   1 
HETATM 1034 H H2   . HOH B 2 .  ? 2.516   -15.160 -2.187  1.00 0.00  ? 409 HOH A H2   1 
HETATM 1035 O O    . HOH B 2 .  ? -12.500 3.930   -5.619  1.00 76.53 ? 410 HOH A O    1 
HETATM 1036 H H1   . HOH B 2 .  ? -12.441 4.121   -6.557  1.00 0.00  ? 410 HOH A H1   1 
HETATM 1037 H H2   . HOH B 2 .  ? -11.624 3.603   -5.387  1.00 0.00  ? 410 HOH A H2   1 
HETATM 1038 O O    . HOH B 2 .  ? -0.889  -20.311 -1.970  1.00 79.82 ? 411 HOH A O    1 
HETATM 1039 H H1   . HOH B 2 .  ? -0.352  -20.969 -2.411  1.00 0.00  ? 411 HOH A H1   1 
HETATM 1040 H H2   . HOH B 2 .  ? -1.265  -19.793 -2.686  1.00 0.00  ? 411 HOH A H2   1 
HETATM 1041 O O    . HOH B 2 .  ? -8.503  -6.340  -10.762 1.00 67.01 ? 412 HOH A O    1 
HETATM 1042 H H1   . HOH B 2 .  ? -9.051  -7.072  -10.471 1.00 0.00  ? 412 HOH A H1   1 
HETATM 1043 H H2   . HOH B 2 .  ? -7.813  -6.755  -11.285 1.00 0.00  ? 412 HOH A H2   1 
HETATM 1044 O O    . HOH B 2 .  ? -10.288 -4.997  -1.546  1.00 28.37 ? 413 HOH A O    1 
HETATM 1045 H H1   . HOH B 2 .  ? -9.861  -5.848  -1.680  1.00 0.00  ? 413 HOH A H1   1 
HETATM 1046 H H2   . HOH B 2 .  ? -10.996 -5.184  -0.919  1.00 0.00  ? 413 HOH A H2   1 
HETATM 1047 O O    . HOH B 2 .  ? -11.890 -8.417  -0.890  1.00 40.51 ? 414 HOH A O    1 
HETATM 1048 H H1   . HOH B 2 .  ? -11.052 -8.079  -1.221  1.00 0.00  ? 414 HOH A H1   1 
HETATM 1049 H H2   . HOH B 2 .  ? -12.027 -7.942  -0.069  1.00 0.00  ? 414 HOH A H2   1 
HETATM 1050 O O    . HOH B 2 .  ? -12.616 -5.621  0.200   1.00 45.14 ? 415 HOH A O    1 
HETATM 1051 H H1   . HOH B 2 .  ? -12.853 -6.384  0.742   1.00 0.00  ? 415 HOH A H1   1 
HETATM 1052 H H2   . HOH B 2 .  ? -13.455 -5.293  -0.132  1.00 0.00  ? 415 HOH A H2   1 
HETATM 1053 O O    . HOH B 2 .  ? -12.453 -2.924  -2.843  1.00 63.33 ? 416 HOH A O    1 
HETATM 1054 H H1   . HOH B 2 .  ? -12.115 -3.595  -2.243  1.00 0.00  ? 416 HOH A H1   1 
HETATM 1055 H H2   . HOH B 2 .  ? -13.091 -2.430  -2.311  1.00 0.00  ? 416 HOH A H2   1 
HETATM 1056 O O    . HOH B 2 .  ? -14.265 3.202   3.789   1.00 43.72 ? 417 HOH A O    1 
HETATM 1057 H H1   . HOH B 2 .  ? -14.147 3.826   3.070   1.00 0.00  ? 417 HOH A H1   1 
HETATM 1058 H H2   . HOH B 2 .  ? -14.876 2.549   3.436   1.00 0.00  ? 417 HOH A H2   1 
HETATM 1059 O O    . HOH B 2 .  ? -15.152 2.406   7.331   1.00 45.96 ? 418 HOH A O    1 
HETATM 1060 H H1   . HOH B 2 .  ? -15.700 2.246   6.563   1.00 0.00  ? 418 HOH A H1   1 
HETATM 1061 H H2   . HOH B 2 .  ? -15.167 3.371   7.429   1.00 0.00  ? 418 HOH A H2   1 
HETATM 1062 O O    . HOH B 2 .  ? 9.926   12.999  8.267   1.00 47.58 ? 419 HOH A O    1 
HETATM 1063 H H1   . HOH B 2 .  ? 10.444  13.771  8.027   1.00 0.00  ? 419 HOH A H1   1 
HETATM 1064 H H2   . HOH B 2 .  ? 9.971   12.973  9.235   1.00 0.00  ? 419 HOH A H2   1 
HETATM 1065 O O    . HOH B 2 .  ? -2.464  -1.941  15.732  1.00 52.61 ? 420 HOH A O    1 
HETATM 1066 H H1   . HOH B 2 .  ? -2.990  -2.278  16.458  1.00 0.00  ? 420 HOH A H1   1 
HETATM 1067 H H2   . HOH B 2 .  ? -1.562  -2.003  16.048  1.00 0.00  ? 420 HOH A H2   1 
HETATM 1068 O O    . HOH B 2 .  ? 12.801  -0.975  -5.208  1.00 54.02 ? 421 HOH A O    1 
HETATM 1069 H H1   . HOH B 2 .  ? 13.477  -0.329  -4.997  1.00 0.00  ? 421 HOH A H1   1 
HETATM 1070 H H2   . HOH B 2 .  ? 12.144  -0.476  -5.710  1.00 0.00  ? 421 HOH A H2   1 
HETATM 1071 O O    . HOH B 2 .  ? 7.386   0.695   -0.333  1.00 38.59 ? 422 HOH A O    1 
HETATM 1072 H H1   . HOH B 2 .  ? 8.159   0.227   -0.645  1.00 0.00  ? 422 HOH A H1   1 
HETATM 1073 H H2   . HOH B 2 .  ? 7.256   1.400   -0.979  1.00 0.00  ? 422 HOH A H2   1 
HETATM 1074 O O    . HOH B 2 .  ? 6.806   2.083   -2.386  1.00 46.24 ? 423 HOH A O    1 
HETATM 1075 H H1   . HOH B 2 .  ? 7.122   1.663   -3.188  1.00 0.00  ? 423 HOH A H1   1 
HETATM 1076 H H2   . HOH B 2 .  ? 5.851   2.131   -2.503  1.00 0.00  ? 423 HOH A H2   1 
HETATM 1077 O O    . HOH B 2 .  ? 7.916   -2.579  0.856   1.00 59.93 ? 424 HOH A O    1 
HETATM 1078 H H1   . HOH B 2 .  ? 7.517   -2.165  0.083   1.00 0.00  ? 424 HOH A H1   1 
HETATM 1079 H H2   . HOH B 2 .  ? 7.550   -3.463  0.869   1.00 0.00  ? 424 HOH A H2   1 
HETATM 1080 O O    . HOH B 2 .  ? 10.747  -1.765  -0.360  1.00 61.20 ? 425 HOH A O    1 
HETATM 1081 H H1   . HOH B 2 .  ? 11.524  -2.114  0.085   1.00 0.00  ? 425 HOH A H1   1 
HETATM 1082 H H2   . HOH B 2 .  ? 10.007  -2.099  0.162   1.00 0.00  ? 425 HOH A H2   1 
HETATM 1083 O O    . HOH B 2 .  ? 7.911   -12.311 7.659   1.00 34.60 ? 426 HOH A O    1 
HETATM 1084 H H1   . HOH B 2 .  ? 8.402   -12.831 7.019   1.00 0.00  ? 426 HOH A H1   1 
HETATM 1085 H H2   . HOH B 2 .  ? 8.001   -11.404 7.348   1.00 0.00  ? 426 HOH A H2   1 
HETATM 1086 O O    . HOH B 2 .  ? 4.144   1.633   9.718   1.00 62.89 ? 427 HOH A O    1 
HETATM 1087 H H1   . HOH B 2 .  ? 4.022   1.222   10.586  1.00 0.00  ? 427 HOH A H1   1 
HETATM 1088 H H2   . HOH B 2 .  ? 5.087   1.800   9.669   1.00 0.00  ? 427 HOH A H2   1 
HETATM 1089 O O    . HOH B 2 .  ? 4.218   6.163   7.238   1.00 65.07 ? 428 HOH A O    1 
HETATM 1090 H H1   . HOH B 2 .  ? 4.393   5.706   6.412   1.00 0.00  ? 428 HOH A H1   1 
HETATM 1091 H H2   . HOH B 2 .  ? 3.306   5.951   7.440   1.00 0.00  ? 428 HOH A H2   1 
HETATM 1092 O O    . HOH B 2 .  ? -7.023  -6.605  -8.502  1.00 55.95 ? 429 HOH A O    1 
HETATM 1093 H H1   . HOH B 2 .  ? -6.924  -6.011  -9.252  1.00 0.00  ? 429 HOH A H1   1 
HETATM 1094 H H2   . HOH B 2 .  ? -7.822  -6.307  -8.071  1.00 0.00  ? 429 HOH A H2   1 
HETATM 1095 O O    . HOH B 2 .  ? 6.835   8.435   -7.624  1.00 68.44 ? 430 HOH A O    1 
HETATM 1096 H H1   . HOH B 2 .  ? 7.376   9.209   -7.446  1.00 0.00  ? 430 HOH A H1   1 
HETATM 1097 H H2   . HOH B 2 .  ? 6.451   8.217   -6.765  1.00 0.00  ? 430 HOH A H2   1 
HETATM 1098 O O    . HOH B 2 .  ? 12.039  -3.274  -2.249  1.00 81.57 ? 431 HOH A O    1 
HETATM 1099 H H1   . HOH B 2 .  ? 12.164  -2.367  -1.959  1.00 0.00  ? 431 HOH A H1   1 
HETATM 1100 H H2   . HOH B 2 .  ? 12.653  -3.374  -2.982  1.00 0.00  ? 431 HOH A H2   1 
HETATM 1101 O O    . HOH B 2 .  ? 12.039  11.889  6.822   1.00 46.17 ? 432 HOH A O    1 
HETATM 1102 H H1   . HOH B 2 .  ? 12.582  11.341  7.393   1.00 0.00  ? 432 HOH A H1   1 
HETATM 1103 H H2   . HOH B 2 .  ? 11.254  12.082  7.350   1.00 0.00  ? 432 HOH A H2   1 
HETATM 1104 O O    . HOH B 2 .  ? 10.040  12.554  11.075  1.00 61.98 ? 433 HOH A O    1 
HETATM 1105 H H1   . HOH B 2 .  ? 10.071  11.710  11.532  1.00 0.00  ? 433 HOH A H1   1 
HETATM 1106 H H2   . HOH B 2 .  ? 9.485   13.104  11.634  1.00 0.00  ? 433 HOH A H2   1 
HETATM 1107 O O    . HOH B 2 .  ? -1.479  9.052   -12.147 1.00 49.08 ? 434 HOH A O    1 
HETATM 1108 H H1   . HOH B 2 .  ? -1.424  10.003  -12.019 1.00 0.00  ? 434 HOH A H1   1 
HETATM 1109 H H2   . HOH B 2 .  ? -2.209  8.940   -12.760 1.00 0.00  ? 434 HOH A H2   1 
HETATM 1110 O O    . HOH B 2 .  ? 2.568   -19.436 -0.301  1.00 43.86 ? 435 HOH A O    1 
HETATM 1111 H H1   . HOH B 2 .  ? 1.987   -20.193 -0.389  1.00 0.00  ? 435 HOH A H1   1 
HETATM 1112 H H2   . HOH B 2 .  ? 2.417   -19.123 0.592   1.00 0.00  ? 435 HOH A H2   1 
HETATM 1113 O O    . HOH B 2 .  ? -12.307 -4.439  -5.697  1.00 63.70 ? 436 HOH A O    1 
HETATM 1114 H H1   . HOH B 2 .  ? -12.497 -3.635  -5.204  1.00 0.00  ? 436 HOH A H1   1 
HETATM 1115 H H2   . HOH B 2 .  ? -12.224 -5.114  -5.020  1.00 0.00  ? 436 HOH A H2   1 
HETATM 1116 O O    . HOH B 2 .  ? -3.791  -17.715 -4.653  1.00 68.03 ? 437 HOH A O    1 
HETATM 1117 H H1   . HOH B 2 .  ? -4.653  -17.997 -4.340  1.00 0.00  ? 437 HOH A H1   1 
HETATM 1118 H H2   . HOH B 2 .  ? -3.987  -17.009 -5.286  1.00 0.00  ? 437 HOH A H2   1 
HETATM 1119 O O    . HOH B 2 .  ? 9.644   16.380  8.334   1.00 57.40 ? 438 HOH A O    1 
HETATM 1120 H H1   . HOH B 2 .  ? 9.737   15.867  7.525   1.00 0.00  ? 438 HOH A H1   1 
HETATM 1121 H H2   . HOH B 2 .  ? 10.520  16.757  8.471   1.00 0.00  ? 438 HOH A H2   1 
HETATM 1122 O O    . HOH B 2 .  ? -0.106  -6.205  -14.437 1.00 51.92 ? 439 HOH A O    1 
HETATM 1123 H H1   . HOH B 2 .  ? -0.395  -5.520  -15.041 1.00 0.00  ? 439 HOH A H1   1 
HETATM 1124 H H2   . HOH B 2 .  ? -0.347  -5.872  -13.568 1.00 0.00  ? 439 HOH A H2   1 
HETATM 1125 O O    . HOH B 2 .  ? -1.513  -2.942  -16.374 1.00 59.09 ? 440 HOH A O    1 
HETATM 1126 H H1   . HOH B 2 .  ? -2.370  -3.350  -16.247 1.00 0.00  ? 440 HOH A H1   1 
HETATM 1127 H H2   . HOH B 2 .  ? -1.292  -3.130  -17.287 1.00 0.00  ? 440 HOH A H2   1 
HETATM 1128 O O    . HOH B 2 .  ? 7.527   -2.287  6.537   1.00 56.17 ? 441 HOH A O    1 
HETATM 1129 H H1   . HOH B 2 .  ? 6.797   -2.376  5.918   1.00 0.00  ? 441 HOH A H1   1 
HETATM 1130 H H2   . HOH B 2 .  ? 7.515   -3.110  7.041   1.00 0.00  ? 441 HOH A H2   1 
HETATM 1131 O O    . HOH B 2 .  ? -0.649  -12.427 -13.580 1.00 84.96 ? 442 HOH A O    1 
HETATM 1132 H H1   . HOH B 2 .  ? -1.208  -12.645 -12.830 1.00 0.00  ? 442 HOH A H1   1 
HETATM 1133 H H2   . HOH B 2 .  ? -1.110  -11.709 -14.019 1.00 0.00  ? 442 HOH A H2   1 
HETATM 1134 O O    . HOH B 2 .  ? -15.299 5.001   6.929   1.00 69.55 ? 444 HOH A O    1 
HETATM 1135 H H1   . HOH B 2 .  ? -14.743 5.605   7.442   1.00 0.00  ? 444 HOH A H1   1 
HETATM 1136 H H2   . HOH B 2 .  ? -14.934 5.045   6.044   1.00 0.00  ? 444 HOH A H2   1 
HETATM 1137 O O    . HOH B 2 .  ? -1.344  -20.700 0.696   1.00 76.91 ? 446 HOH A O    1 
HETATM 1138 H H1   . HOH B 2 .  ? -2.051  -20.174 0.321   1.00 0.00  ? 446 HOH A H1   1 
HETATM 1139 H H2   . HOH B 2 .  ? -0.833  -20.980 -0.066  1.00 0.00  ? 446 HOH A H2   1 
HETATM 1140 O O    . HOH B 2 .  ? 1.512   -13.813 -14.687 1.00 53.32 ? 447 HOH A O    1 
HETATM 1141 H H1   . HOH B 2 .  ? 2.139   -13.356 -14.129 1.00 0.00  ? 447 HOH A H1   1 
HETATM 1142 H H2   . HOH B 2 .  ? 0.650   -13.521 -14.365 1.00 0.00  ? 447 HOH A H2   1 
HETATM 1143 O O    . HOH B 2 .  ? 0.163   -12.015 9.983   1.00 78.08 ? 449 HOH A O    1 
HETATM 1144 H H1   . HOH B 2 .  ? 0.670   -12.559 9.369   1.00 0.00  ? 449 HOH A H1   1 
HETATM 1145 H H2   . HOH B 2 .  ? -0.742  -12.297 9.857   1.00 0.00  ? 449 HOH A H2   1 
HETATM 1146 O O    . HOH B 2 .  ? -2.108  -15.672 9.378   1.00 81.11 ? 450 HOH A O    1 
HETATM 1147 H H1   . HOH B 2 .  ? -1.169  -15.821 9.251   1.00 0.00  ? 450 HOH A H1   1 
HETATM 1148 H H2   . HOH B 2 .  ? -2.245  -15.805 10.317  1.00 0.00  ? 450 HOH A H2   1 
HETATM 1149 O O    . HOH B 2 .  ? 3.078   -14.127 12.326  1.00 60.20 ? 451 HOH A O    1 
HETATM 1150 H H1   . HOH B 2 .  ? 3.090   -13.957 13.270  1.00 0.00  ? 451 HOH A H1   1 
HETATM 1151 H H2   . HOH B 2 .  ? 2.349   -13.593 11.997  1.00 0.00  ? 451 HOH A H2   1 
HETATM 1152 O O    . HOH B 2 .  ? 2.403   -16.292 10.732  1.00 71.08 ? 452 HOH A O    1 
HETATM 1153 H H1   . HOH B 2 .  ? 2.672   -15.531 11.262  1.00 0.00  ? 452 HOH A H1   1 
HETATM 1154 H H2   . HOH B 2 .  ? 3.088   -16.941 10.887  1.00 0.00  ? 452 HOH A H2   1 
HETATM 1155 O O    . HOH B 2 .  ? -4.099  -16.384 -6.913  1.00 75.85 ? 454 HOH A O    1 
HETATM 1156 H H1   . HOH B 2 .  ? -3.621  -15.848 -7.554  1.00 0.00  ? 454 HOH A H1   1 
HETATM 1157 H H2   . HOH B 2 .  ? -4.220  -17.229 -7.352  1.00 0.00  ? 454 HOH A H2   1 
HETATM 1158 O O    . HOH B 2 .  ? 9.402   -1.943  11.534  1.00 87.15 ? 456 HOH A O    1 
HETATM 1159 H H1   . HOH B 2 .  ? 10.095  -2.103  10.895  1.00 0.00  ? 456 HOH A H1   1 
HETATM 1160 H H2   . HOH B 2 .  ? 8.831   -2.721  11.467  1.00 0.00  ? 456 HOH A H2   1 
HETATM 1161 O O    . HOH B 2 .  ? 13.257  6.616   -3.984  1.00 58.64 ? 457 HOH A O    1 
HETATM 1162 H H1   . HOH B 2 .  ? 13.683  5.758   -4.032  1.00 0.00  ? 457 HOH A H1   1 
HETATM 1163 H H2   . HOH B 2 .  ? 13.942  7.237   -4.235  1.00 0.00  ? 457 HOH A H2   1 
HETATM 1164 O O    . HOH B 2 .  ? 13.940  1.749   -1.923  1.00 78.10 ? 458 HOH A O    1 
HETATM 1165 H H1   . HOH B 2 .  ? 13.172  2.241   -2.223  1.00 0.00  ? 458 HOH A H1   1 
HETATM 1166 H H2   . HOH B 2 .  ? 14.005  1.957   -0.991  1.00 0.00  ? 458 HOH A H2   1 
HETATM 1167 O O    . HOH B 2 .  ? -7.225  -17.992 2.981   1.00 91.15 ? 459 HOH A O    1 
HETATM 1168 H H1   . HOH B 2 .  ? -8.071  -17.529 3.015   1.00 0.00  ? 459 HOH A H1   1 
HETATM 1169 H H2   . HOH B 2 .  ? -6.683  -17.531 3.622   1.00 0.00  ? 459 HOH A H2   1 
HETATM 1170 O O    . HOH B 2 .  ? 5.752   10.248  11.915  1.00 61.19 ? 460 HOH A O    1 
HETATM 1171 H H1   . HOH B 2 .  ? 5.301   9.645   11.312  1.00 0.00  ? 460 HOH A H1   1 
HETATM 1172 H H2   . HOH B 2 .  ? 5.092   10.910  12.118  1.00 0.00  ? 460 HOH A H2   1 
HETATM 1173 O O    . HOH B 2 .  ? -16.814 12.167  5.790   1.00 84.62 ? 461 HOH A O    1 
HETATM 1174 H H1   . HOH B 2 .  ? -16.782 11.587  6.555   1.00 0.00  ? 461 HOH A H1   1 
HETATM 1175 H H2   . HOH B 2 .  ? -16.112 12.800  5.939   1.00 0.00  ? 461 HOH A H2   1 
HETATM 1176 O O    . HOH B 2 .  ? -18.989 12.321  4.119   1.00 88.70 ? 462 HOH A O    1 
HETATM 1177 H H1   . HOH B 2 .  ? -19.607 12.428  4.839   1.00 0.00  ? 462 HOH A H1   1 
HETATM 1178 H H2   . HOH B 2 .  ? -18.130 12.238  4.557   1.00 0.00  ? 462 HOH A H2   1 
HETATM 1179 O O    . HOH B 2 .  ? 2.360   3.172   8.150   1.00 49.11 ? 463 HOH A O    1 
HETATM 1180 H H1   . HOH B 2 .  ? 2.118   2.606   7.411   1.00 0.00  ? 463 HOH A H1   1 
HETATM 1181 H H2   . HOH B 2 .  ? 2.937   2.615   8.692   1.00 0.00  ? 463 HOH A H2   1 
HETATM 1182 O O    . HOH B 2 .  ? -14.545 0.102   0.313   1.00 75.28 ? 464 HOH A O    1 
HETATM 1183 H H1   . HOH B 2 .  ? -13.885 0.086   1.007   1.00 0.00  ? 464 HOH A H1   1 
HETATM 1184 H H2   . HOH B 2 .  ? -14.121 -0.354  -0.426  1.00 0.00  ? 464 HOH A H2   1 
HETATM 1185 O O    . HOH B 2 .  ? -9.621  7.350   -0.465  1.00 76.66 ? 465 HOH A O    1 
HETATM 1186 H H1   . HOH B 2 .  ? -10.462 7.232   -0.921  1.00 0.00  ? 465 HOH A H1   1 
HETATM 1187 H H2   . HOH B 2 .  ? -9.722  8.175   0.014   1.00 0.00  ? 465 HOH A H2   1 
HETATM 1188 O O    . HOH B 2 .  ? -12.328 -4.225  -8.410  1.00 86.02 ? 466 HOH A O    1 
HETATM 1189 H H1   . HOH B 2 .  ? -11.588 -4.804  -8.585  1.00 0.00  ? 466 HOH A H1   1 
HETATM 1190 H H2   . HOH B 2 .  ? -12.458 -4.289  -7.454  1.00 0.00  ? 466 HOH A H2   1 
HETATM 1191 O O    . HOH B 2 .  ? -4.775  15.408  -7.303  1.00 70.77 ? 467 HOH A O    1 
HETATM 1192 H H1   . HOH B 2 .  ? -4.610  14.792  -8.017  1.00 0.00  ? 467 HOH A H1   1 
HETATM 1193 H H2   . HOH B 2 .  ? -4.391  14.983  -6.531  1.00 0.00  ? 467 HOH A H2   1 
HETATM 1194 O O    . HOH B 2 .  ? -8.443  2.784   -14.966 1.00 67.61 ? 468 HOH A O    1 
HETATM 1195 H H1   . HOH B 2 .  ? -8.626  3.688   -15.226 1.00 0.00  ? 468 HOH A H1   1 
HETATM 1196 H H2   . HOH B 2 .  ? -9.258  2.480   -14.566 1.00 0.00  ? 468 HOH A H2   1 
HETATM 1197 O O    . HOH B 2 .  ? -6.667  -2.335  -18.399 1.00 72.04 ? 469 HOH A O    1 
HETATM 1198 H H1   . HOH B 2 .  ? -6.881  -2.849  -17.620 1.00 0.00  ? 469 HOH A H1   1 
HETATM 1199 H H2   . HOH B 2 .  ? -6.168  -2.935  -18.953 1.00 0.00  ? 469 HOH A H2   1 
HETATM 1200 O O    . HOH B 2 .  ? -2.311  -16.327 5.003   1.00 67.11 ? 470 HOH A O    1 
HETATM 1201 H H1   . HOH B 2 .  ? -2.588  -17.052 5.566   1.00 0.00  ? 470 HOH A H1   1 
HETATM 1202 H H2   . HOH B 2 .  ? -1.363  -16.241 5.181   1.00 0.00  ? 470 HOH A H2   1 
HETATM 1203 O O    . HOH B 2 .  ? -3.764  -11.352 7.490   1.00 71.61 ? 471 HOH A O    1 
HETATM 1204 H H1   . HOH B 2 .  ? -3.211  -10.627 7.182   1.00 0.00  ? 471 HOH A H1   1 
HETATM 1205 H H2   . HOH B 2 .  ? -3.243  -12.137 7.311   1.00 0.00  ? 471 HOH A H2   1 
HETATM 1206 O O    . HOH B 2 .  ? -10.525 -9.695  -7.964  1.00 58.68 ? 472 HOH A O    1 
HETATM 1207 H H1   . HOH B 2 .  ? -9.670  -10.112 -7.836  1.00 0.00  ? 472 HOH A H1   1 
HETATM 1208 H H2   . HOH B 2 .  ? -11.159 -10.371 -7.718  1.00 0.00  ? 472 HOH A H2   1 
HETATM 1209 O O    . HOH B 2 .  ? -9.959  -12.116 -11.621 1.00 73.73 ? 473 HOH A O    1 
HETATM 1210 H H1   . HOH B 2 .  ? -10.810 -12.510 -11.427 1.00 0.00  ? 473 HOH A H1   1 
HETATM 1211 H H2   . HOH B 2 .  ? -9.324  -12.801 -11.406 1.00 0.00  ? 473 HOH A H2   1 
HETATM 1212 O O    . HOH B 2 .  ? 9.709   4.262   -10.989 1.00 68.19 ? 474 HOH A O    1 
HETATM 1213 H H1   . HOH B 2 .  ? 9.885   3.942   -11.876 1.00 0.00  ? 474 HOH A H1   1 
HETATM 1214 H H2   . HOH B 2 .  ? 9.426   5.169   -11.116 1.00 0.00  ? 474 HOH A H2   1 
HETATM 1215 O O    . HOH B 2 .  ? 4.406   2.468   16.154  1.00 77.31 ? 475 HOH A O    1 
HETATM 1216 H H1   . HOH B 2 .  ? 4.444   1.555   15.867  1.00 0.00  ? 475 HOH A H1   1 
HETATM 1217 H H2   . HOH B 2 .  ? 4.109   2.949   15.382  1.00 0.00  ? 475 HOH A H2   1 
HETATM 1218 O O    . HOH B 2 .  ? 5.726   -0.747  4.752   1.00 59.61 ? 476 HOH A O    1 
HETATM 1219 H H1   . HOH B 2 .  ? 5.097   -1.132  5.375   1.00 0.00  ? 476 HOH A H1   1 
HETATM 1220 H H2   . HOH B 2 .  ? 6.444   -0.430  5.303   1.00 0.00  ? 476 HOH A H2   1 
HETATM 1221 O O    . HOH B 2 .  ? 0.695   2.362   9.913   1.00 66.34 ? 477 HOH A O    1 
HETATM 1222 H H1   . HOH B 2 .  ? 1.259   2.975   9.423   1.00 0.00  ? 477 HOH A H1   1 
HETATM 1223 H H2   . HOH B 2 .  ? 0.829   2.599   10.829  1.00 0.00  ? 477 HOH A H2   1 
HETATM 1224 O O    . HOH B 2 .  ? 9.171   -9.761  6.919   1.00 53.33 ? 478 HOH A O    1 
HETATM 1225 H H1   . HOH B 2 .  ? 8.782   -9.524  7.769   1.00 0.00  ? 478 HOH A H1   1 
HETATM 1226 H H2   . HOH B 2 .  ? 9.971   -10.235 7.147   1.00 0.00  ? 478 HOH A H2   1 
HETATM 1227 O O    . HOH B 2 .  ? -5.602  4.281   7.847   1.00 90.05 ? 479 HOH A O    1 
HETATM 1228 H H1   . HOH B 2 .  ? -5.510  5.195   8.116   1.00 0.00  ? 479 HOH A H1   1 
HETATM 1229 H H2   . HOH B 2 .  ? -4.705  3.997   7.656   1.00 0.00  ? 479 HOH A H2   1 
HETATM 1230 O O    . HOH B 2 .  ? -7.919  8.549   1.962   1.00 85.46 ? 480 HOH A O    1 
HETATM 1231 H H1   . HOH B 2 .  ? -8.051  7.629   1.723   1.00 0.00  ? 480 HOH A H1   1 
HETATM 1232 H H2   . HOH B 2 .  ? -8.185  8.596   2.890   1.00 0.00  ? 480 HOH A H2   1 
HETATM 1233 O O    . HOH B 2 .  ? 10.313  -8.323  -4.334  1.00 47.44 ? 481 HOH A O    1 
HETATM 1234 H H1   . HOH B 2 .  ? 9.532   -8.781  -4.018  1.00 0.00  ? 481 HOH A H1   1 
HETATM 1235 H H2   . HOH B 2 .  ? 10.178  -7.413  -4.070  1.00 0.00  ? 481 HOH A H2   1 
HETATM 1236 O O    . HOH B 2 .  ? -14.628 -2.263  -0.898  1.00 47.05 ? 482 HOH A O    1 
HETATM 1237 H H1   . HOH B 2 .  ? -15.321 -2.234  -1.560  1.00 0.00  ? 482 HOH A H1   1 
HETATM 1238 H H2   . HOH B 2 .  ? -15.039 -1.894  -0.110  1.00 0.00  ? 482 HOH A H2   1 
HETATM 1239 O O    . HOH B 2 .  ? 11.102  12.005  0.749   1.00 54.04 ? 484 HOH A O    1 
HETATM 1240 H H1   . HOH B 2 .  ? 10.581  11.796  1.527   1.00 0.00  ? 484 HOH A H1   1 
HETATM 1241 H H2   . HOH B 2 .  ? 10.659  12.767  0.365   1.00 0.00  ? 484 HOH A H2   1 
HETATM 1242 O O    . HOH B 2 .  ? 6.224   4.329   7.358   1.00 52.39 ? 485 HOH A O    1 
HETATM 1243 H H1   . HOH B 2 .  ? 5.791   5.177   7.511   1.00 0.00  ? 485 HOH A H1   1 
HETATM 1244 H H2   . HOH B 2 .  ? 5.772   3.725   7.945   1.00 0.00  ? 485 HOH A H2   1 
HETATM 1245 O O    . HOH B 2 .  ? 10.804  8.005   4.602   1.00 51.86 ? 486 HOH A O    1 
HETATM 1246 H H1   . HOH B 2 .  ? 10.896  8.442   3.754   1.00 0.00  ? 486 HOH A H1   1 
HETATM 1247 H H2   . HOH B 2 .  ? 11.446  8.436   5.166   1.00 0.00  ? 486 HOH A H2   1 
HETATM 1248 O O    . HOH B 2 .  ? -4.347  8.933   14.883  1.00 53.16 ? 487 HOH A O    1 
HETATM 1249 H H1   . HOH B 2 .  ? -4.622  9.241   14.017  1.00 0.00  ? 487 HOH A H1   1 
HETATM 1250 H H2   . HOH B 2 .  ? -3.680  8.272   14.701  1.00 0.00  ? 487 HOH A H2   1 
HETATM 1251 O O    . HOH B 2 .  ? -16.008 8.896   5.478   1.00 51.31 ? 488 HOH A O    1 
HETATM 1252 H H1   . HOH B 2 .  ? -16.323 9.132   4.605   1.00 0.00  ? 488 HOH A H1   1 
HETATM 1253 H H2   . HOH B 2 .  ? -15.396 8.176   5.327   1.00 0.00  ? 488 HOH A H2   1 
HETATM 1254 O O    . HOH B 2 .  ? 2.045   8.328   -11.782 1.00 53.15 ? 489 HOH A O    1 
HETATM 1255 H H1   . HOH B 2 .  ? 1.838   9.034   -11.157 1.00 0.00  ? 489 HOH A H1   1 
HETATM 1256 H H2   . HOH B 2 .  ? 2.051   8.766   -12.636 1.00 0.00  ? 489 HOH A H2   1 
# 
